data_2LKY
#
_entry.id   2LKY
#
_entity_poly.entity_id   1
_entity_poly.type   'polypeptide(L)'
_entity_poly.pdbx_seq_one_letter_code
;GPGSMVNAFLAKIAAWLNAGYPEGVPGPDRVPLLALLTRRLTNDEIKAIAEDLEKRAHFDHIDIGVLITQMTDEMPREED
IERVRRHLALQGWPLDDPRDGEEPDGESGGPR
;
_entity_poly.pdbx_strand_id   A
#
# COMPACT_ATOMS: atom_id res chain seq x y z
N GLY A 1 -10.95 -2.85 19.24
CA GLY A 1 -10.59 -2.95 17.80
C GLY A 1 -9.09 -3.00 17.60
N PRO A 2 -8.46 -1.86 17.23
CA PRO A 2 -7.01 -1.81 17.02
C PRO A 2 -6.23 -1.93 18.32
N GLY A 3 -5.38 -2.94 18.40
CA GLY A 3 -4.55 -3.14 19.58
C GLY A 3 -3.31 -3.95 19.27
N SER A 4 -2.29 -3.27 18.73
CA SER A 4 -1.05 -3.93 18.32
C SER A 4 -1.36 -5.04 17.31
N MET A 5 -2.34 -4.76 16.46
CA MET A 5 -2.83 -5.72 15.47
C MET A 5 -1.72 -6.12 14.49
N VAL A 6 -1.41 -5.22 13.58
CA VAL A 6 -0.39 -5.48 12.55
C VAL A 6 0.95 -4.92 12.96
N ASN A 7 1.98 -5.26 12.17
CA ASN A 7 3.33 -4.73 12.35
C ASN A 7 3.32 -3.20 12.37
N ALA A 8 4.35 -2.61 12.96
CA ALA A 8 4.46 -1.15 13.09
C ALA A 8 4.35 -0.47 11.72
N PHE A 9 5.21 -0.89 10.79
CA PHE A 9 5.21 -0.32 9.44
C PHE A 9 3.83 -0.42 8.80
N LEU A 10 3.22 -1.59 8.92
CA LEU A 10 1.93 -1.86 8.30
C LEU A 10 0.84 -0.97 8.90
N ALA A 11 0.88 -0.80 10.22
CA ALA A 11 -0.04 0.11 10.90
C ALA A 11 0.10 1.52 10.35
N LYS A 12 1.35 1.94 10.14
CA LYS A 12 1.64 3.25 9.56
C LYS A 12 1.02 3.37 8.17
N ILE A 13 1.17 2.32 7.36
CA ILE A 13 0.64 2.35 6.00
C ILE A 13 -0.89 2.45 5.99
N ALA A 14 -1.54 1.60 6.80
CA ALA A 14 -3.01 1.61 6.90
C ALA A 14 -3.52 2.98 7.33
N ALA A 15 -2.90 3.54 8.37
CA ALA A 15 -3.30 4.86 8.88
C ALA A 15 -3.05 5.95 7.84
N TRP A 16 -1.83 5.95 7.30
CA TRP A 16 -1.40 6.91 6.28
C TRP A 16 -2.38 6.91 5.10
N LEU A 17 -2.74 5.73 4.62
CA LEU A 17 -3.67 5.58 3.51
C LEU A 17 -5.07 6.05 3.90
N ASN A 18 -5.55 5.60 5.06
CA ASN A 18 -6.91 5.92 5.51
C ASN A 18 -7.01 7.40 5.90
N ALA A 19 -5.87 8.03 6.13
CA ALA A 19 -5.81 9.46 6.41
C ALA A 19 -5.93 10.24 5.11
N GLY A 20 -5.28 9.73 4.07
CA GLY A 20 -5.37 10.34 2.75
C GLY A 20 -6.69 10.04 2.07
N TYR A 21 -7.27 8.90 2.44
CA TYR A 21 -8.56 8.47 1.88
C TYR A 21 -9.51 8.04 3.00
N PRO A 22 -10.22 8.99 3.63
CA PRO A 22 -11.28 8.67 4.57
C PRO A 22 -12.57 8.29 3.85
N GLU A 23 -12.59 8.56 2.55
CA GLU A 23 -13.76 8.32 1.70
C GLU A 23 -13.54 7.11 0.78
N GLY A 24 -12.41 6.42 0.98
CA GLY A 24 -12.05 5.32 0.10
C GLY A 24 -11.28 5.79 -1.11
N VAL A 25 -10.63 4.87 -1.81
CA VAL A 25 -9.83 5.21 -2.99
C VAL A 25 -10.56 4.76 -4.26
N PRO A 26 -10.82 5.66 -5.22
CA PRO A 26 -11.41 5.29 -6.51
C PRO A 26 -10.40 4.56 -7.40
N GLY A 27 -10.90 3.70 -8.29
CA GLY A 27 -10.05 2.91 -9.17
C GLY A 27 -8.92 3.69 -9.83
N PRO A 28 -9.25 4.82 -10.53
CA PRO A 28 -8.24 5.66 -11.19
C PRO A 28 -7.08 6.06 -10.28
N ASP A 29 -7.32 6.08 -8.98
CA ASP A 29 -6.28 6.40 -8.00
C ASP A 29 -5.74 5.13 -7.36
N ARG A 30 -6.57 4.08 -7.30
CA ARG A 30 -6.17 2.81 -6.70
C ARG A 30 -5.03 2.17 -7.48
N VAL A 31 -5.16 2.12 -8.81
CA VAL A 31 -4.15 1.46 -9.64
C VAL A 31 -2.76 2.10 -9.44
N PRO A 32 -2.63 3.45 -9.60
CA PRO A 32 -1.35 4.14 -9.38
C PRO A 32 -0.93 4.11 -7.91
N LEU A 33 -1.91 4.09 -7.01
CA LEU A 33 -1.63 3.98 -5.57
C LEU A 33 -0.85 2.70 -5.32
N LEU A 34 -1.35 1.61 -5.87
CA LEU A 34 -0.70 0.32 -5.72
C LEU A 34 0.63 0.29 -6.43
N ALA A 35 0.68 0.86 -7.64
CA ALA A 35 1.92 0.91 -8.39
C ALA A 35 3.02 1.57 -7.56
N LEU A 36 2.66 2.65 -6.87
CA LEU A 36 3.57 3.38 -5.99
C LEU A 36 3.86 2.56 -4.72
N LEU A 37 2.81 1.98 -4.15
CA LEU A 37 2.90 1.30 -2.86
C LEU A 37 3.74 0.03 -2.95
N THR A 38 3.49 -0.77 -3.98
CA THR A 38 4.09 -2.11 -4.10
C THR A 38 5.60 -2.05 -4.33
N ARG A 39 6.11 -0.84 -4.58
CA ARG A 39 7.54 -0.65 -4.86
C ARG A 39 8.42 -1.28 -3.78
N ARG A 40 8.15 -0.97 -2.51
CA ARG A 40 8.99 -1.43 -1.42
C ARG A 40 8.25 -2.34 -0.42
N LEU A 41 6.96 -2.58 -0.64
CA LEU A 41 6.19 -3.47 0.24
C LEU A 41 6.03 -4.85 -0.40
N THR A 42 6.17 -5.88 0.42
CA THR A 42 6.06 -7.27 -0.03
C THR A 42 4.60 -7.66 -0.25
N ASN A 43 4.40 -8.84 -0.82
CA ASN A 43 3.05 -9.39 -1.00
C ASN A 43 2.37 -9.55 0.36
N ASP A 44 3.13 -10.03 1.33
CA ASP A 44 2.60 -10.24 2.68
C ASP A 44 2.17 -8.91 3.30
N GLU A 45 2.96 -7.86 3.06
CA GLU A 45 2.65 -6.54 3.59
C GLU A 45 1.42 -5.92 2.93
N ILE A 46 1.40 -5.89 1.60
CA ILE A 46 0.27 -5.33 0.86
C ILE A 46 -1.01 -6.05 1.27
N LYS A 47 -0.93 -7.37 1.43
CA LYS A 47 -2.07 -8.15 1.93
C LYS A 47 -2.39 -7.75 3.36
N ALA A 48 -1.35 -7.65 4.21
CA ALA A 48 -1.53 -7.30 5.61
C ALA A 48 -2.36 -6.04 5.76
N ILE A 49 -2.16 -5.10 4.83
CA ILE A 49 -2.97 -3.90 4.77
C ILE A 49 -4.45 -4.24 4.63
N ALA A 50 -4.76 -5.14 3.69
CA ALA A 50 -6.14 -5.54 3.43
C ALA A 50 -6.68 -6.30 4.63
N GLU A 51 -5.85 -7.18 5.16
CA GLU A 51 -6.20 -8.04 6.28
C GLU A 51 -6.60 -7.23 7.51
N ASP A 52 -5.93 -6.09 7.70
CA ASP A 52 -6.27 -5.21 8.82
C ASP A 52 -7.56 -4.44 8.54
N LEU A 53 -7.65 -3.91 7.33
CA LEU A 53 -8.76 -3.04 6.96
C LEU A 53 -10.09 -3.80 6.88
N GLU A 54 -10.07 -5.02 6.36
CA GLU A 54 -11.29 -5.82 6.27
C GLU A 54 -11.83 -6.15 7.66
N LYS A 55 -10.94 -6.15 8.65
CA LYS A 55 -11.33 -6.32 10.05
C LYS A 55 -12.31 -5.22 10.45
N ARG A 56 -12.14 -4.05 9.85
CA ARG A 56 -13.05 -2.93 10.03
C ARG A 56 -14.34 -3.21 9.24
N ALA A 57 -14.16 -3.50 7.94
CA ALA A 57 -15.27 -3.84 7.06
C ALA A 57 -14.73 -4.25 5.69
N HIS A 58 -15.32 -5.29 5.10
CA HIS A 58 -14.94 -5.73 3.75
C HIS A 58 -16.14 -5.62 2.82
N PHE A 59 -17.12 -4.81 3.22
CA PHE A 59 -18.32 -4.56 2.42
C PHE A 59 -17.96 -3.75 1.18
N ASP A 60 -16.93 -2.92 1.32
CA ASP A 60 -16.44 -2.09 0.22
C ASP A 60 -15.70 -2.94 -0.81
N HIS A 61 -15.96 -2.64 -2.08
CA HIS A 61 -15.33 -3.36 -3.19
C HIS A 61 -14.11 -2.59 -3.69
N ILE A 62 -13.48 -1.85 -2.78
CA ILE A 62 -12.29 -1.04 -3.09
C ILE A 62 -11.01 -1.88 -3.02
N ASP A 63 -11.18 -3.21 -3.01
CA ASP A 63 -10.08 -4.18 -2.82
C ASP A 63 -8.74 -3.69 -3.38
N ILE A 64 -7.68 -3.98 -2.62
CA ILE A 64 -6.32 -3.52 -2.89
C ILE A 64 -5.55 -4.53 -3.75
N GLY A 65 -5.91 -5.81 -3.60
CA GLY A 65 -5.22 -6.86 -4.32
C GLY A 65 -5.48 -6.83 -5.81
N VAL A 66 -6.74 -6.56 -6.17
CA VAL A 66 -7.16 -6.54 -7.57
C VAL A 66 -6.31 -5.60 -8.41
N LEU A 67 -5.91 -4.47 -7.81
CA LEU A 67 -5.13 -3.46 -8.50
C LEU A 67 -3.82 -4.05 -9.05
N ILE A 68 -3.15 -4.86 -8.22
CA ILE A 68 -1.88 -5.47 -8.61
C ILE A 68 -2.07 -6.37 -9.84
N THR A 69 -3.26 -6.99 -9.93
CA THR A 69 -3.58 -7.87 -11.03
C THR A 69 -3.72 -7.07 -12.32
N GLN A 70 -4.17 -5.82 -12.17
CA GLN A 70 -4.30 -4.90 -13.30
C GLN A 70 -2.94 -4.37 -13.70
N MET A 71 -2.14 -4.01 -12.69
CA MET A 71 -0.81 -3.42 -12.89
C MET A 71 0.14 -4.39 -13.59
N THR A 72 0.06 -5.67 -13.22
CA THR A 72 0.91 -6.70 -13.80
C THR A 72 0.66 -6.81 -15.31
N ASP A 73 -0.52 -6.38 -15.71
CA ASP A 73 -0.97 -6.49 -17.10
C ASP A 73 -0.74 -5.18 -17.84
N GLU A 74 -1.20 -4.10 -17.24
CA GLU A 74 -1.17 -2.79 -17.86
C GLU A 74 -1.01 -1.70 -16.80
N MET A 75 -0.03 -0.81 -17.00
CA MET A 75 0.21 0.28 -16.05
C MET A 75 -0.83 1.39 -16.27
N PRO A 76 -1.22 2.10 -15.20
CA PRO A 76 -2.19 3.19 -15.29
C PRO A 76 -1.64 4.42 -16.03
N ARG A 77 -1.05 5.35 -15.28
CA ARG A 77 -0.42 6.52 -15.88
C ARG A 77 0.61 7.09 -14.91
N GLU A 78 1.68 7.62 -15.44
CA GLU A 78 2.73 8.21 -14.61
C GLU A 78 2.20 9.45 -13.91
N GLU A 79 1.35 10.18 -14.63
CA GLU A 79 0.70 11.38 -14.10
C GLU A 79 -0.15 11.03 -12.88
N ASP A 80 -0.88 9.93 -12.98
CA ASP A 80 -1.73 9.49 -11.88
C ASP A 80 -0.89 8.99 -10.71
N ILE A 81 0.18 8.26 -11.02
CA ILE A 81 1.11 7.80 -9.99
C ILE A 81 1.69 9.00 -9.25
N GLU A 82 1.98 10.06 -10.02
CA GLU A 82 2.50 11.29 -9.49
C GLU A 82 1.47 11.95 -8.58
N ARG A 83 0.26 12.15 -9.09
CA ARG A 83 -0.79 12.86 -8.37
C ARG A 83 -1.12 12.14 -7.06
N VAL A 84 -1.16 10.80 -7.11
CA VAL A 84 -1.52 10.03 -5.93
C VAL A 84 -0.38 10.05 -4.90
N ARG A 85 0.84 9.75 -5.35
CA ARG A 85 2.00 9.71 -4.46
C ARG A 85 2.16 11.04 -3.71
N ARG A 86 2.03 12.15 -4.43
CA ARG A 86 2.18 13.48 -3.82
C ARG A 86 0.99 13.81 -2.91
N HIS A 87 -0.19 13.34 -3.30
CA HIS A 87 -1.40 13.55 -2.50
C HIS A 87 -1.27 12.80 -1.17
N LEU A 88 -0.67 11.61 -1.26
CA LEU A 88 -0.43 10.76 -0.11
C LEU A 88 0.74 11.30 0.74
N ALA A 89 1.72 11.91 0.07
CA ALA A 89 2.89 12.48 0.73
C ALA A 89 2.48 13.55 1.72
N LEU A 90 1.31 14.15 1.49
CA LEU A 90 0.76 15.16 2.40
C LEU A 90 0.50 14.54 3.78
N GLN A 91 0.06 13.29 3.78
CA GLN A 91 -0.17 12.55 5.03
C GLN A 91 1.13 11.93 5.52
N GLY A 92 2.00 11.58 4.58
CA GLY A 92 3.30 11.03 4.94
C GLY A 92 3.89 10.18 3.85
N TRP A 93 5.11 9.69 4.08
CA TRP A 93 5.81 8.84 3.12
C TRP A 93 6.57 7.73 3.86
N PRO A 94 5.82 6.76 4.44
CA PRO A 94 6.43 5.67 5.24
C PRO A 94 7.34 4.77 4.42
N LEU A 95 7.10 4.72 3.10
CA LEU A 95 7.86 3.85 2.20
C LEU A 95 9.36 4.14 2.22
N ASP A 96 9.76 5.28 2.78
CA ASP A 96 11.17 5.65 2.84
C ASP A 96 11.88 4.89 3.97
N ASP A 97 11.12 4.55 5.01
CA ASP A 97 11.68 3.81 6.16
C ASP A 97 10.88 2.53 6.42
N PRO A 98 11.28 1.42 5.79
CA PRO A 98 10.66 0.12 6.01
C PRO A 98 11.18 -0.53 7.30
N ARG A 99 10.27 -1.04 8.12
CA ARG A 99 10.65 -1.67 9.39
C ARG A 99 11.46 -2.95 9.14
N ASP A 100 11.27 -3.52 7.97
CA ASP A 100 12.05 -4.68 7.52
C ASP A 100 12.28 -4.55 6.02
N GLY A 101 13.48 -4.14 5.64
CA GLY A 101 13.76 -3.85 4.24
C GLY A 101 15.13 -4.30 3.80
N GLU A 102 15.45 -5.56 4.07
CA GLU A 102 16.68 -6.15 3.56
C GLU A 102 16.49 -6.52 2.09
N GLU A 103 16.95 -5.63 1.25
CA GLU A 103 16.85 -5.79 -0.19
C GLU A 103 17.86 -6.85 -0.65
N PRO A 104 17.42 -7.82 -1.47
CA PRO A 104 18.27 -8.93 -1.91
C PRO A 104 19.49 -8.47 -2.70
N ASP A 105 20.50 -9.34 -2.77
CA ASP A 105 21.72 -9.05 -3.50
C ASP A 105 22.39 -10.36 -3.93
N GLY A 106 22.25 -10.69 -5.21
CA GLY A 106 22.88 -11.88 -5.74
C GLY A 106 23.44 -11.63 -7.12
N GLU A 107 24.25 -10.59 -7.22
CA GLU A 107 24.82 -10.18 -8.50
C GLU A 107 25.98 -11.08 -8.89
N SER A 108 25.96 -11.55 -10.12
CA SER A 108 27.04 -12.35 -10.67
C SER A 108 27.29 -11.96 -12.14
N GLY A 109 28.16 -10.97 -12.34
CA GLY A 109 28.52 -10.55 -13.68
C GLY A 109 29.67 -11.36 -14.22
N GLY A 110 30.89 -10.90 -13.98
CA GLY A 110 32.08 -11.66 -14.33
C GLY A 110 32.94 -10.96 -15.37
N PRO A 111 34.03 -10.29 -14.95
CA PRO A 111 35.04 -9.75 -15.86
C PRO A 111 35.99 -10.87 -16.30
N ARG A 112 37.06 -10.51 -17.02
CA ARG A 112 38.02 -11.51 -17.49
C ARG A 112 39.43 -10.91 -17.55
N GLY A 1 -11.83 3.95 15.29
CA GLY A 1 -11.43 2.58 14.91
C GLY A 1 -9.94 2.33 15.10
N PRO A 2 -9.48 2.14 16.35
CA PRO A 2 -8.06 1.87 16.64
C PRO A 2 -7.70 0.40 16.44
N GLY A 3 -8.64 -0.37 15.90
CA GLY A 3 -8.44 -1.79 15.68
C GLY A 3 -7.33 -2.07 14.68
N SER A 4 -6.10 -2.12 15.18
CA SER A 4 -4.93 -2.43 14.36
C SER A 4 -4.26 -3.69 14.89
N MET A 5 -4.42 -4.80 14.16
CA MET A 5 -3.89 -6.09 14.58
C MET A 5 -2.56 -6.39 13.91
N VAL A 6 -2.27 -5.67 12.83
CA VAL A 6 -1.02 -5.84 12.10
C VAL A 6 0.16 -5.19 12.81
N ASN A 7 1.36 -5.35 12.24
CA ASN A 7 2.58 -4.75 12.78
C ASN A 7 2.51 -3.22 12.70
N ALA A 8 3.43 -2.56 13.42
CA ALA A 8 3.47 -1.11 13.51
C ALA A 8 3.48 -0.46 12.12
N PHE A 9 4.49 -0.78 11.30
CA PHE A 9 4.58 -0.23 9.96
C PHE A 9 3.27 -0.41 9.18
N LEU A 10 2.72 -1.61 9.26
CA LEU A 10 1.51 -1.95 8.50
C LEU A 10 0.32 -1.12 8.96
N ALA A 11 0.17 -0.99 10.29
CA ALA A 11 -0.88 -0.17 10.86
C ALA A 11 -0.70 1.29 10.43
N LYS A 12 0.56 1.70 10.36
CA LYS A 12 0.91 3.05 9.94
C LYS A 12 0.47 3.27 8.49
N ILE A 13 0.68 2.26 7.65
CA ILE A 13 0.29 2.32 6.24
C ILE A 13 -1.23 2.39 6.09
N ALA A 14 -1.93 1.50 6.79
CA ALA A 14 -3.38 1.45 6.77
C ALA A 14 -3.96 2.80 7.20
N ALA A 15 -3.35 3.40 8.23
CA ALA A 15 -3.79 4.71 8.74
C ALA A 15 -3.47 5.82 7.73
N TRP A 16 -2.25 5.79 7.20
CA TRP A 16 -1.80 6.76 6.20
C TRP A 16 -2.73 6.78 4.99
N LEU A 17 -3.05 5.59 4.48
CA LEU A 17 -3.94 5.45 3.34
C LEU A 17 -5.36 5.89 3.68
N ASN A 18 -5.89 5.37 4.78
CA ASN A 18 -7.27 5.64 5.16
C ASN A 18 -7.46 7.11 5.53
N ALA A 19 -6.39 7.75 6.01
CA ALA A 19 -6.40 9.18 6.30
C ALA A 19 -6.56 9.99 5.02
N GLY A 20 -5.89 9.52 3.97
CA GLY A 20 -6.01 10.13 2.66
C GLY A 20 -7.35 9.84 2.03
N TYR A 21 -7.81 8.61 2.18
CA TYR A 21 -9.07 8.14 1.59
C TYR A 21 -9.99 7.55 2.66
N PRO A 22 -10.72 8.40 3.40
CA PRO A 22 -11.71 7.94 4.37
C PRO A 22 -13.04 7.60 3.68
N GLU A 23 -13.15 8.00 2.42
CA GLU A 23 -14.37 7.83 1.64
C GLU A 23 -14.15 6.81 0.51
N GLY A 24 -13.01 6.12 0.56
CA GLY A 24 -12.65 5.18 -0.49
C GLY A 24 -11.70 5.80 -1.51
N VAL A 25 -11.15 4.98 -2.39
CA VAL A 25 -10.22 5.46 -3.41
C VAL A 25 -10.79 5.19 -4.80
N PRO A 26 -10.85 6.21 -5.68
CA PRO A 26 -11.31 6.02 -7.07
C PRO A 26 -10.29 5.25 -7.90
N GLY A 27 -10.75 4.67 -9.01
CA GLY A 27 -9.89 3.85 -9.86
C GLY A 27 -8.59 4.54 -10.28
N PRO A 28 -8.67 5.77 -10.86
CA PRO A 28 -7.49 6.48 -11.39
C PRO A 28 -6.51 6.86 -10.29
N ASP A 29 -6.90 6.64 -9.05
CA ASP A 29 -6.03 6.85 -7.90
C ASP A 29 -5.54 5.50 -7.39
N ARG A 30 -6.43 4.51 -7.42
CA ARG A 30 -6.12 3.18 -6.90
C ARG A 30 -5.00 2.51 -7.68
N VAL A 31 -5.12 2.49 -9.00
CA VAL A 31 -4.16 1.78 -9.84
C VAL A 31 -2.74 2.33 -9.64
N PRO A 32 -2.51 3.66 -9.75
CA PRO A 32 -1.20 4.26 -9.51
C PRO A 32 -0.80 4.17 -8.03
N LEU A 33 -1.80 4.17 -7.14
CA LEU A 33 -1.54 4.01 -5.70
C LEU A 33 -0.80 2.70 -5.46
N LEU A 34 -1.33 1.63 -6.04
CA LEU A 34 -0.72 0.30 -5.91
C LEU A 34 0.60 0.23 -6.65
N ALA A 35 0.63 0.81 -7.86
CA ALA A 35 1.86 0.84 -8.64
C ALA A 35 3.01 1.41 -7.81
N LEU A 36 2.73 2.53 -7.15
CA LEU A 36 3.70 3.20 -6.28
C LEU A 36 3.94 2.39 -4.99
N LEU A 37 2.87 1.84 -4.43
CA LEU A 37 2.92 1.17 -3.13
C LEU A 37 3.75 -0.12 -3.18
N THR A 38 3.47 -0.96 -4.18
CA THR A 38 4.06 -2.29 -4.28
C THR A 38 5.57 -2.24 -4.52
N ARG A 39 6.07 -1.05 -4.81
CA ARG A 39 7.49 -0.84 -5.09
C ARG A 39 8.36 -1.30 -3.91
N ARG A 40 8.06 -0.78 -2.72
CA ARG A 40 8.89 -1.03 -1.54
C ARG A 40 8.23 -1.91 -0.48
N LEU A 41 6.93 -2.21 -0.63
CA LEU A 41 6.26 -3.11 0.30
C LEU A 41 6.18 -4.52 -0.29
N THR A 42 6.28 -5.52 0.58
CA THR A 42 6.21 -6.91 0.17
C THR A 42 4.78 -7.33 -0.12
N ASN A 43 4.63 -8.49 -0.76
CA ASN A 43 3.31 -9.07 -1.01
C ASN A 43 2.55 -9.24 0.30
N ASP A 44 3.22 -9.76 1.31
CA ASP A 44 2.58 -10.00 2.60
C ASP A 44 2.13 -8.69 3.24
N GLU A 45 2.94 -7.64 3.09
CA GLU A 45 2.59 -6.32 3.63
C GLU A 45 1.34 -5.77 2.95
N ILE A 46 1.35 -5.70 1.62
CA ILE A 46 0.19 -5.19 0.88
C ILE A 46 -1.07 -5.98 1.24
N LYS A 47 -0.93 -7.30 1.39
CA LYS A 47 -2.05 -8.13 1.85
C LYS A 47 -2.47 -7.69 3.26
N ALA A 48 -1.49 -7.57 4.15
CA ALA A 48 -1.72 -7.25 5.55
C ALA A 48 -2.56 -5.99 5.69
N ILE A 49 -2.32 -5.04 4.79
CA ILE A 49 -3.10 -3.80 4.76
C ILE A 49 -4.59 -4.12 4.56
N ALA A 50 -4.88 -5.05 3.66
CA ALA A 50 -6.26 -5.44 3.39
C ALA A 50 -6.82 -6.21 4.57
N GLU A 51 -6.01 -7.14 5.06
CA GLU A 51 -6.39 -8.01 6.17
C GLU A 51 -6.80 -7.21 7.40
N ASP A 52 -5.98 -6.22 7.75
CA ASP A 52 -6.21 -5.41 8.94
C ASP A 52 -7.56 -4.70 8.83
N LEU A 53 -7.76 -4.02 7.70
CA LEU A 53 -9.00 -3.29 7.44
C LEU A 53 -10.20 -4.24 7.41
N GLU A 54 -10.00 -5.42 6.84
CA GLU A 54 -11.05 -6.44 6.76
C GLU A 54 -11.44 -6.92 8.15
N LYS A 55 -10.48 -7.02 9.05
CA LYS A 55 -10.75 -7.50 10.41
C LYS A 55 -11.39 -6.40 11.25
N ARG A 56 -11.28 -5.15 10.78
CA ARG A 56 -11.97 -4.03 11.42
C ARG A 56 -13.46 -4.14 11.14
N ALA A 57 -13.81 -4.55 9.92
CA ALA A 57 -15.20 -4.74 9.52
C ALA A 57 -15.28 -5.58 8.25
N HIS A 58 -15.27 -4.89 7.11
CA HIS A 58 -15.26 -5.50 5.78
C HIS A 58 -15.50 -4.40 4.77
N PHE A 59 -14.44 -3.95 4.12
CA PHE A 59 -14.47 -2.70 3.35
C PHE A 59 -14.99 -2.90 1.93
N ASP A 60 -15.07 -1.80 1.19
CA ASP A 60 -15.64 -1.76 -0.16
C ASP A 60 -14.80 -2.58 -1.14
N HIS A 61 -15.34 -2.79 -2.35
CA HIS A 61 -14.69 -3.58 -3.39
C HIS A 61 -13.54 -2.82 -4.06
N ILE A 62 -13.04 -1.78 -3.38
CA ILE A 62 -11.83 -1.07 -3.80
C ILE A 62 -10.58 -1.89 -3.48
N ASP A 63 -10.79 -3.19 -3.19
CA ASP A 63 -9.76 -4.12 -2.73
C ASP A 63 -8.37 -3.83 -3.33
N ILE A 64 -7.42 -3.59 -2.43
CA ILE A 64 -6.05 -3.23 -2.76
C ILE A 64 -5.36 -4.27 -3.65
N GLY A 65 -5.72 -5.54 -3.47
CA GLY A 65 -5.09 -6.61 -4.23
C GLY A 65 -5.52 -6.61 -5.70
N VAL A 66 -6.77 -6.22 -5.95
CA VAL A 66 -7.33 -6.21 -7.31
C VAL A 66 -6.53 -5.29 -8.22
N LEU A 67 -6.08 -4.15 -7.68
CA LEU A 67 -5.34 -3.17 -8.46
C LEU A 67 -4.06 -3.78 -9.04
N ILE A 68 -3.41 -4.63 -8.26
CA ILE A 68 -2.18 -5.29 -8.70
C ILE A 68 -2.47 -6.15 -9.93
N THR A 69 -3.63 -6.80 -9.92
CA THR A 69 -4.07 -7.65 -11.02
C THR A 69 -4.30 -6.80 -12.27
N GLN A 70 -4.63 -5.53 -12.07
CA GLN A 70 -4.80 -4.60 -13.18
C GLN A 70 -3.43 -4.14 -13.69
N MET A 71 -2.53 -3.80 -12.76
CA MET A 71 -1.21 -3.30 -13.10
C MET A 71 -0.41 -4.30 -13.93
N THR A 72 -0.56 -5.59 -13.59
CA THR A 72 0.17 -6.64 -14.29
C THR A 72 -0.24 -6.71 -15.75
N ASP A 73 -1.48 -6.28 -16.00
CA ASP A 73 -2.06 -6.33 -17.33
C ASP A 73 -1.79 -5.04 -18.08
N GLU A 74 -2.09 -3.93 -17.42
CA GLU A 74 -1.89 -2.60 -17.97
C GLU A 74 -1.56 -1.62 -16.84
N MET A 75 -0.34 -1.09 -16.84
CA MET A 75 0.06 -0.11 -15.84
C MET A 75 -0.62 1.23 -16.13
N PRO A 76 -0.92 2.03 -15.11
CA PRO A 76 -1.68 3.28 -15.28
C PRO A 76 -0.90 4.33 -16.08
N ARG A 77 -0.28 5.28 -15.39
CA ARG A 77 0.57 6.27 -16.03
C ARG A 77 1.54 6.85 -15.01
N GLU A 78 2.67 7.33 -15.48
CA GLU A 78 3.66 7.94 -14.60
C GLU A 78 3.10 9.23 -14.02
N GLU A 79 2.37 9.96 -14.85
CA GLU A 79 1.65 11.16 -14.42
C GLU A 79 0.72 10.82 -13.25
N ASP A 80 -0.05 9.75 -13.42
CA ASP A 80 -1.00 9.32 -12.38
C ASP A 80 -0.26 8.98 -11.09
N ILE A 81 0.79 8.15 -11.24
CA ILE A 81 1.61 7.71 -10.10
C ILE A 81 2.18 8.91 -9.34
N GLU A 82 2.63 9.91 -10.09
CA GLU A 82 3.20 11.11 -9.53
C GLU A 82 2.14 11.84 -8.70
N ARG A 83 0.98 12.08 -9.31
CA ARG A 83 -0.10 12.81 -8.67
C ARG A 83 -0.54 12.12 -7.38
N VAL A 84 -0.77 10.82 -7.45
CA VAL A 84 -1.27 10.08 -6.30
C VAL A 84 -0.23 10.06 -5.18
N ARG A 85 1.01 9.73 -5.51
CA ARG A 85 2.06 9.61 -4.50
C ARG A 85 2.30 10.94 -3.80
N ARG A 86 2.35 12.03 -4.57
CA ARG A 86 2.57 13.36 -3.98
C ARG A 86 1.35 13.78 -3.15
N HIS A 87 0.18 13.29 -3.54
CA HIS A 87 -1.06 13.57 -2.82
C HIS A 87 -1.10 12.78 -1.50
N LEU A 88 -0.53 11.58 -1.53
CA LEU A 88 -0.44 10.74 -0.34
C LEU A 88 0.65 11.25 0.61
N ALA A 89 1.70 11.82 0.04
CA ALA A 89 2.80 12.39 0.81
C ALA A 89 2.31 13.49 1.75
N LEU A 90 1.17 14.07 1.41
CA LEU A 90 0.55 15.11 2.22
C LEU A 90 0.09 14.53 3.56
N GLN A 91 -0.40 13.29 3.53
CA GLN A 91 -0.78 12.58 4.74
C GLN A 91 0.47 12.07 5.43
N GLY A 92 1.42 11.64 4.62
CA GLY A 92 2.69 11.14 5.11
C GLY A 92 3.39 10.29 4.07
N TRP A 93 4.60 9.83 4.39
CA TRP A 93 5.35 8.99 3.46
C TRP A 93 6.13 7.92 4.24
N PRO A 94 5.42 6.89 4.74
CA PRO A 94 6.05 5.77 5.45
C PRO A 94 6.82 4.87 4.48
N LEU A 95 6.52 5.02 3.19
CA LEU A 95 7.12 4.20 2.15
C LEU A 95 8.61 4.50 1.97
N ASP A 96 9.13 5.49 2.68
CA ASP A 96 10.55 5.82 2.61
C ASP A 96 11.38 4.63 3.07
N ASP A 97 10.92 3.97 4.13
CA ASP A 97 11.60 2.82 4.71
C ASP A 97 10.65 2.03 5.60
N PRO A 98 10.51 0.71 5.37
CA PRO A 98 9.69 -0.16 6.22
C PRO A 98 10.20 -0.19 7.67
N ARG A 99 9.60 -1.03 8.51
CA ARG A 99 10.02 -1.13 9.91
C ARG A 99 11.08 -2.21 9.96
N ASP A 100 10.89 -3.16 9.07
CA ASP A 100 11.87 -4.16 8.71
C ASP A 100 12.23 -4.01 7.24
N GLY A 101 13.17 -3.11 6.98
CA GLY A 101 13.45 -2.64 5.63
C GLY A 101 14.29 -3.59 4.81
N GLU A 102 13.70 -4.71 4.44
CA GLU A 102 14.31 -5.62 3.47
C GLU A 102 13.83 -5.26 2.07
N GLU A 103 14.77 -5.09 1.16
CA GLU A 103 14.45 -4.78 -0.24
C GLU A 103 14.32 -6.06 -1.06
N PRO A 104 13.07 -6.38 -1.46
CA PRO A 104 12.76 -7.62 -2.19
C PRO A 104 13.16 -7.55 -3.66
N ASP A 105 13.31 -8.72 -4.28
CA ASP A 105 13.66 -8.79 -5.70
C ASP A 105 12.47 -8.39 -6.56
N GLY A 106 12.57 -7.22 -7.20
CA GLY A 106 11.54 -6.78 -8.13
C GLY A 106 11.70 -7.47 -9.47
N GLU A 107 11.66 -8.80 -9.44
CA GLU A 107 11.98 -9.62 -10.60
C GLU A 107 10.88 -9.58 -11.66
N SER A 108 9.87 -8.75 -11.44
CA SER A 108 8.81 -8.55 -12.41
C SER A 108 9.36 -7.79 -13.62
N GLY A 109 10.53 -7.17 -13.45
CA GLY A 109 11.19 -6.48 -14.53
C GLY A 109 10.49 -5.18 -14.91
N GLY A 110 9.40 -5.30 -15.66
CA GLY A 110 8.65 -4.14 -16.09
C GLY A 110 7.65 -4.47 -17.17
N PRO A 111 6.50 -3.76 -17.23
CA PRO A 111 5.46 -4.02 -18.24
C PRO A 111 5.90 -3.62 -19.64
N ARG A 112 6.96 -2.82 -19.70
CA ARG A 112 7.49 -2.33 -20.97
C ARG A 112 9.03 -2.27 -20.92
N GLY A 1 -10.90 3.67 17.66
CA GLY A 1 -11.38 3.81 16.26
C GLY A 1 -11.36 2.48 15.52
N PRO A 2 -11.81 2.46 14.25
CA PRO A 2 -11.84 1.23 13.44
C PRO A 2 -10.43 0.72 13.12
N GLY A 3 -10.10 -0.46 13.62
CA GLY A 3 -8.82 -1.07 13.35
C GLY A 3 -8.50 -2.19 14.33
N SER A 4 -7.52 -3.01 14.00
CA SER A 4 -7.10 -4.09 14.89
C SER A 4 -5.68 -3.81 15.41
N MET A 5 -4.67 -4.26 14.64
CA MET A 5 -3.27 -4.02 14.96
C MET A 5 -2.38 -4.79 14.00
N VAL A 6 -1.23 -4.22 13.70
CA VAL A 6 -0.25 -4.79 12.77
C VAL A 6 1.12 -4.19 13.08
N ASN A 7 2.14 -4.70 12.40
CA ASN A 7 3.52 -4.19 12.56
C ASN A 7 3.56 -2.69 12.31
N ALA A 8 4.46 -2.00 13.03
CA ALA A 8 4.57 -0.54 12.98
C ALA A 8 4.49 0.02 11.56
N PHE A 9 5.14 -0.66 10.61
CA PHE A 9 5.13 -0.23 9.21
C PHE A 9 3.71 -0.31 8.66
N LEU A 10 3.08 -1.46 8.88
CA LEU A 10 1.76 -1.74 8.33
C LEU A 10 0.72 -0.83 8.96
N ALA A 11 0.86 -0.60 10.26
CA ALA A 11 -0.02 0.31 10.98
C ALA A 11 0.10 1.72 10.40
N LYS A 12 1.33 2.12 10.11
CA LYS A 12 1.61 3.42 9.52
C LYS A 12 0.93 3.52 8.16
N ILE A 13 1.09 2.49 7.34
CA ILE A 13 0.51 2.47 6.00
C ILE A 13 -1.02 2.57 6.07
N ALA A 14 -1.64 1.73 6.88
CA ALA A 14 -3.09 1.71 7.03
C ALA A 14 -3.60 3.08 7.48
N ALA A 15 -2.97 3.66 8.50
CA ALA A 15 -3.37 4.95 9.03
C ALA A 15 -3.16 6.07 8.00
N TRP A 16 -1.97 6.07 7.42
CA TRP A 16 -1.55 7.07 6.44
C TRP A 16 -2.46 7.03 5.20
N LEU A 17 -2.83 5.83 4.78
CA LEU A 17 -3.75 5.66 3.65
C LEU A 17 -5.16 6.10 4.02
N ASN A 18 -5.63 5.64 5.18
CA ASN A 18 -6.97 5.99 5.66
C ASN A 18 -7.08 7.50 5.88
N ALA A 19 -5.94 8.14 6.13
CA ALA A 19 -5.88 9.58 6.28
C ALA A 19 -5.88 10.27 4.92
N GLY A 20 -5.20 9.64 3.95
CA GLY A 20 -5.14 10.17 2.61
C GLY A 20 -6.45 10.00 1.86
N TYR A 21 -7.23 9.00 2.28
CA TYR A 21 -8.54 8.73 1.69
C TYR A 21 -9.55 8.34 2.78
N PRO A 22 -10.08 9.32 3.52
CA PRO A 22 -11.09 9.06 4.56
C PRO A 22 -12.45 8.75 3.95
N GLU A 23 -12.52 8.85 2.61
CA GLU A 23 -13.75 8.60 1.87
C GLU A 23 -13.62 7.36 0.98
N GLY A 24 -12.44 6.75 0.98
CA GLY A 24 -12.15 5.64 0.08
C GLY A 24 -11.47 6.13 -1.18
N VAL A 25 -10.80 5.22 -1.88
CA VAL A 25 -10.04 5.58 -3.09
C VAL A 25 -10.81 5.16 -4.35
N PRO A 26 -11.00 6.07 -5.32
CA PRO A 26 -11.60 5.72 -6.61
C PRO A 26 -10.65 4.90 -7.47
N GLY A 27 -11.21 4.15 -8.43
CA GLY A 27 -10.42 3.28 -9.29
C GLY A 27 -9.20 3.93 -9.91
N PRO A 28 -9.36 5.09 -10.60
CA PRO A 28 -8.26 5.75 -11.31
C PRO A 28 -7.12 6.15 -10.39
N ASP A 29 -7.41 6.18 -9.09
CA ASP A 29 -6.41 6.50 -8.08
C ASP A 29 -5.95 5.23 -7.37
N ARG A 30 -6.83 4.22 -7.34
CA ARG A 30 -6.51 2.93 -6.74
C ARG A 30 -5.39 2.22 -7.51
N VAL A 31 -5.52 2.18 -8.83
CA VAL A 31 -4.54 1.47 -9.66
C VAL A 31 -3.12 2.03 -9.43
N PRO A 32 -2.92 3.37 -9.54
CA PRO A 32 -1.62 4.00 -9.26
C PRO A 32 -1.26 3.91 -7.77
N LEU A 33 -2.27 3.91 -6.90
CA LEU A 33 -2.03 3.74 -5.46
C LEU A 33 -1.25 2.45 -5.22
N LEU A 34 -1.71 1.36 -5.82
CA LEU A 34 -1.04 0.08 -5.68
C LEU A 34 0.29 0.08 -6.42
N ALA A 35 0.29 0.62 -7.64
CA ALA A 35 1.51 0.72 -8.43
C ALA A 35 2.62 1.41 -7.64
N LEU A 36 2.23 2.43 -6.89
CA LEU A 36 3.16 3.19 -6.05
C LEU A 36 3.61 2.36 -4.85
N LEU A 37 2.64 1.83 -4.10
CA LEU A 37 2.93 1.11 -2.85
C LEU A 37 3.77 -0.15 -3.10
N THR A 38 3.43 -0.90 -4.13
CA THR A 38 4.07 -2.21 -4.38
C THR A 38 5.53 -2.06 -4.79
N ARG A 39 5.95 -0.83 -5.07
CA ARG A 39 7.34 -0.57 -5.44
C ARG A 39 8.28 -1.01 -4.33
N ARG A 40 8.05 -0.52 -3.10
CA ARG A 40 8.92 -0.83 -1.97
C ARG A 40 8.27 -1.78 -0.95
N LEU A 41 6.95 -2.00 -1.05
CA LEU A 41 6.26 -2.93 -0.15
C LEU A 41 6.32 -4.36 -0.68
N THR A 42 6.32 -5.32 0.23
CA THR A 42 6.24 -6.73 -0.12
C THR A 42 4.78 -7.14 -0.29
N ASN A 43 4.55 -8.28 -0.97
CA ASN A 43 3.20 -8.81 -1.13
C ASN A 43 2.57 -9.10 0.23
N ASP A 44 3.41 -9.61 1.14
CA ASP A 44 2.97 -9.89 2.50
C ASP A 44 2.42 -8.64 3.18
N GLU A 45 3.16 -7.54 3.05
CA GLU A 45 2.79 -6.27 3.68
C GLU A 45 1.52 -5.68 3.06
N ILE A 46 1.47 -5.58 1.74
CA ILE A 46 0.29 -5.06 1.06
C ILE A 46 -0.95 -5.87 1.47
N LYS A 47 -0.80 -7.19 1.58
CA LYS A 47 -1.88 -8.04 2.08
C LYS A 47 -2.21 -7.71 3.52
N ALA A 48 -1.19 -7.56 4.35
CA ALA A 48 -1.37 -7.29 5.77
C ALA A 48 -2.26 -6.06 5.97
N ILE A 49 -2.08 -5.07 5.09
CA ILE A 49 -2.94 -3.90 5.07
C ILE A 49 -4.40 -4.32 4.87
N ALA A 50 -4.62 -5.16 3.87
CA ALA A 50 -5.96 -5.66 3.57
C ALA A 50 -6.55 -6.41 4.76
N GLU A 51 -5.73 -7.26 5.37
CA GLU A 51 -6.17 -8.13 6.45
C GLU A 51 -6.74 -7.33 7.62
N ASP A 52 -6.08 -6.23 7.96
CA ASP A 52 -6.55 -5.38 9.06
C ASP A 52 -7.84 -4.66 8.67
N LEU A 53 -7.81 -4.07 7.47
CA LEU A 53 -8.92 -3.24 6.99
C LEU A 53 -10.21 -4.04 6.81
N GLU A 54 -10.08 -5.26 6.30
CA GLU A 54 -11.26 -6.07 5.99
C GLU A 54 -12.02 -6.46 7.26
N LYS A 55 -11.31 -6.51 8.39
CA LYS A 55 -11.95 -6.75 9.68
C LYS A 55 -12.84 -5.55 10.06
N ARG A 56 -12.43 -4.37 9.62
CA ARG A 56 -13.19 -3.14 9.85
C ARG A 56 -14.46 -3.14 9.01
N ALA A 57 -14.30 -3.40 7.72
CA ALA A 57 -15.42 -3.41 6.78
C ALA A 57 -15.16 -4.42 5.67
N HIS A 58 -15.96 -5.48 5.63
CA HIS A 58 -15.82 -6.52 4.62
C HIS A 58 -16.48 -6.08 3.32
N PHE A 59 -15.77 -5.25 2.55
CA PHE A 59 -16.23 -4.82 1.23
C PHE A 59 -15.06 -4.87 0.24
N ASP A 60 -15.31 -5.46 -0.92
CA ASP A 60 -14.29 -5.63 -1.95
C ASP A 60 -14.31 -4.46 -2.94
N HIS A 61 -15.22 -3.51 -2.71
CA HIS A 61 -15.40 -2.36 -3.60
C HIS A 61 -14.06 -1.68 -3.93
N ILE A 62 -13.18 -1.58 -2.95
CA ILE A 62 -11.88 -0.92 -3.12
C ILE A 62 -10.73 -1.90 -2.95
N ASP A 63 -11.05 -3.21 -3.00
CA ASP A 63 -10.09 -4.30 -2.74
C ASP A 63 -8.69 -3.98 -3.25
N ILE A 64 -7.77 -3.84 -2.30
CA ILE A 64 -6.39 -3.45 -2.56
C ILE A 64 -5.64 -4.48 -3.40
N GLY A 65 -6.02 -5.75 -3.25
CA GLY A 65 -5.36 -6.83 -3.97
C GLY A 65 -5.59 -6.82 -5.47
N VAL A 66 -6.84 -6.59 -5.89
CA VAL A 66 -7.20 -6.66 -7.31
C VAL A 66 -6.40 -5.67 -8.15
N LEU A 67 -6.12 -4.49 -7.59
CA LEU A 67 -5.38 -3.46 -8.32
C LEU A 67 -4.01 -3.97 -8.78
N ILE A 68 -3.41 -4.86 -8.01
CA ILE A 68 -2.13 -5.46 -8.38
C ILE A 68 -2.28 -6.29 -9.67
N THR A 69 -3.43 -6.94 -9.79
CA THR A 69 -3.74 -7.73 -10.99
C THR A 69 -3.96 -6.79 -12.17
N GLN A 70 -4.54 -5.64 -11.89
CA GLN A 70 -4.75 -4.61 -12.89
C GLN A 70 -3.41 -4.12 -13.43
N MET A 71 -2.50 -3.80 -12.51
CA MET A 71 -1.17 -3.29 -12.84
C MET A 71 -0.39 -4.28 -13.69
N THR A 72 -0.38 -5.55 -13.29
CA THR A 72 0.41 -6.57 -13.96
C THR A 72 -0.01 -6.68 -15.43
N ASP A 73 -1.28 -6.39 -15.69
CA ASP A 73 -1.83 -6.48 -17.05
C ASP A 73 -1.57 -5.18 -17.81
N GLU A 74 -1.93 -4.07 -17.18
CA GLU A 74 -1.73 -2.75 -17.73
C GLU A 74 -1.50 -1.74 -16.61
N MET A 75 -0.35 -1.07 -16.62
CA MET A 75 -0.07 -0.02 -15.65
C MET A 75 -0.93 1.20 -15.97
N PRO A 76 -1.39 1.93 -14.93
CA PRO A 76 -2.30 3.06 -15.10
C PRO A 76 -1.63 4.26 -15.80
N ARG A 77 -1.10 5.19 -15.01
CA ARG A 77 -0.36 6.33 -15.53
C ARG A 77 0.73 6.71 -14.54
N GLU A 78 1.91 7.02 -15.03
CA GLU A 78 3.00 7.48 -14.18
C GLU A 78 2.65 8.85 -13.62
N GLU A 79 1.87 9.59 -14.40
CA GLU A 79 1.30 10.86 -13.97
C GLU A 79 0.43 10.66 -12.74
N ASP A 80 -0.50 9.72 -12.84
CA ASP A 80 -1.39 9.41 -11.72
C ASP A 80 -0.59 8.86 -10.55
N ILE A 81 0.45 8.09 -10.85
CA ILE A 81 1.35 7.58 -9.81
C ILE A 81 1.97 8.74 -9.03
N GLU A 82 2.45 9.78 -9.73
CA GLU A 82 3.03 10.93 -9.03
C GLU A 82 1.94 11.68 -8.28
N ARG A 83 0.74 11.75 -8.88
CA ARG A 83 -0.42 12.37 -8.24
C ARG A 83 -0.69 11.73 -6.88
N VAL A 84 -0.81 10.41 -6.88
CA VAL A 84 -1.17 9.69 -5.68
C VAL A 84 -0.05 9.78 -4.63
N ARG A 85 1.19 9.54 -5.05
CA ARG A 85 2.32 9.59 -4.11
C ARG A 85 2.46 10.98 -3.47
N ARG A 86 2.27 12.04 -4.25
CA ARG A 86 2.39 13.41 -3.72
C ARG A 86 1.19 13.74 -2.82
N HIS A 87 0.01 13.29 -3.25
CA HIS A 87 -1.22 13.49 -2.46
C HIS A 87 -1.10 12.76 -1.14
N LEU A 88 -0.51 11.58 -1.20
CA LEU A 88 -0.29 10.74 -0.01
C LEU A 88 0.86 11.29 0.85
N ALA A 89 1.85 11.88 0.17
CA ALA A 89 3.02 12.45 0.85
C ALA A 89 2.60 13.57 1.80
N LEU A 90 1.43 14.14 1.54
CA LEU A 90 0.84 15.15 2.42
C LEU A 90 0.68 14.59 3.83
N GLN A 91 0.16 13.37 3.90
CA GLN A 91 -0.03 12.68 5.18
C GLN A 91 1.31 12.14 5.66
N GLY A 92 2.11 11.65 4.73
CA GLY A 92 3.42 11.12 5.07
C GLY A 92 4.02 10.28 3.95
N TRP A 93 5.24 9.81 4.15
CA TRP A 93 5.93 9.00 3.16
C TRP A 93 6.71 7.87 3.86
N PRO A 94 6.01 6.79 4.23
CA PRO A 94 6.62 5.65 4.92
C PRO A 94 7.26 4.65 3.96
N LEU A 95 7.20 4.94 2.67
CA LEU A 95 7.71 4.03 1.64
C LEU A 95 9.23 3.92 1.72
N ASP A 96 9.86 4.98 2.25
CA ASP A 96 11.31 5.14 2.21
C ASP A 96 12.05 3.87 2.65
N ASP A 97 11.70 3.35 3.82
CA ASP A 97 12.36 2.17 4.37
C ASP A 97 11.41 1.40 5.29
N PRO A 98 11.36 0.05 5.16
CA PRO A 98 10.47 -0.80 5.97
C PRO A 98 10.65 -0.63 7.48
N ARG A 99 9.95 -1.45 8.26
CA ARG A 99 10.03 -1.39 9.72
C ARG A 99 11.15 -2.29 10.17
N ASP A 100 11.27 -3.39 9.47
CA ASP A 100 12.29 -4.38 9.72
C ASP A 100 13.65 -3.90 9.23
N GLY A 101 14.69 -4.24 9.97
CA GLY A 101 16.04 -3.87 9.61
C GLY A 101 16.62 -4.84 8.60
N GLU A 102 16.11 -4.78 7.38
CA GLU A 102 16.61 -5.60 6.29
C GLU A 102 18.12 -5.44 6.16
N GLU A 103 18.84 -6.55 6.19
CA GLU A 103 20.30 -6.54 6.24
C GLU A 103 20.89 -6.86 4.87
N PRO A 104 21.96 -6.15 4.47
CA PRO A 104 22.57 -6.29 3.15
C PRO A 104 23.46 -7.54 3.03
N ASP A 105 22.88 -8.71 3.32
CA ASP A 105 23.58 -9.98 3.16
C ASP A 105 23.49 -10.44 1.71
N GLY A 106 23.70 -9.50 0.80
CA GLY A 106 23.57 -9.78 -0.62
C GLY A 106 24.81 -10.42 -1.20
N GLU A 107 25.97 -10.15 -0.58
CA GLU A 107 27.24 -10.69 -1.06
C GLU A 107 27.46 -10.29 -2.53
N SER A 108 26.88 -9.15 -2.90
CA SER A 108 26.87 -8.69 -4.28
C SER A 108 28.13 -7.87 -4.57
N GLY A 109 28.14 -7.21 -5.72
CA GLY A 109 29.26 -6.37 -6.10
C GLY A 109 28.84 -5.26 -7.03
N GLY A 110 29.07 -4.02 -6.61
CA GLY A 110 28.70 -2.87 -7.43
C GLY A 110 29.66 -2.69 -8.58
N PRO A 111 29.15 -2.45 -9.81
CA PRO A 111 30.00 -2.24 -10.99
C PRO A 111 30.60 -0.84 -11.04
N ARG A 112 31.60 -0.66 -11.89
CA ARG A 112 32.25 0.62 -12.08
C ARG A 112 32.43 0.90 -13.57
N GLY A 1 -11.43 5.55 11.70
CA GLY A 1 -10.20 5.96 12.43
C GLY A 1 -9.15 4.88 12.44
N PRO A 2 -7.90 5.21 12.82
CA PRO A 2 -6.79 4.25 12.85
C PRO A 2 -6.86 3.31 14.05
N GLY A 3 -5.88 2.42 14.16
CA GLY A 3 -5.86 1.44 15.23
C GLY A 3 -5.86 0.03 14.68
N SER A 4 -4.84 -0.28 13.88
CA SER A 4 -4.73 -1.58 13.23
C SER A 4 -4.00 -2.59 14.14
N MET A 5 -4.24 -3.87 13.88
CA MET A 5 -3.54 -4.95 14.56
C MET A 5 -2.59 -5.62 13.57
N VAL A 6 -1.36 -5.09 13.52
CA VAL A 6 -0.35 -5.52 12.57
C VAL A 6 1.01 -4.99 13.02
N ASN A 7 2.03 -5.34 12.26
CA ASN A 7 3.36 -4.77 12.46
C ASN A 7 3.28 -3.24 12.38
N ALA A 8 4.06 -2.57 13.22
CA ALA A 8 4.02 -1.11 13.35
C ALA A 8 4.02 -0.41 12.00
N PHE A 9 4.88 -0.89 11.09
CA PHE A 9 4.99 -0.32 9.75
C PHE A 9 3.64 -0.38 9.03
N LEU A 10 3.02 -1.55 9.07
CA LEU A 10 1.76 -1.78 8.37
C LEU A 10 0.65 -0.93 8.97
N ALA A 11 0.69 -0.76 10.28
CA ALA A 11 -0.29 0.09 10.97
C ALA A 11 -0.17 1.53 10.49
N LYS A 12 1.08 1.98 10.35
CA LYS A 12 1.37 3.32 9.84
C LYS A 12 0.92 3.46 8.39
N ILE A 13 1.11 2.41 7.60
CA ILE A 13 0.67 2.42 6.20
C ILE A 13 -0.85 2.56 6.12
N ALA A 14 -1.57 1.71 6.87
CA ALA A 14 -3.02 1.74 6.91
C ALA A 14 -3.52 3.13 7.31
N ALA A 15 -2.94 3.68 8.38
CA ALA A 15 -3.34 5.01 8.86
C ALA A 15 -3.00 6.10 7.84
N TRP A 16 -1.79 6.03 7.31
CA TRP A 16 -1.31 6.98 6.31
C TRP A 16 -2.25 7.03 5.10
N LEU A 17 -2.64 5.84 4.64
CA LEU A 17 -3.53 5.72 3.48
C LEU A 17 -4.96 6.16 3.83
N ASN A 18 -5.47 5.68 4.95
CA ASN A 18 -6.85 5.97 5.34
C ASN A 18 -7.03 7.47 5.61
N ALA A 19 -5.96 8.12 6.05
CA ALA A 19 -5.97 9.56 6.29
C ALA A 19 -6.15 10.31 4.97
N GLY A 20 -5.63 9.73 3.89
CA GLY A 20 -5.77 10.32 2.57
C GLY A 20 -7.06 9.87 1.91
N TYR A 21 -7.53 8.69 2.27
CA TYR A 21 -8.76 8.12 1.72
C TYR A 21 -9.65 7.57 2.84
N PRO A 22 -10.48 8.42 3.45
CA PRO A 22 -11.41 8.00 4.51
C PRO A 22 -12.62 7.27 3.94
N GLU A 23 -12.88 7.49 2.65
CA GLU A 23 -14.07 6.95 1.98
C GLU A 23 -13.68 5.90 0.94
N GLY A 24 -12.41 5.49 0.94
CA GLY A 24 -11.91 4.57 -0.06
C GLY A 24 -11.22 5.29 -1.19
N VAL A 25 -10.76 4.54 -2.18
CA VAL A 25 -10.01 5.12 -3.31
C VAL A 25 -10.69 4.74 -4.63
N PRO A 26 -10.90 5.69 -5.55
CA PRO A 26 -11.43 5.40 -6.88
C PRO A 26 -10.38 4.71 -7.76
N GLY A 27 -10.85 3.96 -8.76
CA GLY A 27 -9.96 3.18 -9.63
C GLY A 27 -8.73 3.94 -10.12
N PRO A 28 -8.93 5.08 -10.83
CA PRO A 28 -7.83 5.87 -11.41
C PRO A 28 -6.76 6.26 -10.39
N ASP A 29 -7.11 6.21 -9.10
CA ASP A 29 -6.17 6.51 -8.03
C ASP A 29 -5.67 5.22 -7.39
N ARG A 30 -6.53 4.20 -7.37
CA ARG A 30 -6.18 2.90 -6.80
C ARG A 30 -5.00 2.28 -7.53
N VAL A 31 -5.11 2.19 -8.85
CA VAL A 31 -4.10 1.51 -9.67
C VAL A 31 -2.70 2.11 -9.44
N PRO A 32 -2.53 3.46 -9.57
CA PRO A 32 -1.25 4.11 -9.32
C PRO A 32 -0.86 4.06 -7.84
N LEU A 33 -1.86 4.08 -6.95
CA LEU A 33 -1.61 3.97 -5.51
C LEU A 33 -0.83 2.70 -5.22
N LEU A 34 -1.29 1.58 -5.76
CA LEU A 34 -0.62 0.31 -5.58
C LEU A 34 0.68 0.26 -6.36
N ALA A 35 0.67 0.81 -7.56
CA ALA A 35 1.88 0.86 -8.38
C ALA A 35 3.00 1.55 -7.61
N LEU A 36 2.63 2.58 -6.87
CA LEU A 36 3.57 3.31 -6.01
C LEU A 36 3.94 2.45 -4.79
N LEU A 37 2.95 1.89 -4.11
CA LEU A 37 3.17 1.06 -2.92
C LEU A 37 4.19 -0.06 -3.20
N THR A 38 3.98 -0.77 -4.30
CA THR A 38 4.74 -1.97 -4.61
C THR A 38 6.21 -1.69 -4.88
N ARG A 39 6.57 -0.41 -4.99
CA ARG A 39 7.95 -0.01 -5.22
C ARG A 39 8.82 -0.43 -4.03
N ARG A 40 8.25 -0.36 -2.82
CA ARG A 40 8.92 -0.83 -1.61
C ARG A 40 7.91 -1.50 -0.69
N LEU A 41 7.47 -2.69 -1.06
CA LEU A 41 6.47 -3.41 -0.29
C LEU A 41 6.40 -4.87 -0.74
N THR A 42 6.26 -5.79 0.20
CA THR A 42 6.13 -7.20 -0.11
C THR A 42 4.66 -7.59 -0.24
N ASN A 43 4.39 -8.73 -0.87
CA ASN A 43 3.02 -9.22 -1.00
C ASN A 43 2.43 -9.49 0.39
N ASP A 44 3.29 -9.93 1.30
CA ASP A 44 2.90 -10.19 2.69
C ASP A 44 2.38 -8.91 3.34
N GLU A 45 3.09 -7.81 3.10
CA GLU A 45 2.75 -6.50 3.65
C GLU A 45 1.45 -5.95 3.06
N ILE A 46 1.39 -5.86 1.73
CA ILE A 46 0.20 -5.34 1.05
C ILE A 46 -1.04 -6.15 1.44
N LYS A 47 -0.86 -7.47 1.56
CA LYS A 47 -1.93 -8.34 2.02
C LYS A 47 -2.29 -8.02 3.46
N ALA A 48 -1.28 -7.85 4.31
CA ALA A 48 -1.49 -7.53 5.72
C ALA A 48 -2.40 -6.32 5.86
N ILE A 49 -2.18 -5.32 5.01
CA ILE A 49 -3.03 -4.14 4.97
C ILE A 49 -4.49 -4.52 4.70
N ALA A 50 -4.69 -5.43 3.75
CA ALA A 50 -6.03 -5.88 3.37
C ALA A 50 -6.65 -6.65 4.53
N GLU A 51 -5.82 -7.49 5.13
CA GLU A 51 -6.23 -8.37 6.21
C GLU A 51 -6.77 -7.58 7.40
N ASP A 52 -6.16 -6.43 7.70
CA ASP A 52 -6.62 -5.60 8.80
C ASP A 52 -7.92 -4.90 8.42
N LEU A 53 -7.88 -4.21 7.29
CA LEU A 53 -8.99 -3.35 6.86
C LEU A 53 -10.27 -4.14 6.63
N GLU A 54 -10.14 -5.36 6.10
CA GLU A 54 -11.31 -6.20 5.83
C GLU A 54 -11.99 -6.60 7.13
N LYS A 55 -11.22 -6.70 8.21
CA LYS A 55 -11.76 -7.05 9.52
C LYS A 55 -12.48 -5.87 10.14
N ARG A 56 -12.08 -4.67 9.75
CA ARG A 56 -12.68 -3.44 10.28
C ARG A 56 -14.05 -3.22 9.66
N ALA A 57 -14.09 -3.29 8.33
CA ALA A 57 -15.31 -3.11 7.57
C ALA A 57 -15.11 -3.57 6.13
N HIS A 58 -15.72 -4.69 5.76
CA HIS A 58 -15.55 -5.28 4.44
C HIS A 58 -16.79 -5.00 3.59
N PHE A 59 -17.53 -3.96 3.96
CA PHE A 59 -18.73 -3.55 3.23
C PHE A 59 -18.34 -2.90 1.90
N ASP A 60 -17.10 -2.43 1.82
CA ASP A 60 -16.61 -1.69 0.65
C ASP A 60 -16.24 -2.67 -0.47
N HIS A 61 -15.88 -2.12 -1.64
CA HIS A 61 -15.74 -2.91 -2.87
C HIS A 61 -14.39 -2.68 -3.55
N ILE A 62 -13.64 -1.67 -3.12
CA ILE A 62 -12.41 -1.28 -3.84
C ILE A 62 -11.39 -2.42 -3.88
N ASP A 63 -11.07 -2.97 -2.70
CA ASP A 63 -10.05 -4.02 -2.55
C ASP A 63 -8.67 -3.55 -3.02
N ILE A 64 -7.64 -3.90 -2.26
CA ILE A 64 -6.26 -3.47 -2.53
C ILE A 64 -5.51 -4.49 -3.40
N GLY A 65 -5.82 -5.76 -3.22
CA GLY A 65 -5.09 -6.82 -3.93
C GLY A 65 -5.36 -6.81 -5.42
N VAL A 66 -6.62 -6.57 -5.79
CA VAL A 66 -7.04 -6.57 -7.19
C VAL A 66 -6.18 -5.63 -8.04
N LEU A 67 -5.77 -4.50 -7.44
CA LEU A 67 -4.98 -3.51 -8.16
C LEU A 67 -3.69 -4.10 -8.70
N ILE A 68 -3.02 -4.91 -7.88
CA ILE A 68 -1.76 -5.53 -8.29
C ILE A 68 -1.96 -6.38 -9.55
N THR A 69 -3.12 -7.03 -9.63
CA THR A 69 -3.45 -7.88 -10.76
C THR A 69 -3.65 -7.05 -12.03
N GLN A 70 -4.12 -5.82 -11.86
CA GLN A 70 -4.31 -4.91 -12.98
C GLN A 70 -2.98 -4.33 -13.45
N MET A 71 -2.20 -3.81 -12.51
CA MET A 71 -0.93 -3.14 -12.80
C MET A 71 -0.01 -4.00 -13.67
N THR A 72 0.10 -5.28 -13.31
CA THR A 72 0.98 -6.21 -14.02
C THR A 72 0.55 -6.37 -15.48
N ASP A 73 -0.73 -6.12 -15.74
CA ASP A 73 -1.32 -6.32 -17.05
C ASP A 73 -1.30 -5.02 -17.84
N GLU A 74 -1.73 -3.95 -17.18
CA GLU A 74 -1.82 -2.62 -17.77
C GLU A 74 -1.56 -1.58 -16.69
N MET A 75 -0.52 -0.77 -16.87
CA MET A 75 -0.21 0.29 -15.90
C MET A 75 -1.10 1.50 -16.17
N PRO A 76 -1.42 2.28 -15.13
CA PRO A 76 -2.41 3.36 -15.23
C PRO A 76 -1.87 4.59 -15.99
N ARG A 77 -1.21 5.50 -15.28
CA ARG A 77 -0.56 6.65 -15.88
C ARG A 77 0.60 7.10 -15.02
N GLU A 78 1.63 7.66 -15.65
CA GLU A 78 2.75 8.25 -14.91
C GLU A 78 2.25 9.46 -14.12
N GLU A 79 1.41 10.25 -14.79
CA GLU A 79 0.78 11.41 -14.18
C GLU A 79 0.02 11.01 -12.92
N ASP A 80 -0.76 9.93 -13.01
CA ASP A 80 -1.57 9.45 -11.90
C ASP A 80 -0.68 8.91 -10.77
N ILE A 81 0.38 8.20 -11.15
CA ILE A 81 1.32 7.64 -10.18
C ILE A 81 1.95 8.77 -9.35
N GLU A 82 2.46 9.79 -10.03
CA GLU A 82 3.10 10.90 -9.34
C GLU A 82 2.06 11.75 -8.61
N ARG A 83 0.87 11.85 -9.19
CA ARG A 83 -0.22 12.62 -8.59
C ARG A 83 -0.67 11.98 -7.28
N VAL A 84 -0.75 10.65 -7.27
CA VAL A 84 -1.18 9.95 -6.06
C VAL A 84 -0.07 9.99 -5.01
N ARG A 85 1.16 9.68 -5.39
CA ARG A 85 2.29 9.68 -4.44
C ARG A 85 2.46 11.06 -3.79
N ARG A 86 2.38 12.13 -4.58
CA ARG A 86 2.52 13.49 -4.05
C ARG A 86 1.35 13.83 -3.14
N HIS A 87 0.16 13.35 -3.52
CA HIS A 87 -1.05 13.54 -2.73
C HIS A 87 -0.91 12.84 -1.38
N LEU A 88 -0.32 11.66 -1.41
CA LEU A 88 -0.12 10.85 -0.21
C LEU A 88 1.00 11.41 0.66
N ALA A 89 1.98 12.05 0.01
CA ALA A 89 3.10 12.66 0.72
C ALA A 89 2.62 13.73 1.69
N LEU A 90 1.44 14.28 1.43
CA LEU A 90 0.83 15.27 2.32
C LEU A 90 0.55 14.66 3.69
N GLN A 91 0.08 13.41 3.69
CA GLN A 91 -0.16 12.67 4.93
C GLN A 91 1.16 12.16 5.49
N GLY A 92 2.08 11.83 4.58
CA GLY A 92 3.41 11.39 4.97
C GLY A 92 4.01 10.42 3.98
N TRP A 93 5.19 9.90 4.29
CA TRP A 93 5.83 8.92 3.41
C TRP A 93 6.54 7.85 4.25
N PRO A 94 5.78 6.84 4.69
CA PRO A 94 6.33 5.71 5.47
C PRO A 94 7.07 4.70 4.58
N LEU A 95 6.79 4.75 3.27
CA LEU A 95 7.30 3.75 2.33
C LEU A 95 8.82 3.86 2.14
N ASP A 96 9.44 4.82 2.80
CA ASP A 96 10.87 5.02 2.70
C ASP A 96 11.62 4.17 3.72
N ASP A 97 11.06 4.04 4.92
CA ASP A 97 11.72 3.34 6.01
C ASP A 97 10.81 2.28 6.64
N PRO A 98 11.22 1.01 6.60
CA PRO A 98 10.48 -0.08 7.21
C PRO A 98 10.67 -0.10 8.73
N ARG A 99 9.56 -0.07 9.44
CA ARG A 99 9.58 0.04 10.90
C ARG A 99 9.88 -1.29 11.57
N ASP A 100 9.50 -2.39 10.93
CA ASP A 100 9.78 -3.72 11.46
C ASP A 100 10.93 -4.35 10.67
N GLY A 101 11.27 -5.61 10.97
CA GLY A 101 12.40 -6.25 10.33
C GLY A 101 12.21 -7.75 10.19
N GLU A 102 11.85 -8.17 8.98
CA GLU A 102 11.79 -9.59 8.63
C GLU A 102 13.17 -10.23 8.86
N GLU A 103 13.20 -11.53 9.11
CA GLU A 103 14.47 -12.22 9.36
C GLU A 103 15.40 -12.06 8.16
N PRO A 104 16.60 -11.52 8.39
CA PRO A 104 17.50 -11.06 7.32
C PRO A 104 18.18 -12.21 6.56
N ASP A 105 18.00 -12.22 5.24
CA ASP A 105 18.70 -13.14 4.36
C ASP A 105 18.67 -12.59 2.94
N GLY A 106 19.55 -13.12 2.08
CA GLY A 106 19.63 -12.64 0.72
C GLY A 106 20.92 -11.88 0.45
N GLU A 107 21.73 -11.73 1.50
CA GLU A 107 23.01 -11.03 1.38
C GLU A 107 24.05 -11.95 0.75
N SER A 108 25.19 -11.39 0.37
CA SER A 108 26.24 -12.14 -0.31
C SER A 108 27.49 -12.27 0.57
N GLY A 109 27.30 -12.77 1.78
CA GLY A 109 28.42 -12.97 2.70
C GLY A 109 28.39 -14.34 3.35
N GLY A 110 27.21 -14.92 3.46
CA GLY A 110 27.05 -16.23 4.06
C GLY A 110 26.57 -16.14 5.49
N PRO A 111 25.25 -16.32 5.73
CA PRO A 111 24.68 -16.31 7.07
C PRO A 111 24.73 -17.69 7.73
N ARG A 112 24.17 -17.81 8.92
CA ARG A 112 24.13 -19.08 9.63
C ARG A 112 22.78 -19.75 9.41
N GLY A 1 -10.05 0.35 22.74
CA GLY A 1 -10.44 0.53 21.32
C GLY A 1 -9.44 -0.10 20.37
N PRO A 2 -9.80 -1.20 19.70
CA PRO A 2 -8.91 -1.89 18.76
C PRO A 2 -8.85 -1.17 17.41
N GLY A 3 -7.82 -0.36 17.23
CA GLY A 3 -7.60 0.30 15.95
C GLY A 3 -6.59 -0.45 15.11
N SER A 4 -5.32 -0.16 15.33
CA SER A 4 -4.24 -0.85 14.65
C SER A 4 -3.93 -2.19 15.33
N MET A 5 -3.93 -3.27 14.55
CA MET A 5 -3.67 -4.62 15.07
C MET A 5 -2.39 -5.17 14.44
N VAL A 6 -2.09 -4.71 13.23
CA VAL A 6 -0.92 -5.18 12.49
C VAL A 6 0.38 -4.52 12.97
N ASN A 7 1.45 -4.82 12.24
CA ASN A 7 2.79 -4.28 12.48
C ASN A 7 2.79 -2.76 12.65
N ALA A 8 3.90 -2.22 13.17
CA ALA A 8 4.07 -0.77 13.30
C ALA A 8 4.07 -0.11 11.92
N PHE A 9 4.90 -0.64 11.01
CA PHE A 9 4.97 -0.15 9.64
C PHE A 9 3.61 -0.29 8.96
N LEU A 10 3.02 -1.47 9.10
CA LEU A 10 1.74 -1.79 8.46
C LEU A 10 0.63 -0.86 8.95
N ALA A 11 0.51 -0.74 10.26
CA ALA A 11 -0.43 0.18 10.88
C ALA A 11 -0.27 1.59 10.33
N LYS A 12 0.99 1.99 10.13
CA LYS A 12 1.29 3.31 9.57
C LYS A 12 0.77 3.42 8.14
N ILE A 13 0.95 2.37 7.34
CA ILE A 13 0.42 2.34 5.98
C ILE A 13 -1.09 2.53 5.99
N ALA A 14 -1.76 1.73 6.83
CA ALA A 14 -3.22 1.77 6.94
C ALA A 14 -3.71 3.18 7.32
N ALA A 15 -3.06 3.76 8.34
CA ALA A 15 -3.43 5.09 8.82
C ALA A 15 -3.13 6.16 7.77
N TRP A 16 -1.93 6.09 7.21
CA TRP A 16 -1.47 7.01 6.17
C TRP A 16 -2.45 7.03 4.99
N LEU A 17 -2.89 5.85 4.57
CA LEU A 17 -3.86 5.71 3.50
C LEU A 17 -5.24 6.21 3.93
N ASN A 18 -5.68 5.78 5.10
CA ASN A 18 -7.02 6.13 5.60
C ASN A 18 -7.14 7.64 5.81
N ALA A 19 -6.03 8.28 6.15
CA ALA A 19 -6.00 9.73 6.33
C ALA A 19 -6.22 10.45 5.00
N GLY A 20 -5.89 9.76 3.90
CA GLY A 20 -6.10 10.31 2.57
C GLY A 20 -7.41 9.86 1.97
N TYR A 21 -7.90 8.72 2.44
CA TYR A 21 -9.14 8.13 1.95
C TYR A 21 -10.05 7.72 3.11
N PRO A 22 -10.95 8.61 3.53
CA PRO A 22 -11.89 8.34 4.64
C PRO A 22 -12.90 7.24 4.31
N GLU A 23 -13.53 7.34 3.14
CA GLU A 23 -14.56 6.38 2.74
C GLU A 23 -14.00 5.28 1.84
N GLY A 24 -12.97 5.60 1.05
CA GLY A 24 -12.31 4.59 0.24
C GLY A 24 -11.52 5.21 -0.90
N VAL A 25 -10.74 4.38 -1.58
CA VAL A 25 -9.95 4.83 -2.71
C VAL A 25 -10.71 4.59 -4.01
N PRO A 26 -10.99 5.63 -4.82
CA PRO A 26 -11.63 5.48 -6.12
C PRO A 26 -10.69 4.86 -7.15
N GLY A 27 -11.23 4.14 -8.13
CA GLY A 27 -10.43 3.43 -9.12
C GLY A 27 -9.24 4.22 -9.66
N PRO A 28 -9.47 5.43 -10.23
CA PRO A 28 -8.42 6.28 -10.81
C PRO A 28 -7.33 6.64 -9.79
N ASP A 29 -7.62 6.42 -8.52
CA ASP A 29 -6.65 6.61 -7.46
C ASP A 29 -6.08 5.26 -7.02
N ARG A 30 -6.91 4.22 -7.08
CA ARG A 30 -6.51 2.89 -6.64
C ARG A 30 -5.35 2.37 -7.47
N VAL A 31 -5.51 2.39 -8.79
CA VAL A 31 -4.53 1.79 -9.70
C VAL A 31 -3.13 2.41 -9.50
N PRO A 32 -2.99 3.76 -9.53
CA PRO A 32 -1.71 4.42 -9.29
C PRO A 32 -1.24 4.27 -7.83
N LEU A 33 -2.20 4.23 -6.89
CA LEU A 33 -1.88 4.07 -5.47
C LEU A 33 -1.09 2.79 -5.28
N LEU A 34 -1.60 1.70 -5.84
CA LEU A 34 -0.95 0.40 -5.74
C LEU A 34 0.30 0.36 -6.60
N ALA A 35 0.22 0.99 -7.77
CA ALA A 35 1.36 1.00 -8.68
C ALA A 35 2.61 1.52 -7.97
N LEU A 36 2.44 2.61 -7.23
CA LEU A 36 3.51 3.18 -6.42
C LEU A 36 3.81 2.30 -5.22
N LEU A 37 2.76 1.96 -4.46
CA LEU A 37 2.90 1.30 -3.17
C LEU A 37 3.58 -0.06 -3.27
N THR A 38 3.24 -0.85 -4.29
CA THR A 38 3.72 -2.23 -4.42
C THR A 38 5.19 -2.31 -4.79
N ARG A 39 5.78 -1.17 -5.15
CA ARG A 39 7.19 -1.13 -5.53
C ARG A 39 8.07 -1.64 -4.39
N ARG A 40 7.88 -1.08 -3.20
CA ARG A 40 8.61 -1.52 -2.02
C ARG A 40 7.65 -1.98 -0.92
N LEU A 41 7.09 -3.17 -1.11
CA LEU A 41 6.25 -3.80 -0.10
C LEU A 41 6.13 -5.30 -0.41
N THR A 42 6.14 -6.13 0.63
CA THR A 42 6.05 -7.58 0.45
C THR A 42 4.60 -8.03 0.27
N ASN A 43 4.42 -9.30 -0.13
CA ASN A 43 3.09 -9.87 -0.30
C ASN A 43 2.37 -9.96 1.05
N ASP A 44 3.11 -10.37 2.06
CA ASP A 44 2.59 -10.44 3.43
C ASP A 44 2.06 -9.08 3.86
N GLU A 45 2.85 -8.04 3.62
CA GLU A 45 2.47 -6.69 4.03
C GLU A 45 1.24 -6.18 3.26
N ILE A 46 1.26 -6.28 1.93
CA ILE A 46 0.11 -5.82 1.14
C ILE A 46 -1.16 -6.54 1.61
N LYS A 47 -1.04 -7.84 1.92
CA LYS A 47 -2.15 -8.59 2.48
C LYS A 47 -2.53 -8.05 3.85
N ALA A 48 -1.52 -7.86 4.70
CA ALA A 48 -1.73 -7.44 6.08
C ALA A 48 -2.55 -6.15 6.15
N ILE A 49 -2.32 -5.26 5.19
CA ILE A 49 -3.11 -4.03 5.09
C ILE A 49 -4.59 -4.35 4.95
N ALA A 50 -4.90 -5.28 4.05
CA ALA A 50 -6.29 -5.68 3.82
C ALA A 50 -6.85 -6.33 5.07
N GLU A 51 -6.04 -7.19 5.67
CA GLU A 51 -6.42 -7.95 6.85
C GLU A 51 -6.88 -7.02 7.98
N ASP A 52 -6.15 -5.93 8.17
CA ASP A 52 -6.47 -4.97 9.23
C ASP A 52 -7.70 -4.14 8.84
N LEU A 53 -7.76 -3.73 7.58
CA LEU A 53 -8.86 -2.89 7.10
C LEU A 53 -10.18 -3.66 7.09
N GLU A 54 -10.12 -4.98 6.88
CA GLU A 54 -11.31 -5.81 6.86
C GLU A 54 -12.04 -5.80 8.20
N LYS A 55 -11.31 -5.54 9.28
CA LYS A 55 -11.91 -5.42 10.60
C LYS A 55 -12.92 -4.27 10.62
N ARG A 56 -12.60 -3.24 9.84
CA ARG A 56 -13.38 -2.02 9.79
C ARG A 56 -14.48 -2.15 8.74
N ALA A 57 -14.14 -2.80 7.63
CA ALA A 57 -15.07 -3.03 6.54
C ALA A 57 -14.46 -3.98 5.51
N HIS A 58 -15.15 -5.08 5.21
CA HIS A 58 -14.69 -6.02 4.19
C HIS A 58 -15.05 -5.48 2.81
N PHE A 59 -14.58 -4.27 2.52
CA PHE A 59 -14.94 -3.56 1.31
C PHE A 59 -14.11 -4.09 0.13
N ASP A 60 -14.48 -5.28 -0.34
CA ASP A 60 -13.73 -5.97 -1.39
C ASP A 60 -13.83 -5.25 -2.72
N HIS A 61 -14.74 -4.29 -2.82
CA HIS A 61 -14.95 -3.55 -4.06
C HIS A 61 -13.80 -2.58 -4.32
N ILE A 62 -13.01 -2.30 -3.29
CA ILE A 62 -11.79 -1.49 -3.43
C ILE A 62 -10.55 -2.33 -3.13
N ASP A 63 -10.75 -3.65 -3.13
CA ASP A 63 -9.72 -4.63 -2.74
C ASP A 63 -8.32 -4.24 -3.23
N ILE A 64 -7.40 -4.15 -2.28
CA ILE A 64 -6.02 -3.76 -2.54
C ILE A 64 -5.32 -4.77 -3.45
N GLY A 65 -5.78 -6.02 -3.43
CA GLY A 65 -5.17 -7.07 -4.22
C GLY A 65 -5.48 -6.97 -5.71
N VAL A 66 -6.74 -6.68 -6.03
CA VAL A 66 -7.19 -6.66 -7.42
C VAL A 66 -6.41 -5.64 -8.26
N LEU A 67 -6.06 -4.51 -7.65
CA LEU A 67 -5.30 -3.48 -8.35
C LEU A 67 -3.98 -4.05 -8.88
N ILE A 68 -3.34 -4.90 -8.09
CA ILE A 68 -2.06 -5.49 -8.47
C ILE A 68 -2.21 -6.29 -9.77
N THR A 69 -3.37 -6.91 -9.95
CA THR A 69 -3.64 -7.70 -11.13
C THR A 69 -3.79 -6.80 -12.37
N GLN A 70 -4.24 -5.57 -12.13
CA GLN A 70 -4.43 -4.60 -13.21
C GLN A 70 -3.08 -4.03 -13.63
N MET A 71 -2.33 -3.51 -12.66
CA MET A 71 -1.05 -2.84 -12.92
C MET A 71 -0.10 -3.72 -13.74
N THR A 72 -0.06 -5.01 -13.41
CA THR A 72 0.86 -5.94 -14.06
C THR A 72 0.53 -6.08 -15.55
N ASP A 73 -0.71 -5.79 -15.89
CA ASP A 73 -1.20 -5.95 -17.26
C ASP A 73 -1.23 -4.61 -17.99
N GLU A 74 -1.72 -3.60 -17.30
CA GLU A 74 -1.92 -2.27 -17.87
C GLU A 74 -1.72 -1.20 -16.81
N MET A 75 -0.69 -0.37 -16.99
CA MET A 75 -0.43 0.71 -16.03
C MET A 75 -1.41 1.86 -16.27
N PRO A 76 -1.77 2.60 -15.20
CA PRO A 76 -2.73 3.70 -15.30
C PRO A 76 -2.16 4.91 -16.04
N ARG A 77 -1.53 5.83 -15.31
CA ARG A 77 -0.81 6.95 -15.89
C ARG A 77 0.40 7.27 -15.04
N GLU A 78 1.50 7.64 -15.67
CA GLU A 78 2.69 8.05 -14.94
C GLU A 78 2.40 9.36 -14.21
N GLU A 79 1.63 10.22 -14.89
CA GLU A 79 1.17 11.47 -14.31
C GLU A 79 0.42 11.18 -13.01
N ASP A 80 -0.48 10.19 -13.07
CA ASP A 80 -1.30 9.81 -11.92
C ASP A 80 -0.45 9.18 -10.82
N ILE A 81 0.57 8.42 -11.22
CA ILE A 81 1.46 7.78 -10.26
C ILE A 81 2.21 8.83 -9.43
N GLU A 82 2.77 9.83 -10.10
CA GLU A 82 3.48 10.89 -9.40
C GLU A 82 2.48 11.75 -8.62
N ARG A 83 1.32 11.97 -9.24
CA ARG A 83 0.22 12.72 -8.64
C ARG A 83 -0.24 12.07 -7.34
N VAL A 84 -0.36 10.74 -7.34
CA VAL A 84 -0.83 10.04 -6.16
C VAL A 84 0.26 10.01 -5.08
N ARG A 85 1.49 9.63 -5.45
CA ARG A 85 2.59 9.54 -4.49
C ARG A 85 2.79 10.87 -3.76
N ARG A 86 2.79 11.97 -4.51
CA ARG A 86 3.03 13.30 -3.92
C ARG A 86 1.84 13.73 -3.06
N HIS A 87 0.64 13.40 -3.51
CA HIS A 87 -0.59 13.75 -2.79
C HIS A 87 -0.66 12.96 -1.48
N LEU A 88 -0.19 11.73 -1.53
CA LEU A 88 -0.14 10.86 -0.35
C LEU A 88 0.99 11.28 0.60
N ALA A 89 2.08 11.80 0.02
CA ALA A 89 3.23 12.26 0.78
C ALA A 89 2.84 13.38 1.73
N LEU A 90 1.74 14.08 1.40
CA LEU A 90 1.18 15.11 2.26
C LEU A 90 0.79 14.52 3.61
N GLN A 91 0.15 13.35 3.59
CA GLN A 91 -0.21 12.63 4.81
C GLN A 91 1.05 12.04 5.43
N GLY A 92 1.95 11.55 4.57
CA GLY A 92 3.21 11.01 5.04
C GLY A 92 3.87 10.11 4.02
N TRP A 93 5.05 9.61 4.35
CA TRP A 93 5.77 8.70 3.46
C TRP A 93 6.45 7.59 4.27
N PRO A 94 5.70 6.50 4.53
CA PRO A 94 6.19 5.38 5.35
C PRO A 94 7.26 4.54 4.64
N LEU A 95 7.29 4.63 3.31
CA LEU A 95 8.26 3.88 2.51
C LEU A 95 9.65 4.54 2.57
N ASP A 96 9.75 5.65 3.29
CA ASP A 96 11.04 6.35 3.47
C ASP A 96 12.03 5.43 4.18
N ASP A 97 11.55 4.74 5.21
CA ASP A 97 12.37 3.79 5.96
C ASP A 97 11.47 2.67 6.49
N PRO A 98 11.63 1.45 5.96
CA PRO A 98 10.71 0.34 6.22
C PRO A 98 11.12 -0.53 7.41
N ARG A 99 10.13 -1.25 7.95
CA ARG A 99 10.36 -2.25 9.01
C ARG A 99 11.26 -3.36 8.50
N ASP A 100 10.95 -3.79 7.30
CA ASP A 100 11.63 -4.92 6.65
C ASP A 100 12.08 -4.49 5.26
N GLY A 101 13.09 -5.17 4.72
CA GLY A 101 13.65 -4.77 3.44
C GLY A 101 13.89 -5.94 2.52
N GLU A 102 13.18 -7.05 2.75
CA GLU A 102 13.34 -8.22 1.90
C GLU A 102 12.83 -7.91 0.50
N GLU A 103 13.72 -8.00 -0.46
CA GLU A 103 13.47 -7.49 -1.81
C GLU A 103 14.57 -7.96 -2.75
N PRO A 104 14.23 -8.31 -4.00
CA PRO A 104 15.24 -8.70 -5.01
C PRO A 104 16.21 -7.55 -5.30
N ASP A 105 17.46 -7.91 -5.59
CA ASP A 105 18.50 -6.93 -5.87
C ASP A 105 18.20 -6.15 -7.15
N GLY A 106 18.48 -4.85 -7.14
CA GLY A 106 18.31 -4.03 -8.32
C GLY A 106 19.45 -4.23 -9.29
N GLU A 107 19.58 -5.45 -9.80
CA GLU A 107 20.68 -5.83 -10.66
C GLU A 107 20.34 -5.53 -12.12
N SER A 108 19.51 -4.51 -12.34
CA SER A 108 19.16 -4.05 -13.68
C SER A 108 20.35 -3.31 -14.30
N GLY A 109 21.07 -3.99 -15.18
CA GLY A 109 22.26 -3.43 -15.77
C GLY A 109 21.96 -2.43 -16.87
N GLY A 110 22.93 -1.59 -17.18
CA GLY A 110 22.74 -0.57 -18.21
C GLY A 110 24.06 -0.03 -18.71
N PRO A 111 24.45 -0.39 -19.96
CA PRO A 111 25.67 0.14 -20.60
C PRO A 111 25.67 1.67 -20.62
N ARG A 112 26.75 2.27 -20.15
CA ARG A 112 26.85 3.73 -20.05
C ARG A 112 27.75 4.26 -21.16
N GLY A 1 -7.42 0.30 17.33
CA GLY A 1 -7.60 -0.52 18.55
C GLY A 1 -7.87 -1.97 18.22
N PRO A 2 -9.04 -2.52 18.62
CA PRO A 2 -9.43 -3.89 18.26
C PRO A 2 -9.62 -4.03 16.75
N GLY A 3 -8.50 -4.20 16.06
CA GLY A 3 -8.49 -4.26 14.61
C GLY A 3 -7.11 -3.98 14.07
N SER A 4 -6.47 -2.97 14.65
CA SER A 4 -5.08 -2.64 14.33
C SER A 4 -4.16 -3.71 14.90
N MET A 5 -3.96 -4.77 14.14
CA MET A 5 -3.23 -5.95 14.60
C MET A 5 -1.83 -6.04 14.00
N VAL A 6 -1.69 -5.58 12.76
CA VAL A 6 -0.46 -5.71 11.99
C VAL A 6 0.75 -5.01 12.65
N ASN A 7 1.92 -5.26 12.07
CA ASN A 7 3.19 -4.67 12.50
C ASN A 7 3.13 -3.14 12.48
N ALA A 8 4.05 -2.52 13.22
CA ALA A 8 4.09 -1.06 13.36
C ALA A 8 4.06 -0.37 11.99
N PHE A 9 4.96 -0.78 11.09
CA PHE A 9 5.02 -0.19 9.77
C PHE A 9 3.70 -0.34 9.04
N LEU A 10 3.15 -1.54 9.09
CA LEU A 10 1.92 -1.86 8.38
C LEU A 10 0.74 -1.07 8.93
N ALA A 11 0.68 -0.96 10.25
CA ALA A 11 -0.35 -0.15 10.91
C ALA A 11 -0.19 1.31 10.51
N LYS A 12 1.06 1.74 10.39
CA LYS A 12 1.38 3.10 9.96
C LYS A 12 0.87 3.31 8.54
N ILE A 13 1.08 2.31 7.68
CA ILE A 13 0.60 2.36 6.30
C ILE A 13 -0.92 2.42 6.28
N ALA A 14 -1.55 1.56 7.08
CA ALA A 14 -3.00 1.47 7.14
C ALA A 14 -3.61 2.81 7.54
N ALA A 15 -3.03 3.45 8.56
CA ALA A 15 -3.52 4.75 9.03
C ALA A 15 -3.23 5.84 8.02
N TRP A 16 -2.02 5.81 7.46
CA TRP A 16 -1.58 6.76 6.43
C TRP A 16 -2.55 6.75 5.24
N LEU A 17 -2.92 5.57 4.79
CA LEU A 17 -3.86 5.41 3.69
C LEU A 17 -5.28 5.77 4.13
N ASN A 18 -5.67 5.30 5.31
CA ASN A 18 -7.01 5.54 5.83
C ASN A 18 -7.28 7.03 5.97
N ALA A 19 -6.26 7.78 6.37
CA ALA A 19 -6.37 9.22 6.51
C ALA A 19 -6.41 9.90 5.13
N GLY A 20 -5.68 9.32 4.18
CA GLY A 20 -5.62 9.87 2.83
C GLY A 20 -6.87 9.58 2.03
N TYR A 21 -7.56 8.49 2.39
CA TYR A 21 -8.79 8.10 1.71
C TYR A 21 -9.82 7.53 2.69
N PRO A 22 -10.41 8.37 3.56
CA PRO A 22 -11.52 7.95 4.41
C PRO A 22 -12.82 7.90 3.61
N GLU A 23 -12.76 8.44 2.39
CA GLU A 23 -13.91 8.49 1.49
C GLU A 23 -13.84 7.36 0.46
N GLY A 24 -12.78 6.55 0.54
CA GLY A 24 -12.54 5.53 -0.46
C GLY A 24 -11.71 6.08 -1.61
N VAL A 25 -10.97 5.20 -2.29
CA VAL A 25 -10.12 5.62 -3.40
C VAL A 25 -10.83 5.32 -4.73
N PRO A 26 -10.94 6.32 -5.63
CA PRO A 26 -11.50 6.10 -6.97
C PRO A 26 -10.52 5.30 -7.84
N GLY A 27 -11.04 4.62 -8.88
CA GLY A 27 -10.21 3.76 -9.73
C GLY A 27 -8.93 4.43 -10.23
N PRO A 28 -9.04 5.59 -10.90
CA PRO A 28 -7.87 6.31 -11.47
C PRO A 28 -6.83 6.69 -10.40
N ASP A 29 -7.21 6.57 -9.13
CA ASP A 29 -6.29 6.79 -8.03
C ASP A 29 -5.86 5.44 -7.42
N ARG A 30 -6.76 4.46 -7.47
CA ARG A 30 -6.50 3.13 -6.91
C ARG A 30 -5.33 2.46 -7.64
N VAL A 31 -5.43 2.42 -8.97
CA VAL A 31 -4.43 1.71 -9.77
C VAL A 31 -3.01 2.27 -9.54
N PRO A 32 -2.81 3.61 -9.65
CA PRO A 32 -1.50 4.22 -9.39
C PRO A 32 -1.13 4.16 -7.89
N LEU A 33 -2.14 4.17 -7.02
CA LEU A 33 -1.89 4.04 -5.58
C LEU A 33 -1.15 2.74 -5.30
N LEU A 34 -1.65 1.65 -5.87
CA LEU A 34 -1.01 0.35 -5.70
C LEU A 34 0.27 0.27 -6.48
N ALA A 35 0.29 0.85 -7.68
CA ALA A 35 1.49 0.87 -8.51
C ALA A 35 2.64 1.50 -7.73
N LEU A 36 2.33 2.57 -7.01
CA LEU A 36 3.29 3.25 -6.15
C LEU A 36 3.61 2.40 -4.91
N LEU A 37 2.57 1.85 -4.31
CA LEU A 37 2.69 1.15 -3.02
C LEU A 37 3.53 -0.13 -3.14
N THR A 38 3.18 -0.98 -4.10
CA THR A 38 3.77 -2.31 -4.22
C THR A 38 5.26 -2.26 -4.58
N ARG A 39 5.75 -1.08 -4.92
CA ARG A 39 7.15 -0.90 -5.28
C ARG A 39 8.07 -1.30 -4.11
N ARG A 40 7.78 -0.75 -2.94
CA ARG A 40 8.65 -0.93 -1.77
C ARG A 40 8.10 -1.98 -0.80
N LEU A 41 6.77 -2.12 -0.75
CA LEU A 41 6.14 -3.09 0.15
C LEU A 41 6.02 -4.45 -0.53
N THR A 42 6.40 -5.50 0.20
CA THR A 42 6.36 -6.85 -0.31
C THR A 42 4.92 -7.35 -0.45
N ASN A 43 4.75 -8.52 -1.05
CA ASN A 43 3.45 -9.15 -1.16
C ASN A 43 2.86 -9.41 0.23
N ASP A 44 3.73 -9.81 1.15
CA ASP A 44 3.35 -10.02 2.54
C ASP A 44 2.81 -8.73 3.16
N GLU A 45 3.54 -7.65 2.95
CA GLU A 45 3.18 -6.34 3.50
C GLU A 45 1.85 -5.83 2.92
N ILE A 46 1.75 -5.80 1.59
CA ILE A 46 0.52 -5.34 0.94
C ILE A 46 -0.68 -6.17 1.41
N LYS A 47 -0.49 -7.50 1.49
CA LYS A 47 -1.52 -8.38 2.01
C LYS A 47 -1.90 -7.99 3.43
N ALA A 48 -0.89 -7.82 4.28
CA ALA A 48 -1.11 -7.48 5.68
C ALA A 48 -1.99 -6.24 5.80
N ILE A 49 -1.76 -5.27 4.91
CA ILE A 49 -2.60 -4.08 4.84
C ILE A 49 -4.05 -4.47 4.56
N ALA A 50 -4.25 -5.43 3.67
CA ALA A 50 -5.58 -5.88 3.30
C ALA A 50 -6.26 -6.55 4.49
N GLU A 51 -5.53 -7.46 5.12
CA GLU A 51 -6.04 -8.26 6.23
C GLU A 51 -6.52 -7.37 7.37
N ASP A 52 -5.73 -6.33 7.67
CA ASP A 52 -6.04 -5.42 8.77
C ASP A 52 -7.25 -4.55 8.40
N LEU A 53 -7.19 -3.92 7.23
CA LEU A 53 -8.22 -2.98 6.79
C LEU A 53 -9.56 -3.67 6.59
N GLU A 54 -9.56 -4.87 6.01
CA GLU A 54 -10.79 -5.56 5.69
C GLU A 54 -11.50 -6.01 6.96
N LYS A 55 -10.72 -6.38 7.97
CA LYS A 55 -11.26 -6.75 9.27
C LYS A 55 -12.02 -5.56 9.84
N ARG A 56 -11.47 -4.37 9.61
CA ARG A 56 -12.11 -3.12 10.00
C ARG A 56 -13.38 -2.88 9.18
N ALA A 57 -13.24 -2.96 7.85
CA ALA A 57 -14.35 -2.70 6.94
C ALA A 57 -14.16 -3.46 5.62
N HIS A 58 -14.81 -4.62 5.51
CA HIS A 58 -14.78 -5.44 4.29
C HIS A 58 -16.06 -5.19 3.48
N PHE A 59 -16.64 -4.01 3.67
CA PHE A 59 -17.95 -3.70 3.11
C PHE A 59 -17.87 -3.30 1.64
N ASP A 60 -16.84 -2.55 1.28
CA ASP A 60 -16.69 -2.06 -0.10
C ASP A 60 -15.73 -2.95 -0.87
N HIS A 61 -15.66 -2.76 -2.20
CA HIS A 61 -14.85 -3.60 -3.08
C HIS A 61 -13.66 -2.83 -3.65
N ILE A 62 -13.21 -1.79 -2.94
CA ILE A 62 -11.98 -1.06 -3.31
C ILE A 62 -10.73 -1.88 -2.99
N ASP A 63 -10.94 -3.17 -2.76
CA ASP A 63 -9.89 -4.13 -2.38
C ASP A 63 -8.53 -3.81 -3.00
N ILE A 64 -7.50 -3.88 -2.15
CA ILE A 64 -6.12 -3.51 -2.50
C ILE A 64 -5.46 -4.54 -3.43
N GLY A 65 -5.83 -5.80 -3.27
CA GLY A 65 -5.22 -6.86 -4.06
C GLY A 65 -5.62 -6.79 -5.52
N VAL A 66 -6.87 -6.42 -5.76
CA VAL A 66 -7.42 -6.34 -7.12
C VAL A 66 -6.58 -5.43 -8.01
N LEU A 67 -6.12 -4.31 -7.45
CA LEU A 67 -5.35 -3.33 -8.21
C LEU A 67 -4.08 -3.95 -8.78
N ILE A 68 -3.45 -4.82 -8.00
CA ILE A 68 -2.22 -5.50 -8.43
C ILE A 68 -2.51 -6.34 -9.68
N THR A 69 -3.71 -6.91 -9.73
CA THR A 69 -4.11 -7.74 -10.85
C THR A 69 -4.26 -6.89 -12.12
N GLN A 70 -4.62 -5.62 -11.91
CA GLN A 70 -4.76 -4.68 -13.01
C GLN A 70 -3.37 -4.22 -13.47
N MET A 71 -2.54 -3.85 -12.50
CA MET A 71 -1.19 -3.35 -12.76
C MET A 71 -0.34 -4.40 -13.48
N THR A 72 -0.49 -5.66 -13.07
CA THR A 72 0.30 -6.76 -13.63
C THR A 72 0.02 -6.91 -15.13
N ASP A 73 -1.14 -6.43 -15.55
CA ASP A 73 -1.56 -6.52 -16.94
C ASP A 73 -1.22 -5.22 -17.68
N GLU A 74 -1.60 -4.10 -17.08
CA GLU A 74 -1.30 -2.79 -17.63
C GLU A 74 -1.14 -1.79 -16.48
N MET A 75 0.03 -1.17 -16.38
CA MET A 75 0.26 -0.12 -15.40
C MET A 75 -0.47 1.15 -15.84
N PRO A 76 -0.90 1.98 -14.89
CA PRO A 76 -1.72 3.17 -15.18
C PRO A 76 -0.91 4.27 -15.90
N ARG A 77 -0.40 5.24 -15.15
CA ARG A 77 0.39 6.33 -15.71
C ARG A 77 1.42 6.79 -14.69
N GLU A 78 2.54 7.31 -15.16
CA GLU A 78 3.53 7.92 -14.27
C GLU A 78 2.95 9.20 -13.67
N GLU A 79 2.23 9.95 -14.50
CA GLU A 79 1.53 11.15 -14.07
C GLU A 79 0.53 10.80 -12.98
N ASP A 80 -0.16 9.67 -13.16
CA ASP A 80 -1.14 9.18 -12.21
C ASP A 80 -0.44 8.78 -10.91
N ILE A 81 0.66 8.06 -11.04
CA ILE A 81 1.44 7.61 -9.88
C ILE A 81 1.96 8.81 -9.09
N GLU A 82 2.38 9.84 -9.82
CA GLU A 82 2.85 11.07 -9.22
C GLU A 82 1.72 11.76 -8.49
N ARG A 83 0.60 11.92 -9.20
CA ARG A 83 -0.59 12.58 -8.68
C ARG A 83 -1.04 11.95 -7.35
N VAL A 84 -1.09 10.63 -7.32
CA VAL A 84 -1.55 9.92 -6.13
C VAL A 84 -0.50 9.98 -5.01
N ARG A 85 0.76 9.66 -5.33
CA ARG A 85 1.82 9.59 -4.33
C ARG A 85 2.00 10.91 -3.60
N ARG A 86 1.90 12.02 -4.34
CA ARG A 86 2.03 13.35 -3.73
C ARG A 86 0.82 13.65 -2.86
N HIS A 87 -0.35 13.18 -3.30
CA HIS A 87 -1.58 13.31 -2.51
C HIS A 87 -1.42 12.55 -1.20
N LEU A 88 -0.77 11.40 -1.27
CA LEU A 88 -0.51 10.56 -0.09
C LEU A 88 0.61 11.17 0.77
N ALA A 89 1.56 11.82 0.11
CA ALA A 89 2.70 12.44 0.79
C ALA A 89 2.23 13.56 1.72
N LEU A 90 1.00 14.03 1.51
CA LEU A 90 0.39 15.03 2.37
C LEU A 90 0.15 14.45 3.77
N GLN A 91 -0.35 13.21 3.81
CA GLN A 91 -0.54 12.51 5.08
C GLN A 91 0.82 12.07 5.62
N GLY A 92 1.68 11.64 4.70
CA GLY A 92 3.03 11.22 5.08
C GLY A 92 3.65 10.30 4.05
N TRP A 93 4.85 9.81 4.35
CA TRP A 93 5.56 8.92 3.45
C TRP A 93 6.34 7.87 4.26
N PRO A 94 5.64 6.86 4.79
CA PRO A 94 6.27 5.80 5.59
C PRO A 94 7.08 4.84 4.72
N LEU A 95 6.76 4.81 3.43
CA LEU A 95 7.33 3.85 2.47
C LEU A 95 8.87 3.89 2.43
N ASP A 96 9.46 4.99 2.88
CA ASP A 96 10.91 5.17 2.76
C ASP A 96 11.68 4.14 3.58
N ASP A 97 11.15 3.76 4.74
CA ASP A 97 11.83 2.81 5.62
C ASP A 97 10.82 2.03 6.45
N PRO A 98 11.08 0.73 6.70
CA PRO A 98 10.23 -0.07 7.57
C PRO A 98 10.28 0.41 9.01
N ARG A 99 9.13 0.86 9.47
CA ARG A 99 8.98 1.41 10.81
C ARG A 99 9.16 0.31 11.85
N ASP A 100 8.81 -0.91 11.45
CA ASP A 100 8.94 -2.09 12.31
C ASP A 100 10.19 -2.85 11.90
N GLY A 101 11.18 -2.90 12.78
CA GLY A 101 12.48 -3.46 12.44
C GLY A 101 12.55 -4.97 12.62
N GLU A 102 11.79 -5.70 11.82
CA GLU A 102 11.82 -7.16 11.85
C GLU A 102 11.95 -7.71 10.42
N GLU A 103 12.63 -8.85 10.31
CA GLU A 103 12.89 -9.47 9.00
C GLU A 103 11.75 -10.43 8.63
N PRO A 104 10.99 -10.12 7.56
CA PRO A 104 9.99 -11.03 7.02
C PRO A 104 10.63 -12.22 6.30
N ASP A 105 11.77 -11.94 5.66
CA ASP A 105 12.54 -12.96 4.96
C ASP A 105 14.03 -12.75 5.22
N GLY A 106 14.51 -13.27 6.33
CA GLY A 106 15.92 -13.15 6.67
C GLY A 106 16.80 -14.07 5.86
N GLU A 107 16.26 -15.24 5.52
CA GLU A 107 16.97 -16.23 4.70
C GLU A 107 16.05 -16.76 3.61
N SER A 108 14.74 -16.61 3.83
CA SER A 108 13.72 -17.03 2.89
C SER A 108 13.47 -15.93 1.85
N GLY A 109 12.41 -16.10 1.06
CA GLY A 109 12.07 -15.12 0.05
C GLY A 109 13.06 -15.10 -1.09
N GLY A 110 13.56 -16.28 -1.45
CA GLY A 110 14.54 -16.39 -2.52
C GLY A 110 14.52 -17.74 -3.19
N PRO A 111 15.09 -17.86 -4.41
CA PRO A 111 15.13 -19.11 -5.16
C PRO A 111 16.24 -20.04 -4.67
N ARG A 112 16.38 -20.15 -3.36
CA ARG A 112 17.41 -20.96 -2.74
C ARG A 112 16.78 -22.14 -2.00
N GLY A 1 -5.58 7.40 16.75
CA GLY A 1 -6.08 6.47 17.80
C GLY A 1 -5.78 5.02 17.46
N PRO A 2 -5.49 4.18 18.46
CA PRO A 2 -5.19 2.76 18.25
C PRO A 2 -6.39 1.99 17.72
N GLY A 3 -6.13 0.96 16.92
CA GLY A 3 -7.19 0.14 16.37
C GLY A 3 -6.69 -0.75 15.26
N SER A 4 -5.47 -1.25 15.41
CA SER A 4 -4.82 -2.07 14.40
C SER A 4 -4.32 -3.38 15.02
N MET A 5 -4.06 -4.37 14.17
CA MET A 5 -3.57 -5.67 14.62
C MET A 5 -2.18 -5.96 14.03
N VAL A 6 -1.91 -5.38 12.87
CA VAL A 6 -0.69 -5.67 12.12
C VAL A 6 0.56 -5.01 12.73
N ASN A 7 1.67 -5.15 11.98
CA ASN A 7 2.98 -4.63 12.33
C ASN A 7 2.95 -3.11 12.58
N ALA A 8 4.08 -2.59 13.06
CA ALA A 8 4.24 -1.15 13.25
C ALA A 8 4.27 -0.44 11.89
N PHE A 9 5.14 -0.89 11.00
CA PHE A 9 5.25 -0.31 9.66
C PHE A 9 3.94 -0.49 8.91
N LEU A 10 3.37 -1.69 9.03
CA LEU A 10 2.12 -2.02 8.36
C LEU A 10 0.97 -1.13 8.86
N ALA A 11 0.83 -1.03 10.19
CA ALA A 11 -0.17 -0.14 10.79
C ALA A 11 0.03 1.30 10.30
N LYS A 12 1.29 1.72 10.20
CA LYS A 12 1.62 3.04 9.68
C LYS A 12 1.07 3.22 8.27
N ILE A 13 1.27 2.20 7.43
CA ILE A 13 0.75 2.22 6.05
C ILE A 13 -0.77 2.34 6.05
N ALA A 14 -1.41 1.53 6.89
CA ALA A 14 -2.87 1.51 6.98
C ALA A 14 -3.42 2.88 7.36
N ALA A 15 -2.84 3.48 8.40
CA ALA A 15 -3.26 4.79 8.87
C ALA A 15 -2.96 5.88 7.83
N TRP A 16 -1.79 5.75 7.22
CA TRP A 16 -1.33 6.66 6.17
C TRP A 16 -2.34 6.72 5.02
N LEU A 17 -2.79 5.55 4.59
CA LEU A 17 -3.78 5.44 3.51
C LEU A 17 -5.16 5.87 3.98
N ASN A 18 -5.59 5.32 5.11
CA ASN A 18 -6.95 5.55 5.62
C ASN A 18 -7.16 7.04 5.91
N ALA A 19 -6.11 7.72 6.33
CA ALA A 19 -6.17 9.16 6.61
C ALA A 19 -6.50 9.94 5.35
N GLY A 20 -5.90 9.53 4.23
CA GLY A 20 -6.11 10.21 2.97
C GLY A 20 -7.37 9.74 2.28
N TYR A 21 -7.83 8.54 2.62
CA TYR A 21 -9.05 7.97 2.04
C TYR A 21 -9.93 7.33 3.10
N PRO A 22 -10.65 8.15 3.91
CA PRO A 22 -11.60 7.64 4.89
C PRO A 22 -12.90 7.19 4.22
N GLU A 23 -13.15 7.74 3.04
CA GLU A 23 -14.34 7.42 2.25
C GLU A 23 -14.05 6.31 1.24
N GLY A 24 -12.78 6.18 0.85
CA GLY A 24 -12.38 5.19 -0.12
C GLY A 24 -11.58 5.81 -1.26
N VAL A 25 -10.89 4.97 -2.02
CA VAL A 25 -10.06 5.43 -3.13
C VAL A 25 -10.75 5.12 -4.46
N PRO A 26 -10.84 6.10 -5.38
CA PRO A 26 -11.40 5.87 -6.73
C PRO A 26 -10.41 5.10 -7.61
N GLY A 27 -10.91 4.41 -8.63
CA GLY A 27 -10.10 3.58 -9.50
C GLY A 27 -8.85 4.28 -10.04
N PRO A 28 -9.02 5.44 -10.73
CA PRO A 28 -7.90 6.19 -11.32
C PRO A 28 -6.84 6.59 -10.30
N ASP A 29 -7.16 6.45 -9.02
CA ASP A 29 -6.21 6.70 -7.94
C ASP A 29 -5.73 5.38 -7.34
N ARG A 30 -6.61 4.38 -7.34
CA ARG A 30 -6.28 3.06 -6.78
C ARG A 30 -5.15 2.40 -7.54
N VAL A 31 -5.31 2.29 -8.86
CA VAL A 31 -4.32 1.57 -9.68
C VAL A 31 -2.91 2.17 -9.52
N PRO A 32 -2.75 3.50 -9.68
CA PRO A 32 -1.45 4.16 -9.46
C PRO A 32 -1.01 4.13 -8.00
N LEU A 33 -1.97 4.16 -7.07
CA LEU A 33 -1.65 4.07 -5.64
C LEU A 33 -0.88 2.79 -5.36
N LEU A 34 -1.41 1.68 -5.87
CA LEU A 34 -0.77 0.39 -5.70
C LEU A 34 0.51 0.32 -6.52
N ALA A 35 0.47 0.87 -7.73
CA ALA A 35 1.64 0.87 -8.59
C ALA A 35 2.84 1.47 -7.86
N LEU A 36 2.59 2.57 -7.18
CA LEU A 36 3.61 3.26 -6.39
C LEU A 36 3.95 2.47 -5.12
N LEU A 37 2.91 2.01 -4.43
CA LEU A 37 3.05 1.34 -3.13
C LEU A 37 3.83 0.02 -3.24
N THR A 38 3.40 -0.85 -4.15
CA THR A 38 3.92 -2.23 -4.22
C THR A 38 5.38 -2.28 -4.65
N ARG A 39 5.92 -1.14 -5.09
CA ARG A 39 7.31 -1.07 -5.53
C ARG A 39 8.25 -1.58 -4.45
N ARG A 40 8.12 -1.04 -3.25
CA ARG A 40 9.01 -1.39 -2.15
C ARG A 40 8.38 -2.38 -1.17
N LEU A 41 7.09 -2.21 -0.85
CA LEU A 41 6.40 -3.11 0.08
C LEU A 41 6.30 -4.52 -0.50
N THR A 42 6.52 -5.52 0.35
CA THR A 42 6.42 -6.91 -0.05
C THR A 42 4.95 -7.31 -0.27
N ASN A 43 4.73 -8.42 -0.97
CA ASN A 43 3.38 -8.93 -1.19
C ASN A 43 2.73 -9.25 0.15
N ASP A 44 3.54 -9.78 1.08
CA ASP A 44 3.07 -10.09 2.42
C ASP A 44 2.55 -8.84 3.12
N GLU A 45 3.30 -7.74 2.99
CA GLU A 45 2.93 -6.49 3.62
C GLU A 45 1.66 -5.89 3.01
N ILE A 46 1.64 -5.75 1.68
CA ILE A 46 0.46 -5.19 1.01
C ILE A 46 -0.78 -6.00 1.39
N LYS A 47 -0.64 -7.33 1.43
CA LYS A 47 -1.75 -8.19 1.87
C LYS A 47 -2.10 -7.91 3.32
N ALA A 48 -1.08 -7.79 4.17
CA ALA A 48 -1.29 -7.52 5.59
C ALA A 48 -2.15 -6.27 5.77
N ILE A 49 -1.95 -5.29 4.89
CA ILE A 49 -2.77 -4.08 4.88
C ILE A 49 -4.23 -4.44 4.65
N ALA A 50 -4.49 -5.33 3.71
CA ALA A 50 -5.84 -5.76 3.38
C ALA A 50 -6.45 -6.49 4.57
N GLU A 51 -5.68 -7.42 5.10
CA GLU A 51 -6.08 -8.26 6.23
C GLU A 51 -6.44 -7.39 7.44
N ASP A 52 -5.74 -6.29 7.61
CA ASP A 52 -6.00 -5.36 8.70
C ASP A 52 -7.25 -4.52 8.42
N LEU A 53 -7.30 -3.94 7.23
CA LEU A 53 -8.38 -3.01 6.85
C LEU A 53 -9.74 -3.70 6.74
N GLU A 54 -9.77 -4.92 6.22
CA GLU A 54 -11.03 -5.61 5.92
C GLU A 54 -11.92 -5.72 7.16
N LYS A 55 -11.29 -5.76 8.33
CA LYS A 55 -12.04 -5.86 9.59
C LYS A 55 -12.81 -4.57 9.88
N ARG A 56 -12.28 -3.46 9.39
CA ARG A 56 -12.94 -2.15 9.52
C ARG A 56 -13.88 -1.93 8.33
N ALA A 57 -13.47 -2.48 7.19
CA ALA A 57 -14.16 -2.25 5.93
C ALA A 57 -15.47 -3.02 5.87
N HIS A 58 -16.39 -2.52 5.05
CA HIS A 58 -17.65 -3.20 4.81
C HIS A 58 -17.54 -4.05 3.55
N PHE A 59 -16.30 -4.50 3.30
CA PHE A 59 -15.96 -5.31 2.14
C PHE A 59 -16.21 -4.53 0.85
N ASP A 60 -15.85 -3.25 0.91
CA ASP A 60 -15.99 -2.33 -0.21
C ASP A 60 -15.22 -2.84 -1.42
N HIS A 61 -15.65 -2.42 -2.61
CA HIS A 61 -15.01 -2.85 -3.86
C HIS A 61 -13.79 -1.99 -4.18
N ILE A 62 -13.17 -1.43 -3.14
CA ILE A 62 -11.93 -0.67 -3.27
C ILE A 62 -10.74 -1.56 -2.94
N ASP A 63 -10.99 -2.88 -2.93
CA ASP A 63 -10.00 -3.92 -2.58
C ASP A 63 -8.61 -3.58 -3.11
N ILE A 64 -7.62 -3.66 -2.23
CA ILE A 64 -6.24 -3.28 -2.52
C ILE A 64 -5.54 -4.34 -3.40
N GLY A 65 -5.87 -5.60 -3.17
CA GLY A 65 -5.23 -6.69 -3.88
C GLY A 65 -5.52 -6.68 -5.38
N VAL A 66 -6.78 -6.41 -5.75
CA VAL A 66 -7.20 -6.47 -7.16
C VAL A 66 -6.36 -5.51 -8.03
N LEU A 67 -6.00 -4.36 -7.47
CA LEU A 67 -5.21 -3.38 -8.21
C LEU A 67 -3.91 -3.99 -8.74
N ILE A 68 -3.26 -4.79 -7.89
CA ILE A 68 -2.00 -5.43 -8.27
C ILE A 68 -2.18 -6.33 -9.49
N THR A 69 -3.34 -6.97 -9.57
CA THR A 69 -3.64 -7.89 -10.66
C THR A 69 -3.77 -7.11 -11.97
N GLN A 70 -4.23 -5.87 -11.86
CA GLN A 70 -4.35 -4.98 -13.02
C GLN A 70 -2.98 -4.44 -13.40
N MET A 71 -2.26 -3.91 -12.41
CA MET A 71 -0.93 -3.33 -12.61
C MET A 71 0.04 -4.31 -13.24
N THR A 72 0.04 -5.54 -12.72
CA THR A 72 0.99 -6.56 -13.13
C THR A 72 0.84 -6.86 -14.62
N ASP A 73 -0.35 -6.58 -15.15
CA ASP A 73 -0.64 -6.84 -16.55
C ASP A 73 -0.44 -5.57 -17.38
N GLU A 74 -1.04 -4.48 -16.92
CA GLU A 74 -0.94 -3.19 -17.58
C GLU A 74 -1.00 -2.05 -16.55
N MET A 75 0.10 -1.30 -16.43
CA MET A 75 0.17 -0.18 -15.48
C MET A 75 -0.70 0.98 -15.95
N PRO A 76 -1.15 1.85 -15.02
CA PRO A 76 -2.06 2.96 -15.34
C PRO A 76 -1.36 4.14 -16.05
N ARG A 77 -1.02 5.19 -15.30
CA ARG A 77 -0.43 6.41 -15.86
C ARG A 77 0.58 7.00 -14.90
N GLU A 78 1.61 7.62 -15.45
CA GLU A 78 2.63 8.30 -14.65
C GLU A 78 2.02 9.51 -13.96
N GLU A 79 1.28 10.30 -14.73
CA GLU A 79 0.62 11.49 -14.21
C GLU A 79 -0.33 11.13 -13.07
N ASP A 80 -0.94 9.96 -13.16
CA ASP A 80 -1.84 9.49 -12.11
C ASP A 80 -1.04 9.04 -10.90
N ILE A 81 0.08 8.35 -11.15
CA ILE A 81 0.97 7.89 -10.07
C ILE A 81 1.50 9.07 -9.27
N GLU A 82 1.92 10.15 -9.95
CA GLU A 82 2.46 11.31 -9.26
C GLU A 82 1.37 12.00 -8.43
N ARG A 83 0.19 12.13 -9.02
CA ARG A 83 -0.94 12.80 -8.36
C ARG A 83 -1.35 12.07 -7.09
N VAL A 84 -1.43 10.74 -7.17
CA VAL A 84 -1.84 9.96 -6.01
C VAL A 84 -0.74 9.95 -4.94
N ARG A 85 0.49 9.59 -5.33
CA ARG A 85 1.59 9.46 -4.39
C ARG A 85 1.84 10.79 -3.67
N ARG A 86 1.78 11.89 -4.40
CA ARG A 86 2.01 13.22 -3.81
C ARG A 86 0.93 13.55 -2.78
N HIS A 87 -0.30 13.16 -3.10
CA HIS A 87 -1.43 13.39 -2.21
C HIS A 87 -1.29 12.55 -0.95
N LEU A 88 -0.69 11.37 -1.12
CA LEU A 88 -0.41 10.47 -0.02
C LEU A 88 0.79 10.98 0.80
N ALA A 89 1.74 11.62 0.12
CA ALA A 89 2.93 12.17 0.77
C ALA A 89 2.54 13.23 1.82
N LEU A 90 1.37 13.82 1.63
CA LEU A 90 0.83 14.80 2.56
C LEU A 90 0.56 14.15 3.92
N GLN A 91 0.09 12.90 3.89
CA GLN A 91 -0.13 12.13 5.10
C GLN A 91 1.20 11.57 5.60
N GLY A 92 2.07 11.25 4.64
CA GLY A 92 3.40 10.74 4.98
C GLY A 92 4.02 9.96 3.85
N TRP A 93 5.30 9.63 3.98
CA TRP A 93 6.00 8.85 2.97
C TRP A 93 6.83 7.75 3.66
N PRO A 94 6.15 6.67 4.07
CA PRO A 94 6.78 5.57 4.82
C PRO A 94 7.59 4.63 3.92
N LEU A 95 7.38 4.74 2.62
CA LEU A 95 8.04 3.85 1.65
C LEU A 95 9.56 3.98 1.68
N ASP A 96 10.07 5.07 2.25
CA ASP A 96 11.51 5.31 2.26
C ASP A 96 12.12 4.99 3.62
N ASP A 97 11.26 4.76 4.61
CA ASP A 97 11.68 4.40 5.96
C ASP A 97 10.99 3.13 6.42
N PRO A 98 11.61 1.96 6.16
CA PRO A 98 11.01 0.67 6.45
C PRO A 98 11.22 0.23 7.90
N ARG A 99 10.32 -0.63 8.39
CA ARG A 99 10.47 -1.24 9.71
C ARG A 99 11.78 -1.99 9.81
N ASP A 100 12.04 -2.78 8.80
CA ASP A 100 13.26 -3.58 8.70
C ASP A 100 14.08 -3.16 7.49
N GLY A 101 15.39 -3.28 7.59
CA GLY A 101 16.28 -2.85 6.54
C GLY A 101 17.50 -3.75 6.44
N GLU A 102 17.44 -4.69 5.51
CA GLU A 102 18.49 -5.68 5.31
C GLU A 102 19.88 -5.03 5.23
N GLU A 103 20.60 -5.04 6.34
CA GLU A 103 21.97 -4.52 6.39
C GLU A 103 23.01 -5.64 6.55
N PRO A 104 22.86 -6.51 7.58
CA PRO A 104 23.81 -7.62 7.81
C PRO A 104 23.46 -8.85 6.96
N ASP A 105 22.40 -8.73 6.18
CA ASP A 105 21.94 -9.81 5.31
C ASP A 105 22.78 -9.88 4.04
N GLY A 106 24.06 -10.19 4.22
CA GLY A 106 24.99 -10.31 3.12
C GLY A 106 26.16 -11.19 3.47
N GLU A 107 25.89 -12.23 4.27
CA GLU A 107 26.91 -13.15 4.71
C GLU A 107 27.38 -14.02 3.55
N SER A 108 28.55 -13.71 3.03
CA SER A 108 29.14 -14.45 1.91
C SER A 108 30.04 -15.55 2.44
N GLY A 109 29.61 -16.80 2.29
CA GLY A 109 30.41 -17.93 2.75
C GLY A 109 29.60 -19.21 2.83
N GLY A 110 30.08 -20.13 3.65
CA GLY A 110 29.43 -21.42 3.82
C GLY A 110 30.04 -22.22 4.95
N PRO A 111 29.85 -23.55 4.96
CA PRO A 111 30.38 -24.41 6.01
C PRO A 111 31.90 -24.56 5.90
N ARG A 112 32.62 -23.73 6.64
CA ARG A 112 34.09 -23.76 6.66
C ARG A 112 34.57 -25.03 7.36
N GLY A 1 -6.48 -2.95 23.57
CA GLY A 1 -6.99 -2.04 22.51
C GLY A 1 -7.02 -2.72 21.15
N PRO A 2 -5.91 -2.68 20.39
CA PRO A 2 -5.79 -3.40 19.12
C PRO A 2 -5.65 -4.92 19.34
N GLY A 3 -5.23 -5.61 18.28
CA GLY A 3 -5.10 -7.06 18.34
C GLY A 3 -5.23 -7.67 16.97
N SER A 4 -6.35 -7.39 16.31
CA SER A 4 -6.56 -7.79 14.93
C SER A 4 -6.02 -6.69 13.99
N MET A 5 -4.71 -6.51 14.03
CA MET A 5 -4.04 -5.50 13.21
C MET A 5 -2.70 -6.06 12.72
N VAL A 6 -1.76 -5.19 12.36
CA VAL A 6 -0.48 -5.61 11.79
C VAL A 6 0.71 -4.89 12.40
N ASN A 7 1.87 -5.16 11.79
CA ASN A 7 3.16 -4.55 12.11
C ASN A 7 3.03 -3.05 12.37
N ALA A 8 3.96 -2.50 13.14
CA ALA A 8 4.04 -1.07 13.38
C ALA A 8 4.04 -0.31 12.05
N PHE A 9 4.94 -0.71 11.14
CA PHE A 9 5.02 -0.09 9.82
C PHE A 9 3.68 -0.20 9.08
N LEU A 10 3.19 -1.43 8.96
CA LEU A 10 2.00 -1.72 8.17
C LEU A 10 0.76 -1.00 8.76
N ALA A 11 0.61 -1.04 10.08
CA ALA A 11 -0.46 -0.31 10.75
C ALA A 11 -0.40 1.18 10.43
N LYS A 12 0.82 1.73 10.44
CA LYS A 12 1.03 3.13 10.06
C LYS A 12 0.59 3.34 8.61
N ILE A 13 0.86 2.35 7.76
CA ILE A 13 0.45 2.42 6.36
C ILE A 13 -1.07 2.46 6.25
N ALA A 14 -1.74 1.60 7.01
CA ALA A 14 -3.20 1.53 7.03
C ALA A 14 -3.79 2.88 7.43
N ALA A 15 -3.27 3.45 8.51
CA ALA A 15 -3.76 4.75 9.01
C ALA A 15 -3.43 5.86 8.03
N TRP A 16 -2.20 5.85 7.53
CA TRP A 16 -1.72 6.82 6.56
C TRP A 16 -2.62 6.84 5.31
N LEU A 17 -2.96 5.64 4.84
CA LEU A 17 -3.85 5.49 3.69
C LEU A 17 -5.29 5.85 4.05
N ASN A 18 -5.73 5.45 5.23
CA ASN A 18 -7.08 5.72 5.68
C ASN A 18 -7.31 7.22 5.84
N ALA A 19 -6.25 7.92 6.22
CA ALA A 19 -6.29 9.38 6.35
C ALA A 19 -6.26 10.03 4.97
N GLY A 20 -5.52 9.41 4.05
CA GLY A 20 -5.46 9.91 2.69
C GLY A 20 -6.76 9.64 1.93
N TYR A 21 -7.45 8.58 2.33
CA TYR A 21 -8.72 8.20 1.72
C TYR A 21 -9.73 7.77 2.77
N PRO A 22 -10.33 8.74 3.50
CA PRO A 22 -11.40 8.45 4.46
C PRO A 22 -12.70 8.09 3.73
N GLU A 23 -12.66 8.22 2.41
CA GLU A 23 -13.80 7.94 1.54
C GLU A 23 -13.51 6.74 0.64
N GLY A 24 -12.39 6.05 0.91
CA GLY A 24 -11.95 5.00 0.01
C GLY A 24 -11.24 5.57 -1.19
N VAL A 25 -10.47 4.74 -1.89
CA VAL A 25 -9.73 5.18 -3.05
C VAL A 25 -10.54 4.93 -4.33
N PRO A 26 -10.75 5.95 -5.19
CA PRO A 26 -11.41 5.76 -6.49
C PRO A 26 -10.48 5.03 -7.46
N GLY A 27 -11.07 4.30 -8.40
CA GLY A 27 -10.31 3.45 -9.31
C GLY A 27 -9.08 4.12 -9.93
N PRO A 28 -9.26 5.29 -10.60
CA PRO A 28 -8.16 6.02 -11.25
C PRO A 28 -7.02 6.33 -10.30
N ASP A 29 -7.31 6.27 -9.00
CA ASP A 29 -6.30 6.45 -7.97
C ASP A 29 -5.87 5.10 -7.40
N ARG A 30 -6.78 4.10 -7.45
CA ARG A 30 -6.48 2.77 -6.91
C ARG A 30 -5.34 2.13 -7.67
N VAL A 31 -5.47 2.10 -9.01
CA VAL A 31 -4.49 1.41 -9.84
C VAL A 31 -3.07 1.96 -9.57
N PRO A 32 -2.86 3.30 -9.66
CA PRO A 32 -1.56 3.91 -9.38
C PRO A 32 -1.18 3.82 -7.90
N LEU A 33 -2.18 3.81 -7.01
CA LEU A 33 -1.93 3.69 -5.58
C LEU A 33 -1.17 2.40 -5.29
N LEU A 34 -1.67 1.30 -5.85
CA LEU A 34 -1.01 0.01 -5.71
C LEU A 34 0.29 -0.01 -6.49
N ALA A 35 0.27 0.56 -7.69
CA ALA A 35 1.47 0.63 -8.50
C ALA A 35 2.62 1.26 -7.72
N LEU A 36 2.29 2.29 -6.96
CA LEU A 36 3.25 3.00 -6.12
C LEU A 36 3.66 2.13 -4.91
N LEU A 37 2.68 1.63 -4.18
CA LEU A 37 2.93 0.86 -2.96
C LEU A 37 3.79 -0.38 -3.22
N THR A 38 3.39 -1.19 -4.20
CA THR A 38 4.03 -2.49 -4.44
C THR A 38 5.49 -2.35 -4.83
N ARG A 39 5.91 -1.13 -5.12
CA ARG A 39 7.31 -0.86 -5.44
C ARG A 39 8.18 -1.07 -4.20
N ARG A 40 7.67 -0.64 -3.05
CA ARG A 40 8.46 -0.60 -1.82
C ARG A 40 7.88 -1.50 -0.74
N LEU A 41 6.69 -2.04 -0.99
CA LEU A 41 6.07 -3.03 -0.08
C LEU A 41 5.94 -4.38 -0.80
N THR A 42 6.15 -5.45 -0.04
CA THR A 42 6.05 -6.81 -0.56
C THR A 42 4.58 -7.22 -0.74
N ASN A 43 4.37 -8.40 -1.32
CA ASN A 43 3.02 -8.95 -1.48
C ASN A 43 2.43 -9.26 -0.12
N ASP A 44 3.27 -9.78 0.77
CA ASP A 44 2.86 -10.10 2.13
C ASP A 44 2.43 -8.82 2.86
N GLU A 45 3.17 -7.74 2.65
CA GLU A 45 2.86 -6.45 3.28
C GLU A 45 1.55 -5.87 2.75
N ILE A 46 1.40 -5.80 1.42
CA ILE A 46 0.17 -5.26 0.83
C ILE A 46 -1.05 -6.05 1.32
N LYS A 47 -0.94 -7.38 1.32
CA LYS A 47 -2.00 -8.22 1.90
C LYS A 47 -2.23 -7.87 3.35
N ALA A 48 -1.14 -7.75 4.12
CA ALA A 48 -1.21 -7.43 5.54
C ALA A 48 -2.05 -6.18 5.76
N ILE A 49 -1.89 -5.21 4.86
CA ILE A 49 -2.72 -4.01 4.87
C ILE A 49 -4.19 -4.39 4.69
N ALA A 50 -4.48 -5.16 3.64
CA ALA A 50 -5.84 -5.57 3.34
C ALA A 50 -6.47 -6.25 4.55
N GLU A 51 -5.69 -7.10 5.21
CA GLU A 51 -6.16 -7.86 6.37
C GLU A 51 -6.61 -6.93 7.48
N ASP A 52 -5.93 -5.80 7.61
CA ASP A 52 -6.27 -4.81 8.63
C ASP A 52 -7.58 -4.11 8.26
N LEU A 53 -7.63 -3.60 7.04
CA LEU A 53 -8.74 -2.77 6.58
C LEU A 53 -10.05 -3.55 6.49
N GLU A 54 -9.99 -4.81 6.07
CA GLU A 54 -11.19 -5.64 5.97
C GLU A 54 -11.80 -5.86 7.36
N LYS A 55 -10.95 -5.86 8.39
CA LYS A 55 -11.42 -5.98 9.77
C LYS A 55 -11.98 -4.64 10.28
N ARG A 56 -11.88 -3.60 9.44
CA ARG A 56 -12.46 -2.30 9.74
C ARG A 56 -13.82 -2.20 9.05
N ALA A 57 -13.90 -2.75 7.85
CA ALA A 57 -15.14 -2.80 7.08
C ALA A 57 -15.03 -3.83 5.96
N HIS A 58 -15.74 -4.96 6.09
CA HIS A 58 -15.71 -6.02 5.10
C HIS A 58 -16.47 -5.62 3.83
N PHE A 59 -17.19 -4.51 3.91
CA PHE A 59 -17.94 -3.99 2.78
C PHE A 59 -17.02 -3.20 1.83
N ASP A 60 -15.75 -3.08 2.22
CA ASP A 60 -14.76 -2.36 1.42
C ASP A 60 -14.58 -3.00 0.05
N HIS A 61 -14.56 -2.17 -0.99
CA HIS A 61 -14.32 -2.64 -2.35
C HIS A 61 -13.22 -1.84 -3.05
N ILE A 62 -12.25 -1.33 -2.29
CA ILE A 62 -11.12 -0.64 -2.93
C ILE A 62 -10.18 -1.66 -3.57
N ASP A 63 -10.46 -2.95 -3.29
CA ASP A 63 -9.86 -4.08 -4.03
C ASP A 63 -8.34 -3.99 -4.08
N ILE A 64 -7.72 -3.63 -2.96
CA ILE A 64 -6.28 -3.39 -2.90
C ILE A 64 -5.47 -4.48 -3.61
N GLY A 65 -5.85 -5.74 -3.37
CA GLY A 65 -5.13 -6.87 -3.97
C GLY A 65 -5.37 -7.00 -5.47
N VAL A 66 -6.54 -6.55 -5.93
CA VAL A 66 -6.93 -6.70 -7.33
C VAL A 66 -6.15 -5.76 -8.23
N LEU A 67 -5.89 -4.54 -7.76
CA LEU A 67 -5.14 -3.56 -8.55
C LEU A 67 -3.77 -4.11 -8.95
N ILE A 68 -3.21 -4.97 -8.10
CA ILE A 68 -1.92 -5.61 -8.40
C ILE A 68 -2.00 -6.37 -9.73
N THR A 69 -3.14 -7.00 -9.96
CA THR A 69 -3.38 -7.76 -11.18
C THR A 69 -3.51 -6.81 -12.37
N GLN A 70 -3.95 -5.60 -12.06
CA GLN A 70 -4.12 -4.55 -13.06
C GLN A 70 -2.78 -4.04 -13.54
N MET A 71 -1.94 -3.63 -12.60
CA MET A 71 -0.64 -3.01 -12.90
C MET A 71 0.23 -3.94 -13.76
N THR A 72 0.21 -5.22 -13.44
CA THR A 72 1.07 -6.19 -14.10
C THR A 72 0.64 -6.40 -15.56
N ASP A 73 -0.62 -6.10 -15.83
CA ASP A 73 -1.20 -6.30 -17.16
C ASP A 73 -1.18 -5.01 -17.96
N GLU A 74 -1.50 -3.91 -17.27
CA GLU A 74 -1.54 -2.59 -17.87
C GLU A 74 -1.16 -1.53 -16.85
N MET A 75 -0.13 -0.75 -17.16
CA MET A 75 0.24 0.39 -16.32
C MET A 75 -0.73 1.55 -16.57
N PRO A 76 -1.34 2.09 -15.50
CA PRO A 76 -2.32 3.18 -15.61
C PRO A 76 -1.70 4.45 -16.21
N ARG A 77 -1.09 5.27 -15.36
CA ARG A 77 -0.39 6.48 -15.77
C ARG A 77 0.65 6.83 -14.72
N GLU A 78 1.88 7.08 -15.16
CA GLU A 78 2.94 7.50 -14.24
C GLU A 78 2.56 8.83 -13.60
N GLU A 79 1.82 9.63 -14.36
CA GLU A 79 1.28 10.89 -13.87
C GLU A 79 0.35 10.64 -12.68
N ASP A 80 -0.54 9.65 -12.82
CA ASP A 80 -1.45 9.28 -11.74
C ASP A 80 -0.67 8.72 -10.56
N ILE A 81 0.39 7.96 -10.85
CA ILE A 81 1.22 7.36 -9.82
C ILE A 81 1.85 8.43 -8.94
N GLU A 82 2.42 9.45 -9.57
CA GLU A 82 3.03 10.54 -8.81
C GLU A 82 1.96 11.43 -8.18
N ARG A 83 0.83 11.55 -8.87
CA ARG A 83 -0.32 12.33 -8.37
C ARG A 83 -0.83 11.72 -7.07
N VAL A 84 -0.96 10.40 -7.04
CA VAL A 84 -1.46 9.71 -5.86
C VAL A 84 -0.40 9.70 -4.76
N ARG A 85 0.85 9.39 -5.10
CA ARG A 85 1.93 9.34 -4.11
C ARG A 85 2.08 10.69 -3.39
N ARG A 86 1.98 11.80 -4.13
CA ARG A 86 2.07 13.13 -3.51
C ARG A 86 0.83 13.42 -2.68
N HIS A 87 -0.33 13.00 -3.19
CA HIS A 87 -1.59 13.11 -2.47
C HIS A 87 -1.45 12.41 -1.11
N LEU A 88 -0.79 11.27 -1.13
CA LEU A 88 -0.51 10.48 0.06
C LEU A 88 0.59 11.12 0.91
N ALA A 89 1.57 11.71 0.23
CA ALA A 89 2.70 12.38 0.90
C ALA A 89 2.21 13.53 1.75
N LEU A 90 1.02 14.02 1.45
CA LEU A 90 0.37 15.05 2.26
C LEU A 90 0.21 14.57 3.70
N GLN A 91 -0.21 13.31 3.84
CA GLN A 91 -0.35 12.68 5.16
C GLN A 91 1.02 12.23 5.66
N GLY A 92 1.85 11.75 4.73
CA GLY A 92 3.19 11.32 5.09
C GLY A 92 3.78 10.36 4.08
N TRP A 93 5.01 9.91 4.32
CA TRP A 93 5.68 8.97 3.43
C TRP A 93 6.46 7.94 4.24
N PRO A 94 5.76 6.93 4.80
CA PRO A 94 6.40 5.86 5.58
C PRO A 94 7.23 4.93 4.69
N LEU A 95 6.90 4.91 3.40
CA LEU A 95 7.57 4.04 2.42
C LEU A 95 9.07 4.35 2.32
N ASP A 96 9.50 5.43 2.95
CA ASP A 96 10.92 5.79 2.96
C ASP A 96 11.75 4.71 3.62
N ASP A 97 11.21 4.10 4.68
CA ASP A 97 11.97 3.13 5.47
C ASP A 97 11.04 2.31 6.38
N PRO A 98 11.07 0.96 6.25
CA PRO A 98 10.30 0.06 7.11
C PRO A 98 10.58 0.31 8.59
N ARG A 99 9.53 0.29 9.41
CA ARG A 99 9.67 0.59 10.83
C ARG A 99 10.30 -0.58 11.59
N ASP A 100 10.06 -1.79 11.11
CA ASP A 100 10.66 -2.99 11.70
C ASP A 100 10.44 -4.20 10.79
N GLY A 101 11.50 -4.96 10.52
CA GLY A 101 11.40 -6.13 9.67
C GLY A 101 12.76 -6.66 9.25
N GLU A 102 13.67 -6.81 10.22
CA GLU A 102 14.99 -7.37 9.96
C GLU A 102 15.05 -8.84 10.42
N GLU A 103 15.72 -9.67 9.62
CA GLU A 103 15.96 -11.07 9.99
C GLU A 103 17.40 -11.47 9.64
N PRO A 104 18.08 -12.23 10.50
CA PRO A 104 19.41 -12.77 10.20
C PRO A 104 19.33 -13.82 9.09
N ASP A 105 18.39 -14.75 9.26
CA ASP A 105 18.11 -15.79 8.26
C ASP A 105 16.88 -16.59 8.70
N GLY A 106 16.03 -16.95 7.75
CA GLY A 106 14.85 -17.72 8.05
C GLY A 106 13.60 -17.08 7.49
N GLU A 107 12.47 -17.37 8.10
CA GLU A 107 11.19 -16.78 7.70
C GLU A 107 10.35 -16.44 8.92
N SER A 108 10.98 -16.52 10.08
CA SER A 108 10.33 -16.29 11.38
C SER A 108 11.36 -15.89 12.43
N GLY A 109 12.40 -15.19 11.97
CA GLY A 109 13.49 -14.81 12.85
C GLY A 109 13.16 -13.58 13.70
N GLY A 110 14.06 -12.62 13.71
CA GLY A 110 13.85 -11.40 14.48
C GLY A 110 15.03 -10.46 14.36
N PRO A 111 15.25 -9.59 15.38
CA PRO A 111 16.35 -8.63 15.37
C PRO A 111 17.67 -9.21 14.87
N ARG A 112 18.03 -8.82 13.64
CA ARG A 112 19.27 -9.25 13.01
C ARG A 112 20.48 -8.84 13.84
N GLY A 1 -13.12 -0.28 18.10
CA GLY A 1 -13.66 -0.54 16.75
C GLY A 1 -12.86 -1.58 15.99
N PRO A 2 -11.87 -1.15 15.17
CA PRO A 2 -11.03 -2.08 14.40
C PRO A 2 -10.15 -2.93 15.31
N GLY A 3 -10.55 -4.18 15.51
CA GLY A 3 -9.78 -5.11 16.33
C GLY A 3 -8.75 -5.85 15.50
N SER A 4 -7.64 -5.18 15.22
CA SER A 4 -6.56 -5.76 14.44
C SER A 4 -5.22 -5.17 14.86
N MET A 5 -4.13 -5.69 14.31
CA MET A 5 -2.80 -5.19 14.56
C MET A 5 -1.81 -5.76 13.56
N VAL A 6 -0.85 -4.94 13.15
CA VAL A 6 0.16 -5.31 12.18
C VAL A 6 1.49 -4.65 12.52
N ASN A 7 2.54 -5.07 11.84
CA ASN A 7 3.88 -4.48 11.96
C ASN A 7 3.81 -2.96 11.87
N ALA A 8 4.75 -2.28 12.52
CA ALA A 8 4.74 -0.82 12.62
C ALA A 8 4.60 -0.16 11.25
N PHE A 9 5.40 -0.62 10.29
CA PHE A 9 5.36 -0.11 8.92
C PHE A 9 3.96 -0.25 8.32
N LEU A 10 3.35 -1.40 8.55
CA LEU A 10 2.05 -1.72 7.96
C LEU A 10 0.95 -0.89 8.62
N ALA A 11 1.02 -0.75 9.94
CA ALA A 11 0.09 0.11 10.67
C ALA A 11 0.28 1.56 10.22
N LYS A 12 1.53 1.89 9.90
CA LYS A 12 1.89 3.21 9.40
C LYS A 12 1.19 3.46 8.07
N ILE A 13 1.28 2.47 7.18
CA ILE A 13 0.64 2.53 5.86
C ILE A 13 -0.88 2.66 6.01
N ALA A 14 -1.45 1.79 6.83
CA ALA A 14 -2.89 1.74 7.03
C ALA A 14 -3.44 3.10 7.51
N ALA A 15 -2.82 3.65 8.55
CA ALA A 15 -3.23 4.95 9.08
C ALA A 15 -2.97 6.07 8.07
N TRP A 16 -1.79 6.02 7.46
CA TRP A 16 -1.37 6.99 6.43
C TRP A 16 -2.40 7.06 5.29
N LEU A 17 -2.84 5.91 4.83
CA LEU A 17 -3.83 5.83 3.77
C LEU A 17 -5.21 6.27 4.27
N ASN A 18 -5.62 5.72 5.40
CA ASN A 18 -6.94 6.01 5.97
C ASN A 18 -7.07 7.49 6.33
N ALA A 19 -5.93 8.15 6.54
CA ALA A 19 -5.92 9.58 6.85
C ALA A 19 -6.25 10.41 5.62
N GLY A 20 -5.92 9.89 4.44
CA GLY A 20 -6.21 10.58 3.19
C GLY A 20 -7.49 10.10 2.54
N TYR A 21 -7.85 8.84 2.82
CA TYR A 21 -9.07 8.24 2.28
C TYR A 21 -9.84 7.55 3.42
N PRO A 22 -10.67 8.32 4.17
CA PRO A 22 -11.39 7.80 5.34
C PRO A 22 -12.53 6.83 4.98
N GLU A 23 -13.07 6.93 3.76
CA GLU A 23 -14.18 6.07 3.35
C GLU A 23 -13.78 5.13 2.22
N GLY A 24 -12.88 5.57 1.36
CA GLY A 24 -12.41 4.73 0.26
C GLY A 24 -11.66 5.53 -0.77
N VAL A 25 -11.11 4.85 -1.76
CA VAL A 25 -10.33 5.48 -2.82
C VAL A 25 -10.96 5.15 -4.17
N PRO A 26 -11.06 6.12 -5.10
CA PRO A 26 -11.59 5.85 -6.44
C PRO A 26 -10.59 5.05 -7.29
N GLY A 27 -11.10 4.35 -8.31
CA GLY A 27 -10.28 3.50 -9.15
C GLY A 27 -9.02 4.18 -9.70
N PRO A 28 -9.15 5.38 -10.34
CA PRO A 28 -8.02 6.06 -10.98
C PRO A 28 -6.94 6.46 -9.98
N ASP A 29 -7.28 6.43 -8.70
CA ASP A 29 -6.30 6.67 -7.64
C ASP A 29 -5.84 5.34 -7.05
N ARG A 30 -6.72 4.34 -7.06
CA ARG A 30 -6.40 3.03 -6.48
C ARG A 30 -5.31 2.31 -7.26
N VAL A 31 -5.43 2.27 -8.59
CA VAL A 31 -4.46 1.55 -9.41
C VAL A 31 -3.04 2.12 -9.19
N PRO A 32 -2.84 3.45 -9.33
CA PRO A 32 -1.54 4.07 -9.08
C PRO A 32 -1.13 4.02 -7.60
N LEU A 33 -2.11 4.05 -6.70
CA LEU A 33 -1.83 3.93 -5.26
C LEU A 33 -1.10 2.62 -5.00
N LEU A 34 -1.65 1.53 -5.52
CA LEU A 34 -1.04 0.23 -5.36
C LEU A 34 0.28 0.16 -6.12
N ALA A 35 0.31 0.75 -7.31
CA ALA A 35 1.53 0.81 -8.09
C ALA A 35 2.64 1.50 -7.30
N LEU A 36 2.24 2.49 -6.51
CA LEU A 36 3.16 3.23 -5.64
C LEU A 36 3.64 2.35 -4.48
N LEU A 37 2.70 1.66 -3.82
CA LEU A 37 3.02 0.81 -2.67
C LEU A 37 3.85 -0.41 -3.05
N THR A 38 3.45 -1.11 -4.11
CA THR A 38 4.05 -2.39 -4.49
C THR A 38 5.51 -2.24 -4.87
N ARG A 39 5.97 -1.00 -5.00
CA ARG A 39 7.37 -0.72 -5.31
C ARG A 39 8.30 -1.34 -4.27
N ARG A 40 8.03 -1.09 -2.98
CA ARG A 40 8.86 -1.63 -1.90
C ARG A 40 8.09 -2.64 -1.04
N LEU A 41 6.76 -2.53 -1.00
CA LEU A 41 5.94 -3.44 -0.20
C LEU A 41 5.90 -4.83 -0.82
N THR A 42 6.11 -5.86 -0.01
CA THR A 42 6.03 -7.24 -0.45
C THR A 42 4.57 -7.67 -0.57
N ASN A 43 4.34 -8.83 -1.19
CA ASN A 43 2.99 -9.40 -1.27
C ASN A 43 2.44 -9.63 0.14
N ASP A 44 3.32 -10.07 1.04
CA ASP A 44 2.98 -10.25 2.45
C ASP A 44 2.45 -8.95 3.04
N GLU A 45 3.16 -7.86 2.79
CA GLU A 45 2.83 -6.57 3.36
C GLU A 45 1.54 -5.99 2.77
N ILE A 46 1.40 -6.03 1.44
CA ILE A 46 0.17 -5.55 0.81
C ILE A 46 -1.02 -6.32 1.36
N LYS A 47 -0.84 -7.64 1.54
CA LYS A 47 -1.87 -8.47 2.17
C LYS A 47 -2.17 -7.98 3.57
N ALA A 48 -1.11 -7.75 4.35
CA ALA A 48 -1.24 -7.32 5.73
C ALA A 48 -2.11 -6.07 5.83
N ILE A 49 -1.92 -5.16 4.87
CA ILE A 49 -2.75 -3.95 4.80
C ILE A 49 -4.22 -4.32 4.61
N ALA A 50 -4.48 -5.32 3.78
CA ALA A 50 -5.85 -5.77 3.54
C ALA A 50 -6.44 -6.35 4.82
N GLU A 51 -5.67 -7.23 5.44
CA GLU A 51 -6.08 -7.95 6.63
C GLU A 51 -6.48 -6.98 7.75
N ASP A 52 -5.75 -5.87 7.84
CA ASP A 52 -6.05 -4.84 8.84
C ASP A 52 -7.29 -4.02 8.44
N LEU A 53 -7.26 -3.50 7.21
CA LEU A 53 -8.32 -2.62 6.72
C LEU A 53 -9.67 -3.32 6.63
N GLU A 54 -9.68 -4.66 6.61
CA GLU A 54 -10.94 -5.40 6.59
C GLU A 54 -11.76 -5.13 7.85
N LYS A 55 -11.08 -4.69 8.91
CA LYS A 55 -11.76 -4.30 10.14
C LYS A 55 -12.43 -2.95 9.97
N ARG A 56 -11.90 -2.16 9.02
CA ARG A 56 -12.45 -0.85 8.70
C ARG A 56 -13.67 -0.99 7.79
N ALA A 57 -13.50 -1.73 6.69
CA ALA A 57 -14.56 -1.95 5.73
C ALA A 57 -14.16 -3.02 4.71
N HIS A 58 -15.16 -3.55 4.00
CA HIS A 58 -14.92 -4.59 2.99
C HIS A 58 -15.84 -4.36 1.80
N PHE A 59 -15.39 -3.55 0.84
CA PHE A 59 -16.20 -3.21 -0.33
C PHE A 59 -15.93 -4.16 -1.49
N ASP A 60 -14.84 -4.92 -1.40
CA ASP A 60 -14.46 -5.93 -2.40
C ASP A 60 -13.95 -5.29 -3.69
N HIS A 61 -14.77 -4.45 -4.32
CA HIS A 61 -14.37 -3.78 -5.55
C HIS A 61 -13.46 -2.59 -5.26
N ILE A 62 -13.34 -2.24 -3.97
CA ILE A 62 -12.36 -1.25 -3.51
C ILE A 62 -11.23 -1.98 -2.79
N ASP A 63 -11.16 -3.30 -2.98
CA ASP A 63 -10.11 -4.13 -2.36
C ASP A 63 -8.73 -3.72 -2.87
N ILE A 64 -7.71 -4.11 -2.13
CA ILE A 64 -6.32 -3.73 -2.41
C ILE A 64 -5.63 -4.75 -3.32
N GLY A 65 -5.97 -6.02 -3.15
CA GLY A 65 -5.36 -7.07 -3.96
C GLY A 65 -5.78 -6.97 -5.42
N VAL A 66 -7.04 -6.58 -5.65
CA VAL A 66 -7.60 -6.47 -7.00
C VAL A 66 -6.73 -5.57 -7.89
N LEU A 67 -6.22 -4.48 -7.33
CA LEU A 67 -5.42 -3.52 -8.10
C LEU A 67 -4.21 -4.19 -8.73
N ILE A 68 -3.55 -5.07 -7.96
CA ILE A 68 -2.33 -5.72 -8.42
C ILE A 68 -2.60 -6.55 -9.67
N THR A 69 -3.80 -7.13 -9.75
CA THR A 69 -4.17 -7.96 -10.89
C THR A 69 -4.27 -7.11 -12.15
N GLN A 70 -4.64 -5.85 -11.97
CA GLN A 70 -4.71 -4.90 -13.08
C GLN A 70 -3.31 -4.42 -13.46
N MET A 71 -2.55 -4.01 -12.44
CA MET A 71 -1.21 -3.46 -12.63
C MET A 71 -0.27 -4.47 -13.30
N THR A 72 -0.42 -5.74 -12.94
CA THR A 72 0.44 -6.79 -13.49
C THR A 72 0.24 -6.90 -15.00
N ASP A 73 -0.90 -6.43 -15.47
CA ASP A 73 -1.26 -6.51 -16.89
C ASP A 73 -1.04 -5.17 -17.57
N GLU A 74 -1.37 -4.10 -16.88
CA GLU A 74 -1.35 -2.76 -17.46
C GLU A 74 -0.96 -1.73 -16.40
N MET A 75 0.09 -0.97 -16.68
CA MET A 75 0.43 0.18 -15.85
C MET A 75 -0.51 1.34 -16.18
N PRO A 76 -1.14 1.96 -15.17
CA PRO A 76 -2.10 3.04 -15.38
C PRO A 76 -1.44 4.26 -16.05
N ARG A 77 -0.90 5.15 -15.23
CA ARG A 77 -0.17 6.34 -15.69
C ARG A 77 0.76 6.79 -14.60
N GLU A 78 2.01 7.06 -14.94
CA GLU A 78 2.98 7.54 -13.95
C GLU A 78 2.59 8.93 -13.48
N GLU A 79 1.87 9.64 -14.35
CA GLU A 79 1.31 10.94 -14.01
C GLU A 79 0.27 10.79 -12.90
N ASP A 80 -0.53 9.74 -13.00
CA ASP A 80 -1.51 9.42 -11.97
C ASP A 80 -0.81 8.85 -10.73
N ILE A 81 0.25 8.08 -10.95
CA ILE A 81 1.08 7.55 -9.87
C ILE A 81 1.63 8.69 -9.01
N GLU A 82 2.21 9.70 -9.65
CA GLU A 82 2.73 10.85 -8.92
C GLU A 82 1.58 11.66 -8.34
N ARG A 83 0.46 11.68 -9.06
CA ARG A 83 -0.78 12.32 -8.60
C ARG A 83 -1.18 11.78 -7.22
N VAL A 84 -1.25 10.46 -7.11
CA VAL A 84 -1.70 9.83 -5.88
C VAL A 84 -0.64 9.95 -4.78
N ARG A 85 0.61 9.62 -5.10
CA ARG A 85 1.69 9.64 -4.10
C ARG A 85 1.86 11.02 -3.48
N ARG A 86 1.76 12.07 -4.30
CA ARG A 86 1.91 13.45 -3.78
C ARG A 86 0.72 13.80 -2.88
N HIS A 87 -0.47 13.31 -3.25
CA HIS A 87 -1.67 13.48 -2.44
C HIS A 87 -1.46 12.80 -1.09
N LEU A 88 -0.85 11.62 -1.14
CA LEU A 88 -0.59 10.81 0.05
C LEU A 88 0.58 11.38 0.87
N ALA A 89 1.50 12.05 0.20
CA ALA A 89 2.68 12.65 0.86
C ALA A 89 2.25 13.63 1.95
N LEU A 90 1.06 14.20 1.79
CA LEU A 90 0.50 15.10 2.79
C LEU A 90 0.34 14.39 4.13
N GLN A 91 -0.12 13.14 4.07
CA GLN A 91 -0.31 12.32 5.26
C GLN A 91 1.03 11.74 5.71
N GLY A 92 1.92 11.52 4.76
CA GLY A 92 3.27 11.11 5.09
C GLY A 92 3.89 10.22 4.03
N TRP A 93 5.06 9.67 4.33
CA TRP A 93 5.77 8.77 3.42
C TRP A 93 6.40 7.61 4.20
N PRO A 94 5.61 6.58 4.53
CA PRO A 94 6.10 5.41 5.29
C PRO A 94 7.13 4.60 4.51
N LEU A 95 7.03 4.63 3.19
CA LEU A 95 7.93 3.88 2.31
C LEU A 95 9.39 4.34 2.45
N ASP A 96 9.61 5.40 3.22
CA ASP A 96 10.96 5.87 3.50
C ASP A 96 11.63 4.96 4.53
N ASP A 97 10.87 4.53 5.52
CA ASP A 97 11.41 3.76 6.64
C ASP A 97 10.83 2.35 6.64
N PRO A 98 11.66 1.35 6.28
CA PRO A 98 11.21 -0.03 6.12
C PRO A 98 11.19 -0.81 7.43
N ARG A 99 10.15 -1.62 7.61
CA ARG A 99 10.05 -2.53 8.75
C ARG A 99 11.08 -3.63 8.62
N ASP A 100 11.27 -4.03 7.38
CA ASP A 100 12.23 -5.07 6.99
C ASP A 100 13.57 -4.88 7.71
N GLY A 101 13.84 -5.72 8.69
CA GLY A 101 15.10 -5.65 9.43
C GLY A 101 15.99 -6.83 9.13
N GLU A 102 15.45 -7.79 8.37
CA GLU A 102 16.19 -8.97 7.96
C GLU A 102 16.16 -9.10 6.44
N GLU A 103 17.32 -8.98 5.81
CA GLU A 103 17.43 -9.00 4.37
C GLU A 103 17.09 -10.39 3.80
N PRO A 104 16.53 -10.44 2.58
CA PRO A 104 16.06 -11.69 1.96
C PRO A 104 17.18 -12.63 1.50
N ASP A 105 18.32 -12.63 2.19
CA ASP A 105 19.39 -13.58 1.90
C ASP A 105 19.37 -14.70 2.94
N GLY A 106 19.02 -15.90 2.48
CA GLY A 106 18.93 -17.05 3.34
C GLY A 106 20.29 -17.71 3.55
N GLU A 107 21.02 -17.88 2.44
CA GLU A 107 22.36 -18.47 2.47
C GLU A 107 22.36 -19.80 3.20
N SER A 108 21.29 -20.58 2.99
CA SER A 108 21.12 -21.87 3.65
C SER A 108 22.32 -22.79 3.39
N GLY A 109 22.82 -23.41 4.45
CA GLY A 109 23.94 -24.33 4.33
C GLY A 109 23.66 -25.46 3.37
N GLY A 110 22.41 -25.93 3.37
CA GLY A 110 21.99 -26.98 2.47
C GLY A 110 20.98 -27.92 3.12
N PRO A 111 21.26 -29.24 3.11
CA PRO A 111 20.36 -30.22 3.71
C PRO A 111 20.64 -30.42 5.20
N ARG A 112 19.82 -31.23 5.86
CA ARG A 112 20.03 -31.57 7.26
C ARG A 112 20.81 -32.88 7.36
N GLY A 1 -6.94 -0.62 19.93
CA GLY A 1 -7.86 -1.62 20.50
C GLY A 1 -8.05 -2.80 19.58
N PRO A 2 -9.00 -3.71 19.88
CA PRO A 2 -9.26 -4.90 19.07
C PRO A 2 -9.56 -4.55 17.62
N GLY A 3 -8.55 -4.64 16.77
CA GLY A 3 -8.68 -4.34 15.37
C GLY A 3 -7.33 -4.19 14.69
N SER A 4 -6.71 -3.03 14.89
CA SER A 4 -5.39 -2.77 14.32
C SER A 4 -4.33 -3.55 15.08
N MET A 5 -4.10 -4.78 14.65
CA MET A 5 -3.06 -5.63 15.21
C MET A 5 -2.18 -6.16 14.08
N VAL A 6 -1.25 -5.33 13.64
CA VAL A 6 -0.28 -5.66 12.60
C VAL A 6 1.08 -5.09 12.96
N ASN A 7 2.08 -5.38 12.15
CA ASN A 7 3.42 -4.82 12.34
C ASN A 7 3.37 -3.30 12.29
N ALA A 8 4.19 -2.66 13.13
CA ALA A 8 4.20 -1.21 13.31
C ALA A 8 4.10 -0.46 11.98
N PHE A 9 4.96 -0.85 11.02
CA PHE A 9 4.98 -0.21 9.71
C PHE A 9 3.61 -0.26 9.06
N LEU A 10 3.06 -1.47 8.97
CA LEU A 10 1.81 -1.69 8.27
C LEU A 10 0.67 -0.89 8.88
N ALA A 11 0.66 -0.81 10.20
CA ALA A 11 -0.33 -0.01 10.92
C ALA A 11 -0.28 1.44 10.45
N LYS A 12 0.93 1.99 10.41
CA LYS A 12 1.14 3.37 9.97
C LYS A 12 0.72 3.54 8.53
N ILE A 13 0.98 2.52 7.72
CA ILE A 13 0.65 2.58 6.30
C ILE A 13 -0.86 2.65 6.11
N ALA A 14 -1.58 1.75 6.77
CA ALA A 14 -3.05 1.71 6.70
C ALA A 14 -3.63 3.05 7.16
N ALA A 15 -3.12 3.56 8.28
CA ALA A 15 -3.56 4.86 8.81
C ALA A 15 -3.20 5.99 7.85
N TRP A 16 -2.00 5.91 7.28
CA TRP A 16 -1.50 6.91 6.34
C TRP A 16 -2.37 6.96 5.08
N LEU A 17 -2.80 5.80 4.63
CA LEU A 17 -3.69 5.69 3.47
C LEU A 17 -5.10 6.16 3.83
N ASN A 18 -5.62 5.68 4.95
CA ASN A 18 -6.97 6.02 5.40
C ASN A 18 -7.08 7.52 5.67
N ALA A 19 -5.98 8.11 6.11
CA ALA A 19 -5.92 9.55 6.37
C ALA A 19 -6.06 10.34 5.07
N GLY A 20 -5.54 9.77 3.98
CA GLY A 20 -5.62 10.41 2.69
C GLY A 20 -6.87 10.02 1.92
N TYR A 21 -7.49 8.91 2.35
CA TYR A 21 -8.73 8.42 1.75
C TYR A 21 -9.70 7.92 2.82
N PRO A 22 -10.54 8.82 3.36
CA PRO A 22 -11.55 8.46 4.37
C PRO A 22 -12.68 7.63 3.77
N GLU A 23 -13.04 7.95 2.52
CA GLU A 23 -14.12 7.26 1.81
C GLU A 23 -13.59 5.99 1.14
N GLY A 24 -12.27 5.83 1.17
CA GLY A 24 -11.62 4.82 0.37
C GLY A 24 -11.00 5.45 -0.87
N VAL A 25 -10.19 4.69 -1.59
CA VAL A 25 -9.53 5.20 -2.78
C VAL A 25 -10.36 4.89 -4.03
N PRO A 26 -10.64 5.90 -4.89
CA PRO A 26 -11.32 5.66 -6.17
C PRO A 26 -10.41 4.93 -7.17
N GLY A 27 -11.03 4.21 -8.11
CA GLY A 27 -10.28 3.40 -9.07
C GLY A 27 -9.09 4.09 -9.71
N PRO A 28 -9.28 5.29 -10.33
CA PRO A 28 -8.22 5.97 -11.07
C PRO A 28 -7.05 6.37 -10.18
N ASP A 29 -7.30 6.39 -8.87
CA ASP A 29 -6.25 6.67 -7.89
C ASP A 29 -5.74 5.37 -7.28
N ARG A 30 -6.60 4.35 -7.27
CA ARG A 30 -6.24 3.04 -6.74
C ARG A 30 -5.13 2.40 -7.55
N VAL A 31 -5.31 2.37 -8.87
CA VAL A 31 -4.34 1.69 -9.73
C VAL A 31 -2.92 2.28 -9.53
N PRO A 32 -2.74 3.62 -9.63
CA PRO A 32 -1.44 4.25 -9.37
C PRO A 32 -1.02 4.15 -7.90
N LEU A 33 -2.01 4.12 -7.00
CA LEU A 33 -1.74 3.97 -5.57
C LEU A 33 -0.97 2.68 -5.34
N LEU A 34 -1.47 1.59 -5.91
CA LEU A 34 -0.83 0.30 -5.79
C LEU A 34 0.46 0.25 -6.58
N ALA A 35 0.46 0.85 -7.77
CA ALA A 35 1.66 0.91 -8.59
C ALA A 35 2.81 1.51 -7.79
N LEU A 36 2.50 2.57 -7.06
CA LEU A 36 3.48 3.25 -6.20
C LEU A 36 3.81 2.39 -4.97
N LEU A 37 2.77 1.85 -4.35
CA LEU A 37 2.89 1.13 -3.09
C LEU A 37 3.74 -0.14 -3.26
N THR A 38 3.49 -0.89 -4.33
CA THR A 38 4.13 -2.18 -4.55
C THR A 38 5.62 -2.05 -4.87
N ARG A 39 6.06 -0.82 -5.13
CA ARG A 39 7.47 -0.56 -5.45
C ARG A 39 8.40 -1.03 -4.33
N ARG A 40 8.03 -0.72 -3.09
CA ARG A 40 8.87 -1.01 -1.94
C ARG A 40 8.36 -2.19 -1.09
N LEU A 41 7.07 -2.19 -0.78
CA LEU A 41 6.52 -3.17 0.16
C LEU A 41 6.44 -4.57 -0.45
N THR A 42 6.55 -5.57 0.41
CA THR A 42 6.46 -6.96 -0.01
C THR A 42 5.01 -7.38 -0.21
N ASN A 43 4.81 -8.56 -0.80
CA ASN A 43 3.47 -9.08 -1.03
C ASN A 43 2.78 -9.34 0.33
N ASP A 44 3.57 -9.76 1.30
CA ASP A 44 3.08 -9.97 2.67
C ASP A 44 2.60 -8.65 3.25
N GLU A 45 3.42 -7.62 3.10
CA GLU A 45 3.09 -6.28 3.63
C GLU A 45 1.81 -5.73 2.98
N ILE A 46 1.71 -5.78 1.66
CA ILE A 46 0.51 -5.31 0.98
C ILE A 46 -0.72 -6.08 1.48
N LYS A 47 -0.58 -7.41 1.65
CA LYS A 47 -1.68 -8.19 2.24
C LYS A 47 -2.01 -7.66 3.64
N ALA A 48 -0.97 -7.40 4.44
CA ALA A 48 -1.15 -6.95 5.81
C ALA A 48 -1.96 -5.66 5.85
N ILE A 49 -1.74 -4.80 4.85
CA ILE A 49 -2.53 -3.58 4.70
C ILE A 49 -4.01 -3.93 4.54
N ALA A 50 -4.27 -4.95 3.73
CA ALA A 50 -5.63 -5.42 3.51
C ALA A 50 -6.20 -5.94 4.81
N GLU A 51 -5.41 -6.76 5.49
CA GLU A 51 -5.83 -7.45 6.71
C GLU A 51 -6.31 -6.44 7.76
N ASP A 52 -5.55 -5.37 7.94
CA ASP A 52 -5.91 -4.32 8.91
C ASP A 52 -7.22 -3.67 8.53
N LEU A 53 -7.39 -3.39 7.24
CA LEU A 53 -8.58 -2.74 6.73
C LEU A 53 -9.77 -3.70 6.69
N GLU A 54 -9.49 -5.00 6.55
CA GLU A 54 -10.53 -6.03 6.48
C GLU A 54 -11.17 -6.24 7.85
N LYS A 55 -10.46 -5.83 8.91
CA LYS A 55 -11.01 -5.87 10.27
C LYS A 55 -12.30 -5.05 10.34
N ARG A 56 -12.41 -4.06 9.45
CA ARG A 56 -13.53 -3.13 9.46
C ARG A 56 -14.79 -3.76 8.90
N ALA A 57 -14.72 -4.31 7.69
CA ALA A 57 -15.87 -4.91 7.03
C ALA A 57 -15.50 -5.50 5.67
N HIS A 58 -16.49 -6.07 4.98
CA HIS A 58 -16.30 -6.61 3.63
C HIS A 58 -17.56 -6.37 2.81
N PHE A 59 -17.73 -5.15 2.33
CA PHE A 59 -18.89 -4.79 1.49
C PHE A 59 -18.47 -3.85 0.37
N ASP A 60 -17.18 -3.52 0.34
CA ASP A 60 -16.62 -2.54 -0.59
C ASP A 60 -16.12 -3.22 -1.86
N HIS A 61 -15.68 -2.40 -2.82
CA HIS A 61 -15.08 -2.89 -4.05
C HIS A 61 -13.73 -2.19 -4.29
N ILE A 62 -13.06 -1.81 -3.20
CA ILE A 62 -11.79 -1.09 -3.28
C ILE A 62 -10.62 -2.02 -2.91
N ASP A 63 -10.89 -3.33 -2.91
CA ASP A 63 -9.90 -4.34 -2.52
C ASP A 63 -8.51 -4.06 -3.13
N ILE A 64 -7.54 -3.89 -2.24
CA ILE A 64 -6.16 -3.53 -2.61
C ILE A 64 -5.52 -4.57 -3.53
N GLY A 65 -5.88 -5.84 -3.36
CA GLY A 65 -5.30 -6.90 -4.17
C GLY A 65 -5.72 -6.83 -5.62
N VAL A 66 -6.98 -6.43 -5.85
CA VAL A 66 -7.53 -6.35 -7.20
C VAL A 66 -6.69 -5.44 -8.09
N LEU A 67 -6.23 -4.31 -7.53
CA LEU A 67 -5.45 -3.34 -8.29
C LEU A 67 -4.19 -3.98 -8.86
N ILE A 68 -3.56 -4.84 -8.08
CA ILE A 68 -2.34 -5.51 -8.52
C ILE A 68 -2.62 -6.40 -9.73
N THR A 69 -3.83 -6.96 -9.78
CA THR A 69 -4.23 -7.81 -10.91
C THR A 69 -4.33 -6.97 -12.17
N GLN A 70 -4.68 -5.69 -11.99
CA GLN A 70 -4.81 -4.75 -13.10
C GLN A 70 -3.43 -4.30 -13.57
N MET A 71 -2.62 -3.85 -12.61
CA MET A 71 -1.28 -3.33 -12.89
C MET A 71 -0.42 -4.34 -13.65
N THR A 72 -0.58 -5.61 -13.29
CA THR A 72 0.24 -6.67 -13.89
C THR A 72 -0.07 -6.82 -15.38
N ASP A 73 -1.26 -6.36 -15.77
CA ASP A 73 -1.72 -6.45 -17.15
C ASP A 73 -1.52 -5.14 -17.87
N GLU A 74 -1.89 -4.06 -17.21
CA GLU A 74 -1.78 -2.71 -17.75
C GLU A 74 -1.52 -1.72 -16.62
N MET A 75 -0.37 -1.04 -16.66
CA MET A 75 -0.06 -0.01 -15.68
C MET A 75 -0.90 1.23 -15.97
N PRO A 76 -1.22 2.03 -14.94
CA PRO A 76 -2.04 3.23 -15.10
C PRO A 76 -1.28 4.34 -15.85
N ARG A 77 -0.74 5.30 -15.11
CA ARG A 77 0.03 6.40 -15.68
C ARG A 77 1.05 6.89 -14.66
N GLU A 78 2.26 7.21 -15.12
CA GLU A 78 3.27 7.74 -14.22
C GLU A 78 2.86 9.11 -13.72
N GLU A 79 2.12 9.82 -14.57
CA GLU A 79 1.49 11.09 -14.20
C GLU A 79 0.54 10.86 -13.02
N ASP A 80 -0.17 9.74 -13.07
CA ASP A 80 -1.08 9.34 -12.00
C ASP A 80 -0.31 8.88 -10.78
N ILE A 81 0.81 8.20 -11.01
CA ILE A 81 1.64 7.67 -9.93
C ILE A 81 2.20 8.81 -9.07
N GLU A 82 2.76 9.83 -9.72
CA GLU A 82 3.25 11.00 -9.01
C GLU A 82 2.07 11.73 -8.37
N ARG A 83 0.97 11.81 -9.12
CA ARG A 83 -0.26 12.46 -8.66
C ARG A 83 -0.73 11.88 -7.32
N VAL A 84 -0.78 10.55 -7.23
CA VAL A 84 -1.26 9.89 -6.04
C VAL A 84 -0.22 9.99 -4.91
N ARG A 85 1.03 9.64 -5.20
CA ARG A 85 2.10 9.60 -4.19
C ARG A 85 2.26 10.97 -3.51
N ARG A 86 2.17 12.05 -4.29
CA ARG A 86 2.31 13.40 -3.74
C ARG A 86 1.12 13.72 -2.84
N HIS A 87 -0.06 13.23 -3.24
CA HIS A 87 -1.27 13.40 -2.44
C HIS A 87 -1.12 12.66 -1.11
N LEU A 88 -0.48 11.49 -1.17
CA LEU A 88 -0.23 10.66 0.01
C LEU A 88 0.88 11.26 0.87
N ALA A 89 1.87 11.87 0.21
CA ALA A 89 3.00 12.49 0.90
C ALA A 89 2.52 13.56 1.89
N LEU A 90 1.35 14.13 1.60
CA LEU A 90 0.73 15.12 2.47
C LEU A 90 0.39 14.54 3.83
N GLN A 91 0.04 13.24 3.85
CA GLN A 91 -0.19 12.53 5.11
C GLN A 91 1.13 12.01 5.65
N GLY A 92 2.05 11.72 4.73
CA GLY A 92 3.38 11.28 5.12
C GLY A 92 4.00 10.34 4.10
N TRP A 93 5.19 9.85 4.39
CA TRP A 93 5.90 8.93 3.50
C TRP A 93 6.64 7.86 4.32
N PRO A 94 5.88 6.94 4.95
CA PRO A 94 6.48 5.85 5.75
C PRO A 94 7.24 4.87 4.87
N LEU A 95 6.91 4.87 3.58
CA LEU A 95 7.53 3.97 2.60
C LEU A 95 9.05 4.16 2.52
N ASP A 96 9.55 5.24 3.12
CA ASP A 96 10.98 5.52 3.12
C ASP A 96 11.78 4.31 3.60
N ASP A 97 11.23 3.59 4.59
CA ASP A 97 11.83 2.34 5.07
C ASP A 97 10.85 1.59 5.97
N PRO A 98 10.66 0.27 5.73
CA PRO A 98 9.81 -0.57 6.57
C PRO A 98 10.30 -0.62 8.02
N ARG A 99 9.43 -0.23 8.94
CA ARG A 99 9.79 -0.18 10.36
C ARG A 99 10.09 -1.58 10.89
N ASP A 100 9.22 -2.54 10.54
CA ASP A 100 9.40 -3.92 10.98
C ASP A 100 8.87 -4.87 9.91
N GLY A 101 9.74 -5.76 9.47
CA GLY A 101 9.35 -6.85 8.58
C GLY A 101 10.23 -8.05 8.85
N GLU A 102 10.65 -8.15 10.11
CA GLU A 102 11.67 -9.12 10.52
C GLU A 102 11.09 -10.12 11.51
N GLU A 103 10.78 -11.32 11.05
CA GLU A 103 10.28 -12.38 11.92
C GLU A 103 10.30 -13.75 11.21
N PRO A 104 9.67 -13.89 10.03
CA PRO A 104 9.57 -15.18 9.36
C PRO A 104 10.83 -15.50 8.54
N ASP A 105 10.87 -15.01 7.30
CA ASP A 105 11.98 -15.28 6.37
C ASP A 105 12.34 -16.77 6.38
N GLY A 106 11.40 -17.59 5.95
CA GLY A 106 11.58 -19.03 5.98
C GLY A 106 10.64 -19.76 5.04
N GLU A 107 10.11 -19.04 4.06
CA GLU A 107 9.22 -19.63 3.06
C GLU A 107 10.04 -20.10 1.86
N SER A 108 10.37 -21.39 1.85
CA SER A 108 11.22 -21.97 0.79
C SER A 108 10.38 -22.82 -0.16
N GLY A 109 9.70 -23.83 0.39
CA GLY A 109 8.86 -24.69 -0.44
C GLY A 109 8.63 -26.04 0.21
N GLY A 110 9.15 -27.09 -0.42
CA GLY A 110 8.98 -28.44 0.09
C GLY A 110 9.64 -29.47 -0.80
N PRO A 111 9.05 -29.76 -1.98
CA PRO A 111 9.63 -30.69 -2.95
C PRO A 111 10.93 -30.15 -3.54
N ARG A 112 11.79 -31.04 -4.01
CA ARG A 112 13.12 -30.66 -4.49
C ARG A 112 13.29 -31.04 -5.96
N GLY A 1 -8.04 7.20 17.22
CA GLY A 1 -6.87 6.50 17.80
C GLY A 1 -6.39 5.36 16.93
N PRO A 2 -5.34 4.63 17.36
CA PRO A 2 -4.81 3.50 16.58
C PRO A 2 -5.86 2.43 16.32
N GLY A 3 -6.30 2.35 15.07
CA GLY A 3 -7.32 1.38 14.67
C GLY A 3 -6.74 0.22 13.89
N SER A 4 -5.43 0.24 13.71
CA SER A 4 -4.73 -0.84 13.02
C SER A 4 -3.97 -1.71 14.02
N MET A 5 -4.30 -3.01 14.03
CA MET A 5 -3.70 -3.95 14.98
C MET A 5 -2.38 -4.49 14.43
N VAL A 6 -2.26 -4.47 13.10
CA VAL A 6 -1.09 -5.00 12.41
C VAL A 6 0.23 -4.35 12.89
N ASN A 7 1.34 -4.94 12.44
CA ASN A 7 2.69 -4.46 12.77
C ASN A 7 2.81 -2.95 12.59
N ALA A 8 3.70 -2.33 13.38
CA ALA A 8 3.83 -0.87 13.42
C ALA A 8 3.90 -0.26 12.03
N PHE A 9 4.71 -0.85 11.14
CA PHE A 9 4.88 -0.34 9.79
C PHE A 9 3.55 -0.40 9.04
N LEU A 10 2.87 -1.53 9.17
CA LEU A 10 1.62 -1.76 8.45
C LEU A 10 0.52 -0.85 9.00
N ALA A 11 0.49 -0.72 10.32
CA ALA A 11 -0.40 0.23 10.98
C ALA A 11 -0.19 1.63 10.42
N LYS A 12 1.08 2.00 10.21
CA LYS A 12 1.43 3.27 9.61
C LYS A 12 0.86 3.38 8.22
N ILE A 13 1.07 2.35 7.41
CA ILE A 13 0.63 2.37 6.03
C ILE A 13 -0.90 2.48 5.95
N ALA A 14 -1.58 1.68 6.77
CA ALA A 14 -3.04 1.67 6.81
C ALA A 14 -3.57 3.05 7.21
N ALA A 15 -3.00 3.64 8.26
CA ALA A 15 -3.43 4.95 8.73
C ALA A 15 -3.06 6.04 7.71
N TRP A 16 -1.89 5.89 7.13
CA TRP A 16 -1.38 6.80 6.10
C TRP A 16 -2.33 6.87 4.90
N LEU A 17 -2.76 5.71 4.45
CA LEU A 17 -3.70 5.60 3.35
C LEU A 17 -5.10 6.05 3.77
N ASN A 18 -5.57 5.50 4.88
CA ASN A 18 -6.93 5.74 5.34
C ASN A 18 -7.14 7.21 5.72
N ALA A 19 -6.05 7.88 6.09
CA ALA A 19 -6.09 9.31 6.43
C ALA A 19 -6.40 10.13 5.19
N GLY A 20 -5.73 9.78 4.09
CA GLY A 20 -5.94 10.49 2.83
C GLY A 20 -7.21 10.05 2.14
N TYR A 21 -7.62 8.82 2.42
CA TYR A 21 -8.82 8.24 1.82
C TYR A 21 -9.81 7.78 2.91
N PRO A 22 -10.62 8.70 3.44
CA PRO A 22 -11.65 8.37 4.43
C PRO A 22 -12.85 7.70 3.78
N GLU A 23 -13.10 8.06 2.52
CA GLU A 23 -14.20 7.50 1.74
C GLU A 23 -13.76 6.19 1.08
N GLY A 24 -12.46 5.92 1.17
CA GLY A 24 -11.86 4.85 0.41
C GLY A 24 -11.14 5.40 -0.80
N VAL A 25 -10.33 4.57 -1.44
CA VAL A 25 -9.57 5.01 -2.61
C VAL A 25 -10.38 4.73 -3.88
N PRO A 26 -10.66 5.76 -4.71
CA PRO A 26 -11.35 5.57 -5.99
C PRO A 26 -10.43 4.90 -7.01
N GLY A 27 -11.03 4.18 -7.96
CA GLY A 27 -10.26 3.41 -8.95
C GLY A 27 -9.08 4.17 -9.56
N PRO A 28 -9.33 5.36 -10.15
CA PRO A 28 -8.29 6.17 -10.81
C PRO A 28 -7.11 6.46 -9.89
N ASP A 29 -7.34 6.42 -8.58
CA ASP A 29 -6.28 6.63 -7.60
C ASP A 29 -5.77 5.28 -7.10
N ARG A 30 -6.64 4.27 -7.10
CA ARG A 30 -6.30 2.94 -6.63
C ARG A 30 -5.17 2.35 -7.45
N VAL A 31 -5.35 2.33 -8.77
CA VAL A 31 -4.38 1.67 -9.65
C VAL A 31 -2.96 2.26 -9.48
N PRO A 32 -2.81 3.60 -9.57
CA PRO A 32 -1.49 4.24 -9.38
C PRO A 32 -1.02 4.16 -7.93
N LEU A 33 -1.97 4.13 -6.99
CA LEU A 33 -1.65 3.98 -5.57
C LEU A 33 -0.87 2.70 -5.37
N LEU A 34 -1.39 1.61 -5.93
CA LEU A 34 -0.73 0.31 -5.85
C LEU A 34 0.56 0.29 -6.64
N ALA A 35 0.53 0.87 -7.83
CA ALA A 35 1.74 0.94 -8.66
C ALA A 35 2.89 1.56 -7.86
N LEU A 36 2.58 2.63 -7.14
CA LEU A 36 3.53 3.30 -6.28
C LEU A 36 3.85 2.46 -5.03
N LEU A 37 2.81 1.92 -4.40
CA LEU A 37 2.93 1.24 -3.11
C LEU A 37 3.77 -0.03 -3.22
N THR A 38 3.46 -0.86 -4.21
CA THR A 38 4.06 -2.19 -4.34
C THR A 38 5.55 -2.13 -4.64
N ARG A 39 6.04 -0.94 -4.95
CA ARG A 39 7.45 -0.75 -5.27
C ARG A 39 8.36 -1.33 -4.18
N ARG A 40 8.18 -0.88 -2.94
CA ARG A 40 9.09 -1.28 -1.85
C ARG A 40 8.44 -2.22 -0.83
N LEU A 41 7.11 -2.25 -0.74
CA LEU A 41 6.43 -3.15 0.20
C LEU A 41 6.41 -4.58 -0.34
N THR A 42 6.40 -5.55 0.58
CA THR A 42 6.35 -6.96 0.23
C THR A 42 4.90 -7.40 -0.01
N ASN A 43 4.72 -8.63 -0.49
CA ASN A 43 3.40 -9.20 -0.68
C ASN A 43 2.69 -9.36 0.66
N ASP A 44 3.44 -9.81 1.66
CA ASP A 44 2.92 -9.97 3.02
C ASP A 44 2.39 -8.64 3.54
N GLU A 45 3.19 -7.58 3.33
CA GLU A 45 2.84 -6.25 3.82
C GLU A 45 1.61 -5.67 3.08
N ILE A 46 1.65 -5.64 1.75
CA ILE A 46 0.54 -5.12 0.97
C ILE A 46 -0.75 -5.88 1.32
N LYS A 47 -0.63 -7.18 1.54
CA LYS A 47 -1.77 -7.99 1.97
C LYS A 47 -2.17 -7.64 3.40
N ALA A 48 -1.18 -7.45 4.27
CA ALA A 48 -1.44 -7.14 5.67
C ALA A 48 -2.31 -5.88 5.77
N ILE A 49 -2.06 -4.95 4.87
CA ILE A 49 -2.88 -3.73 4.77
C ILE A 49 -4.34 -4.10 4.51
N ALA A 50 -4.54 -5.06 3.61
CA ALA A 50 -5.89 -5.51 3.27
C ALA A 50 -6.54 -6.14 4.49
N GLU A 51 -5.80 -7.05 5.10
CA GLU A 51 -6.27 -7.83 6.24
C GLU A 51 -6.65 -6.91 7.41
N ASP A 52 -5.96 -5.78 7.54
CA ASP A 52 -6.28 -4.82 8.60
C ASP A 52 -7.54 -4.03 8.26
N LEU A 53 -7.58 -3.50 7.04
CA LEU A 53 -8.66 -2.62 6.59
C LEU A 53 -9.98 -3.35 6.49
N GLU A 54 -9.96 -4.59 6.03
CA GLU A 54 -11.18 -5.36 5.83
C GLU A 54 -11.88 -5.65 7.16
N LYS A 55 -11.10 -5.61 8.25
CA LYS A 55 -11.67 -5.76 9.60
C LYS A 55 -12.66 -4.63 9.91
N ARG A 56 -12.58 -3.56 9.13
CA ARG A 56 -13.46 -2.40 9.29
C ARG A 56 -14.68 -2.55 8.38
N ALA A 57 -14.44 -3.05 7.18
CA ALA A 57 -15.49 -3.29 6.19
C ALA A 57 -15.02 -4.34 5.17
N HIS A 58 -15.63 -5.52 5.19
CA HIS A 58 -15.21 -6.62 4.33
C HIS A 58 -15.94 -6.57 2.98
N PHE A 59 -16.99 -5.77 2.90
CA PHE A 59 -17.87 -5.76 1.74
C PHE A 59 -17.40 -4.78 0.66
N ASP A 60 -16.44 -3.93 1.01
CA ASP A 60 -16.00 -2.86 0.11
C ASP A 60 -15.24 -3.45 -1.08
N HIS A 61 -15.27 -2.76 -2.22
CA HIS A 61 -14.69 -3.27 -3.47
C HIS A 61 -13.33 -2.63 -3.76
N ILE A 62 -12.82 -1.89 -2.79
CA ILE A 62 -11.53 -1.20 -2.93
C ILE A 62 -10.35 -2.14 -2.69
N ASP A 63 -10.62 -3.46 -2.72
CA ASP A 63 -9.60 -4.50 -2.47
C ASP A 63 -8.25 -4.12 -3.08
N ILE A 64 -7.30 -3.84 -2.20
CA ILE A 64 -5.96 -3.38 -2.56
C ILE A 64 -5.23 -4.37 -3.49
N GLY A 65 -5.46 -5.66 -3.26
CA GLY A 65 -4.78 -6.69 -4.02
C GLY A 65 -5.25 -6.74 -5.47
N VAL A 66 -6.54 -6.50 -5.68
CA VAL A 66 -7.12 -6.54 -7.02
C VAL A 66 -6.43 -5.55 -7.96
N LEU A 67 -6.03 -4.40 -7.42
CA LEU A 67 -5.34 -3.39 -8.22
C LEU A 67 -4.07 -3.96 -8.84
N ILE A 68 -3.36 -4.78 -8.07
CA ILE A 68 -2.12 -5.40 -8.56
C ILE A 68 -2.41 -6.27 -9.77
N THR A 69 -3.59 -6.89 -9.79
CA THR A 69 -3.99 -7.76 -10.89
C THR A 69 -4.26 -6.94 -12.15
N GLN A 70 -4.67 -5.68 -11.95
CA GLN A 70 -4.89 -4.77 -13.07
C GLN A 70 -3.56 -4.28 -13.61
N MET A 71 -2.67 -3.89 -12.69
CA MET A 71 -1.36 -3.35 -13.04
C MET A 71 -0.53 -4.35 -13.85
N THR A 72 -0.58 -5.62 -13.46
CA THR A 72 0.22 -6.66 -14.11
C THR A 72 -0.16 -6.78 -15.58
N ASP A 73 -1.41 -6.40 -15.89
CA ASP A 73 -1.93 -6.47 -17.24
C ASP A 73 -1.70 -5.14 -17.97
N GLU A 74 -2.08 -4.06 -17.29
CA GLU A 74 -1.88 -2.71 -17.79
C GLU A 74 -1.64 -1.75 -16.64
N MET A 75 -0.47 -1.11 -16.62
CA MET A 75 -0.19 -0.07 -15.64
C MET A 75 -0.91 1.23 -16.06
N PRO A 76 -1.32 2.05 -15.10
CA PRO A 76 -2.17 3.21 -15.36
C PRO A 76 -1.40 4.36 -16.04
N ARG A 77 -1.05 5.39 -15.27
CA ARG A 77 -0.35 6.56 -15.80
C ARG A 77 0.64 7.06 -14.77
N GLU A 78 1.87 7.32 -15.19
CA GLU A 78 2.89 7.86 -14.31
C GLU A 78 2.46 9.23 -13.80
N GLU A 79 1.68 9.94 -14.63
CA GLU A 79 1.09 11.20 -14.27
C GLU A 79 0.22 11.04 -13.02
N ASP A 80 -0.57 9.96 -13.01
CA ASP A 80 -1.41 9.64 -11.86
C ASP A 80 -0.58 9.08 -10.72
N ILE A 81 0.47 8.32 -11.06
CA ILE A 81 1.38 7.74 -10.07
C ILE A 81 2.01 8.85 -9.22
N GLU A 82 2.48 9.91 -9.86
CA GLU A 82 3.05 11.05 -9.14
C GLU A 82 1.93 11.81 -8.42
N ARG A 83 0.77 11.91 -9.09
CA ARG A 83 -0.38 12.61 -8.54
C ARG A 83 -0.77 12.01 -7.19
N VAL A 84 -0.84 10.69 -7.15
CA VAL A 84 -1.23 9.98 -5.95
C VAL A 84 -0.11 10.02 -4.91
N ARG A 85 1.12 9.70 -5.33
CA ARG A 85 2.27 9.65 -4.41
C ARG A 85 2.42 10.99 -3.66
N ARG A 86 2.24 12.09 -4.38
CA ARG A 86 2.39 13.42 -3.79
C ARG A 86 1.21 13.74 -2.87
N HIS A 87 0.04 13.25 -3.24
CA HIS A 87 -1.15 13.41 -2.42
C HIS A 87 -1.01 12.63 -1.12
N LEU A 88 -0.40 11.45 -1.23
CA LEU A 88 -0.16 10.57 -0.10
C LEU A 88 0.98 11.11 0.79
N ALA A 89 1.96 11.75 0.16
CA ALA A 89 3.12 12.31 0.85
C ALA A 89 2.68 13.29 1.94
N LEU A 90 1.52 13.92 1.72
CA LEU A 90 0.96 14.86 2.69
C LEU A 90 0.72 14.16 4.03
N GLN A 91 0.22 12.92 3.97
CA GLN A 91 0.03 12.12 5.17
C GLN A 91 1.37 11.58 5.65
N GLY A 92 2.21 11.22 4.69
CA GLY A 92 3.53 10.71 5.01
C GLY A 92 4.13 9.92 3.87
N TRP A 93 5.32 9.39 4.08
CA TRP A 93 5.99 8.58 3.07
C TRP A 93 6.77 7.44 3.73
N PRO A 94 6.06 6.42 4.22
CA PRO A 94 6.68 5.26 4.89
C PRO A 94 7.30 4.27 3.89
N LEU A 95 7.08 4.51 2.60
CA LEU A 95 7.52 3.59 1.55
C LEU A 95 9.04 3.42 1.57
N ASP A 96 9.73 4.49 1.94
CA ASP A 96 11.18 4.58 1.81
C ASP A 96 11.91 3.55 2.67
N ASP A 97 11.39 3.27 3.85
CA ASP A 97 12.10 2.44 4.82
C ASP A 97 11.12 1.68 5.73
N PRO A 98 11.17 0.33 5.70
CA PRO A 98 10.34 -0.52 6.56
C PRO A 98 10.63 -0.30 8.04
N ARG A 99 9.79 -0.86 8.92
CA ARG A 99 9.98 -0.68 10.35
C ARG A 99 11.19 -1.47 10.81
N ASP A 100 11.34 -2.66 10.23
CA ASP A 100 12.48 -3.52 10.50
C ASP A 100 12.55 -4.64 9.47
N GLY A 101 13.76 -5.14 9.23
CA GLY A 101 13.98 -6.25 8.33
C GLY A 101 15.32 -6.90 8.59
N GLU A 102 15.77 -6.80 9.85
CA GLU A 102 17.06 -7.31 10.27
C GLU A 102 17.16 -8.82 10.06
N GLU A 103 18.22 -9.24 9.37
CA GLU A 103 18.47 -10.65 9.10
C GLU A 103 19.99 -10.91 9.15
N PRO A 104 20.40 -12.08 9.70
CA PRO A 104 21.82 -12.44 9.82
C PRO A 104 22.55 -12.43 8.46
N ASP A 105 23.81 -12.01 8.49
CA ASP A 105 24.62 -11.86 7.27
C ASP A 105 26.10 -12.00 7.62
N GLY A 106 26.92 -12.44 6.66
CA GLY A 106 28.35 -12.53 6.90
C GLY A 106 29.09 -13.34 5.86
N GLU A 107 28.83 -14.65 5.85
CA GLU A 107 29.58 -15.56 4.98
C GLU A 107 28.73 -16.78 4.64
N SER A 108 28.46 -16.96 3.35
CA SER A 108 27.69 -18.10 2.87
C SER A 108 28.63 -19.18 2.31
N GLY A 109 28.88 -20.20 3.11
CA GLY A 109 29.75 -21.30 2.70
C GLY A 109 30.37 -22.00 3.89
N GLY A 110 30.86 -23.22 3.67
CA GLY A 110 31.49 -23.97 4.74
C GLY A 110 32.30 -25.14 4.22
N PRO A 111 33.61 -25.22 4.55
CA PRO A 111 34.49 -26.31 4.08
C PRO A 111 34.35 -27.58 4.93
N ARG A 112 33.36 -27.58 5.80
CA ARG A 112 33.08 -28.70 6.69
C ARG A 112 31.57 -28.84 6.88
N GLY A 1 -0.48 4.15 23.02
CA GLY A 1 -0.44 3.77 21.59
C GLY A 1 -1.47 2.70 21.27
N PRO A 2 -1.85 2.56 19.98
CA PRO A 2 -2.81 1.55 19.54
C PRO A 2 -2.15 0.20 19.27
N GLY A 3 -2.72 -0.87 19.83
CA GLY A 3 -2.18 -2.21 19.62
C GLY A 3 -2.67 -2.83 18.33
N SER A 4 -1.96 -2.56 17.24
CA SER A 4 -2.32 -3.08 15.93
C SER A 4 -1.96 -4.56 15.81
N MET A 5 -2.76 -5.31 15.06
CA MET A 5 -2.48 -6.72 14.80
C MET A 5 -1.27 -6.82 13.87
N VAL A 6 -1.21 -5.93 12.90
CA VAL A 6 -0.09 -5.88 11.96
C VAL A 6 1.13 -5.20 12.58
N ASN A 7 2.24 -5.32 11.88
CA ASN A 7 3.52 -4.71 12.29
C ASN A 7 3.44 -3.18 12.24
N ALA A 8 4.34 -2.52 12.97
CA ALA A 8 4.36 -1.06 13.07
C ALA A 8 4.35 -0.39 11.68
N PHE A 9 5.26 -0.82 10.81
CA PHE A 9 5.31 -0.31 9.44
C PHE A 9 3.93 -0.41 8.79
N LEU A 10 3.33 -1.58 8.91
CA LEU A 10 2.04 -1.87 8.29
C LEU A 10 0.94 -0.97 8.86
N ALA A 11 0.93 -0.84 10.18
CA ALA A 11 -0.05 0.01 10.87
C ALA A 11 0.05 1.45 10.38
N LYS A 12 1.28 1.91 10.18
CA LYS A 12 1.52 3.27 9.74
C LYS A 12 1.11 3.43 8.27
N ILE A 13 1.28 2.37 7.48
CA ILE A 13 0.81 2.37 6.09
C ILE A 13 -0.70 2.53 6.05
N ALA A 14 -1.39 1.66 6.80
CA ALA A 14 -2.85 1.67 6.84
C ALA A 14 -3.38 3.02 7.31
N ALA A 15 -2.75 3.56 8.35
CA ALA A 15 -3.17 4.86 8.90
C ALA A 15 -2.92 5.98 7.91
N TRP A 16 -1.74 5.96 7.29
CA TRP A 16 -1.35 6.95 6.28
C TRP A 16 -2.34 6.95 5.11
N LEU A 17 -2.66 5.76 4.62
CA LEU A 17 -3.61 5.61 3.52
C LEU A 17 -5.01 6.05 3.92
N ASN A 18 -5.48 5.55 5.05
CA ASN A 18 -6.84 5.87 5.52
C ASN A 18 -6.93 7.35 5.90
N ALA A 19 -5.79 7.97 6.18
CA ALA A 19 -5.74 9.40 6.44
C ALA A 19 -5.95 10.18 5.14
N GLY A 20 -5.43 9.63 4.05
CA GLY A 20 -5.59 10.24 2.75
C GLY A 20 -6.93 9.92 2.12
N TYR A 21 -7.47 8.75 2.46
CA TYR A 21 -8.74 8.30 1.92
C TYR A 21 -9.63 7.71 3.02
N PRO A 22 -10.38 8.56 3.75
CA PRO A 22 -11.38 8.11 4.71
C PRO A 22 -12.66 7.64 4.01
N GLU A 23 -12.85 8.15 2.78
CA GLU A 23 -14.04 7.86 1.99
C GLU A 23 -13.72 6.84 0.88
N GLY A 24 -12.49 6.34 0.87
CA GLY A 24 -12.08 5.38 -0.14
C GLY A 24 -11.31 6.01 -1.29
N VAL A 25 -10.68 5.18 -2.11
CA VAL A 25 -9.86 5.65 -3.23
C VAL A 25 -10.58 5.36 -4.55
N PRO A 26 -10.64 6.34 -5.49
CA PRO A 26 -11.17 6.09 -6.83
C PRO A 26 -10.22 5.23 -7.66
N GLY A 27 -10.75 4.56 -8.68
CA GLY A 27 -9.96 3.66 -9.51
C GLY A 27 -8.65 4.25 -10.04
N PRO A 28 -8.71 5.44 -10.69
CA PRO A 28 -7.53 6.07 -11.30
C PRO A 28 -6.50 6.52 -10.26
N ASP A 29 -6.85 6.38 -8.98
CA ASP A 29 -5.91 6.62 -7.90
C ASP A 29 -5.54 5.29 -7.24
N ARG A 30 -6.47 4.34 -7.26
CA ARG A 30 -6.23 3.01 -6.69
C ARG A 30 -5.07 2.32 -7.40
N VAL A 31 -5.19 2.21 -8.73
CA VAL A 31 -4.20 1.48 -9.52
C VAL A 31 -2.79 2.06 -9.34
N PRO A 32 -2.60 3.40 -9.51
CA PRO A 32 -1.29 4.03 -9.31
C PRO A 32 -0.87 4.04 -7.83
N LEU A 33 -1.85 4.03 -6.92
CA LEU A 33 -1.56 3.95 -5.49
C LEU A 33 -0.81 2.66 -5.20
N LEU A 34 -1.34 1.55 -5.72
CA LEU A 34 -0.69 0.26 -5.57
C LEU A 34 0.63 0.24 -6.32
N ALA A 35 0.63 0.82 -7.51
CA ALA A 35 1.85 0.91 -8.31
C ALA A 35 2.94 1.64 -7.52
N LEU A 36 2.52 2.64 -6.76
CA LEU A 36 3.42 3.40 -5.90
C LEU A 36 3.88 2.56 -4.71
N LEU A 37 2.94 1.84 -4.10
CA LEU A 37 3.23 1.01 -2.94
C LEU A 37 4.20 -0.12 -3.28
N THR A 38 3.89 -0.86 -4.34
CA THR A 38 4.62 -2.08 -4.69
C THR A 38 6.10 -1.80 -4.98
N ARG A 39 6.43 -0.52 -5.09
CA ARG A 39 7.82 -0.10 -5.25
C ARG A 39 8.64 -0.56 -4.04
N ARG A 40 8.14 -0.23 -2.84
CA ARG A 40 8.78 -0.63 -1.60
C ARG A 40 7.76 -1.29 -0.67
N LEU A 41 7.38 -2.50 -1.00
CA LEU A 41 6.35 -3.21 -0.24
C LEU A 41 6.31 -4.68 -0.68
N THR A 42 6.29 -5.59 0.29
CA THR A 42 6.23 -7.01 -0.03
C THR A 42 4.78 -7.46 -0.23
N ASN A 43 4.60 -8.63 -0.82
CA ASN A 43 3.26 -9.20 -1.05
C ASN A 43 2.57 -9.46 0.29
N ASP A 44 3.34 -10.00 1.23
CA ASP A 44 2.81 -10.31 2.55
C ASP A 44 2.31 -9.03 3.24
N GLU A 45 3.10 -7.96 3.13
CA GLU A 45 2.74 -6.68 3.74
C GLU A 45 1.50 -6.07 3.10
N ILE A 46 1.50 -5.94 1.77
CA ILE A 46 0.34 -5.37 1.07
C ILE A 46 -0.93 -6.15 1.42
N LYS A 47 -0.81 -7.48 1.49
CA LYS A 47 -1.92 -8.31 1.92
C LYS A 47 -2.28 -8.01 3.37
N ALA A 48 -1.27 -7.90 4.23
CA ALA A 48 -1.49 -7.64 5.64
C ALA A 48 -2.31 -6.36 5.85
N ILE A 49 -2.09 -5.38 4.96
CA ILE A 49 -2.89 -4.16 4.97
C ILE A 49 -4.36 -4.49 4.73
N ALA A 50 -4.61 -5.41 3.80
CA ALA A 50 -5.97 -5.80 3.46
C ALA A 50 -6.59 -6.53 4.64
N GLU A 51 -5.84 -7.50 5.15
CA GLU A 51 -6.28 -8.38 6.21
C GLU A 51 -6.71 -7.59 7.45
N ASP A 52 -5.93 -6.56 7.80
CA ASP A 52 -6.18 -5.78 9.01
C ASP A 52 -7.42 -4.90 8.83
N LEU A 53 -7.58 -4.34 7.63
CA LEU A 53 -8.72 -3.46 7.33
C LEU A 53 -10.01 -4.26 7.15
N GLU A 54 -9.97 -5.28 6.28
CA GLU A 54 -11.15 -6.09 5.98
C GLU A 54 -11.59 -6.88 7.21
N LYS A 55 -10.65 -7.03 8.14
CA LYS A 55 -10.92 -7.61 9.46
C LYS A 55 -12.12 -6.92 10.11
N ARG A 56 -12.24 -5.62 9.86
CA ARG A 56 -13.28 -4.81 10.47
C ARG A 56 -14.64 -5.05 9.80
N ALA A 57 -14.70 -4.88 8.48
CA ALA A 57 -15.95 -5.04 7.74
C ALA A 57 -15.70 -5.05 6.22
N HIS A 58 -16.76 -5.30 5.45
CA HIS A 58 -16.68 -5.30 3.98
C HIS A 58 -17.89 -4.57 3.39
N PHE A 59 -17.64 -3.37 2.86
CA PHE A 59 -18.70 -2.53 2.28
C PHE A 59 -18.13 -1.67 1.15
N ASP A 60 -17.14 -2.20 0.44
CA ASP A 60 -16.38 -1.41 -0.52
C ASP A 60 -16.22 -2.13 -1.86
N HIS A 61 -15.61 -1.41 -2.81
CA HIS A 61 -15.19 -1.98 -4.09
C HIS A 61 -13.72 -1.64 -4.33
N ILE A 62 -13.05 -1.21 -3.25
CA ILE A 62 -11.71 -0.62 -3.36
C ILE A 62 -10.62 -1.59 -2.92
N ASP A 63 -10.98 -2.87 -2.80
CA ASP A 63 -10.04 -3.93 -2.40
C ASP A 63 -8.64 -3.69 -2.98
N ILE A 64 -7.65 -3.63 -2.09
CA ILE A 64 -6.26 -3.31 -2.42
C ILE A 64 -5.60 -4.39 -3.29
N GLY A 65 -5.96 -5.64 -3.05
CA GLY A 65 -5.34 -6.75 -3.76
C GLY A 65 -5.67 -6.74 -5.24
N VAL A 66 -6.93 -6.42 -5.56
CA VAL A 66 -7.40 -6.43 -6.95
C VAL A 66 -6.54 -5.53 -7.84
N LEU A 67 -6.07 -4.42 -7.29
CA LEU A 67 -5.29 -3.46 -8.08
C LEU A 67 -4.02 -4.10 -8.66
N ILE A 68 -3.34 -4.91 -7.85
CA ILE A 68 -2.10 -5.54 -8.28
C ILE A 68 -2.33 -6.42 -9.51
N THR A 69 -3.50 -7.06 -9.54
CA THR A 69 -3.84 -7.95 -10.64
C THR A 69 -3.94 -7.18 -11.95
N GLN A 70 -4.35 -5.92 -11.84
CA GLN A 70 -4.46 -5.04 -13.00
C GLN A 70 -3.08 -4.54 -13.42
N MET A 71 -2.29 -4.13 -12.43
CA MET A 71 -0.96 -3.56 -12.66
C MET A 71 -0.03 -4.54 -13.36
N THR A 72 -0.08 -5.81 -12.96
CA THR A 72 0.78 -6.84 -13.52
C THR A 72 0.60 -6.93 -15.04
N ASP A 73 -0.62 -6.63 -15.47
CA ASP A 73 -0.99 -6.72 -16.88
C ASP A 73 -0.74 -5.41 -17.59
N GLU A 74 -1.19 -4.32 -16.98
CA GLU A 74 -1.08 -2.99 -17.57
C GLU A 74 -0.92 -1.93 -16.47
N MET A 75 0.15 -1.15 -16.54
CA MET A 75 0.34 -0.02 -15.64
C MET A 75 -0.61 1.11 -16.01
N PRO A 76 -1.12 1.87 -15.01
CA PRO A 76 -2.12 2.92 -15.26
C PRO A 76 -1.53 4.12 -16.03
N ARG A 77 -0.95 5.08 -15.31
CA ARG A 77 -0.28 6.22 -15.93
C ARG A 77 0.74 6.81 -14.97
N GLU A 78 1.82 7.31 -15.52
CA GLU A 78 2.88 7.92 -14.72
C GLU A 78 2.37 9.20 -14.07
N GLU A 79 1.54 9.91 -14.82
CA GLU A 79 0.91 11.14 -14.32
C GLU A 79 0.04 10.84 -13.11
N ASP A 80 -0.79 9.80 -13.22
CA ASP A 80 -1.67 9.42 -12.12
C ASP A 80 -0.87 8.92 -10.92
N ILE A 81 0.24 8.21 -11.19
CA ILE A 81 1.15 7.77 -10.13
C ILE A 81 1.73 8.98 -9.40
N GLU A 82 2.12 9.99 -10.16
CA GLU A 82 2.63 11.23 -9.63
C GLU A 82 1.55 11.91 -8.78
N ARG A 83 0.38 12.06 -9.40
CA ARG A 83 -0.77 12.73 -8.81
C ARG A 83 -1.15 12.10 -7.47
N VAL A 84 -1.23 10.78 -7.44
CA VAL A 84 -1.63 10.07 -6.23
C VAL A 84 -0.52 10.13 -5.17
N ARG A 85 0.71 9.78 -5.55
CA ARG A 85 1.82 9.71 -4.59
C ARG A 85 2.03 11.04 -3.88
N ARG A 86 2.00 12.14 -4.63
CA ARG A 86 2.22 13.46 -4.03
C ARG A 86 1.03 13.86 -3.15
N HIS A 87 -0.16 13.42 -3.53
CA HIS A 87 -1.37 13.66 -2.75
C HIS A 87 -1.29 12.89 -1.44
N LEU A 88 -0.70 11.70 -1.50
CA LEU A 88 -0.49 10.85 -0.33
C LEU A 88 0.65 11.39 0.52
N ALA A 89 1.64 11.97 -0.14
CA ALA A 89 2.79 12.59 0.54
C ALA A 89 2.33 13.70 1.49
N LEU A 90 1.17 14.27 1.19
CA LEU A 90 0.56 15.28 2.05
C LEU A 90 0.37 14.73 3.46
N GLN A 91 -0.16 13.50 3.54
CA GLN A 91 -0.33 12.84 4.82
C GLN A 91 1.01 12.35 5.32
N GLY A 92 1.85 11.88 4.41
CA GLY A 92 3.19 11.43 4.78
C GLY A 92 3.79 10.48 3.77
N TRP A 93 4.97 9.95 4.09
CA TRP A 93 5.66 9.03 3.20
C TRP A 93 6.31 7.91 4.03
N PRO A 94 5.53 6.87 4.38
CA PRO A 94 5.99 5.79 5.26
C PRO A 94 6.92 4.80 4.54
N LEU A 95 6.98 4.90 3.21
CA LEU A 95 7.88 4.06 2.42
C LEU A 95 9.33 4.54 2.54
N ASP A 96 9.53 5.61 3.30
CA ASP A 96 10.86 6.17 3.52
C ASP A 96 11.63 5.35 4.55
N ASP A 97 10.91 4.84 5.55
CA ASP A 97 11.52 4.07 6.63
C ASP A 97 10.86 2.69 6.77
N PRO A 98 11.51 1.63 6.27
CA PRO A 98 10.95 0.28 6.30
C PRO A 98 11.34 -0.51 7.56
N ARG A 99 10.40 -1.30 8.07
CA ARG A 99 10.71 -2.28 9.12
C ARG A 99 11.47 -3.44 8.49
N ASP A 100 11.00 -3.83 7.31
CA ASP A 100 11.61 -4.89 6.52
C ASP A 100 11.56 -4.47 5.06
N GLY A 101 12.34 -5.11 4.21
CA GLY A 101 12.35 -4.78 2.80
C GLY A 101 12.43 -6.00 1.92
N GLU A 102 12.42 -7.18 2.55
CA GLU A 102 12.59 -8.45 1.86
C GLU A 102 13.97 -8.54 1.22
N GLU A 103 14.68 -9.62 1.53
CA GLU A 103 16.04 -9.80 1.03
C GLU A 103 16.01 -10.26 -0.43
N PRO A 104 17.01 -9.87 -1.23
CA PRO A 104 17.05 -10.19 -2.67
C PRO A 104 17.44 -11.64 -2.95
N ASP A 105 17.29 -12.51 -1.94
CA ASP A 105 17.59 -13.93 -2.11
C ASP A 105 16.71 -14.78 -1.20
N GLY A 106 15.58 -14.21 -0.81
CA GLY A 106 14.67 -14.90 0.09
C GLY A 106 13.24 -14.38 -0.02
N GLU A 107 12.33 -15.02 0.72
CA GLU A 107 10.95 -14.58 0.78
C GLU A 107 10.41 -14.81 2.19
N SER A 108 10.68 -13.87 3.08
CA SER A 108 10.26 -13.97 4.48
C SER A 108 10.14 -12.60 5.13
N GLY A 109 10.22 -11.56 4.31
CA GLY A 109 10.14 -10.19 4.80
C GLY A 109 8.72 -9.69 4.86
N GLY A 110 8.28 -9.27 6.04
CA GLY A 110 6.94 -8.74 6.20
C GLY A 110 6.22 -9.22 7.45
N PRO A 111 6.00 -10.55 7.60
CA PRO A 111 5.22 -11.12 8.71
C PRO A 111 5.64 -10.62 10.09
N ARG A 112 4.69 -10.64 11.02
CA ARG A 112 4.91 -10.19 12.39
C ARG A 112 5.68 -11.23 13.18
N GLY A 1 -3.40 3.04 20.75
CA GLY A 1 -4.60 2.27 21.14
C GLY A 1 -4.89 1.11 20.20
N PRO A 2 -6.09 0.52 20.30
CA PRO A 2 -6.49 -0.62 19.46
C PRO A 2 -6.93 -0.18 18.06
N GLY A 3 -7.65 -1.05 17.37
CA GLY A 3 -8.08 -0.78 16.01
C GLY A 3 -7.18 -1.45 15.00
N SER A 4 -5.91 -1.08 15.03
CA SER A 4 -4.91 -1.72 14.17
C SER A 4 -4.23 -2.85 14.94
N MET A 5 -3.88 -3.92 14.22
CA MET A 5 -3.29 -5.11 14.83
C MET A 5 -1.92 -5.41 14.24
N VAL A 6 -1.78 -5.10 12.94
CA VAL A 6 -0.57 -5.43 12.18
C VAL A 6 0.68 -4.76 12.75
N ASN A 7 1.83 -5.18 12.24
CA ASN A 7 3.13 -4.63 12.63
C ASN A 7 3.14 -3.10 12.52
N ALA A 8 3.90 -2.46 13.41
CA ALA A 8 3.95 -0.99 13.51
C ALA A 8 4.06 -0.33 12.14
N PHE A 9 4.98 -0.82 11.30
CA PHE A 9 5.17 -0.25 9.96
C PHE A 9 3.89 -0.35 9.15
N LEU A 10 3.34 -1.56 9.09
CA LEU A 10 2.14 -1.83 8.30
C LEU A 10 0.95 -1.01 8.82
N ALA A 11 0.86 -0.92 10.15
CA ALA A 11 -0.16 -0.11 10.81
C ALA A 11 -0.08 1.35 10.35
N LYS A 12 1.16 1.86 10.28
CA LYS A 12 1.37 3.22 9.79
C LYS A 12 0.93 3.34 8.36
N ILE A 13 1.27 2.34 7.57
CA ILE A 13 0.94 2.36 6.16
C ILE A 13 -0.58 2.47 5.98
N ALA A 14 -1.30 1.63 6.72
CA ALA A 14 -2.76 1.60 6.67
C ALA A 14 -3.36 2.92 7.13
N ALA A 15 -2.88 3.42 8.27
CA ALA A 15 -3.38 4.67 8.85
C ALA A 15 -3.07 5.86 7.93
N TRP A 16 -1.88 5.86 7.35
CA TRP A 16 -1.44 6.88 6.42
C TRP A 16 -2.36 6.92 5.20
N LEU A 17 -2.65 5.75 4.67
CA LEU A 17 -3.56 5.63 3.53
C LEU A 17 -4.97 6.04 3.91
N ASN A 18 -5.43 5.58 5.08
CA ASN A 18 -6.77 5.87 5.56
C ASN A 18 -6.93 7.36 5.83
N ALA A 19 -5.83 8.03 6.16
CA ALA A 19 -5.83 9.47 6.36
C ALA A 19 -6.03 10.19 5.03
N GLY A 20 -5.46 9.62 3.98
CA GLY A 20 -5.60 10.20 2.65
C GLY A 20 -6.91 9.81 1.99
N TYR A 21 -7.47 8.69 2.42
CA TYR A 21 -8.75 8.20 1.89
C TYR A 21 -9.62 7.65 3.02
N PRO A 22 -10.28 8.54 3.79
CA PRO A 22 -11.17 8.12 4.89
C PRO A 22 -12.48 7.52 4.37
N GLU A 23 -12.72 7.70 3.08
CA GLU A 23 -13.94 7.23 2.44
C GLU A 23 -13.63 6.14 1.40
N GLY A 24 -12.35 5.82 1.25
CA GLY A 24 -11.93 4.84 0.25
C GLY A 24 -11.27 5.50 -0.95
N VAL A 25 -10.64 4.69 -1.80
CA VAL A 25 -9.93 5.19 -2.97
C VAL A 25 -10.71 4.85 -4.25
N PRO A 26 -10.87 5.81 -5.19
CA PRO A 26 -11.47 5.53 -6.49
C PRO A 26 -10.51 4.74 -7.39
N GLY A 27 -11.07 3.94 -8.30
CA GLY A 27 -10.27 3.07 -9.17
C GLY A 27 -9.07 3.75 -9.83
N PRO A 28 -9.29 4.87 -10.55
CA PRO A 28 -8.22 5.59 -11.26
C PRO A 28 -7.08 6.01 -10.32
N ASP A 29 -7.36 6.07 -9.02
CA ASP A 29 -6.34 6.39 -8.03
C ASP A 29 -5.84 5.12 -7.36
N ARG A 30 -6.70 4.09 -7.33
CA ARG A 30 -6.36 2.80 -6.73
C ARG A 30 -5.21 2.14 -7.47
N VAL A 31 -5.34 2.06 -8.80
CA VAL A 31 -4.34 1.37 -9.61
C VAL A 31 -2.93 1.97 -9.42
N PRO A 32 -2.77 3.31 -9.58
CA PRO A 32 -1.48 3.97 -9.35
C PRO A 32 -1.07 3.95 -7.88
N LEU A 33 -2.05 3.96 -6.98
CA LEU A 33 -1.77 3.85 -5.54
C LEU A 33 -0.98 2.58 -5.26
N LEU A 34 -1.47 1.47 -5.79
CA LEU A 34 -0.78 0.19 -5.63
C LEU A 34 0.52 0.17 -6.41
N ALA A 35 0.49 0.73 -7.62
CA ALA A 35 1.69 0.80 -8.43
C ALA A 35 2.81 1.50 -7.67
N LEU A 36 2.42 2.50 -6.88
CA LEU A 36 3.35 3.24 -6.02
C LEU A 36 3.80 2.35 -4.85
N LEU A 37 2.83 1.81 -4.11
CA LEU A 37 3.14 1.02 -2.90
C LEU A 37 4.08 -0.14 -3.22
N THR A 38 3.80 -0.86 -4.29
CA THR A 38 4.55 -2.07 -4.63
C THR A 38 6.02 -1.77 -4.92
N ARG A 39 6.35 -0.48 -5.04
CA ARG A 39 7.72 -0.06 -5.24
C ARG A 39 8.55 -0.35 -4.00
N ARG A 40 7.92 -0.21 -2.82
CA ARG A 40 8.56 -0.55 -1.55
C ARG A 40 7.56 -1.31 -0.68
N LEU A 41 7.32 -2.57 -1.04
CA LEU A 41 6.30 -3.37 -0.37
C LEU A 41 6.29 -4.79 -0.95
N THR A 42 6.15 -5.78 -0.08
CA THR A 42 6.06 -7.18 -0.49
C THR A 42 4.61 -7.64 -0.62
N ASN A 43 4.43 -8.88 -1.08
CA ASN A 43 3.09 -9.47 -1.18
C ASN A 43 2.48 -9.62 0.20
N ASP A 44 3.29 -10.07 1.15
CA ASP A 44 2.84 -10.26 2.52
C ASP A 44 2.43 -8.93 3.13
N GLU A 45 3.22 -7.89 2.89
CA GLU A 45 2.91 -6.55 3.41
C GLU A 45 1.61 -6.01 2.84
N ILE A 46 1.46 -6.03 1.50
CA ILE A 46 0.25 -5.52 0.86
C ILE A 46 -0.97 -6.29 1.38
N LYS A 47 -0.83 -7.61 1.55
CA LYS A 47 -1.90 -8.40 2.14
C LYS A 47 -2.17 -7.97 3.58
N ALA A 48 -1.11 -7.78 4.35
CA ALA A 48 -1.22 -7.36 5.75
C ALA A 48 -2.08 -6.11 5.87
N ILE A 49 -1.86 -5.17 4.94
CA ILE A 49 -2.68 -3.97 4.87
C ILE A 49 -4.16 -4.33 4.73
N ALA A 50 -4.44 -5.26 3.83
CA ALA A 50 -5.81 -5.72 3.59
C ALA A 50 -6.38 -6.38 4.84
N GLU A 51 -5.57 -7.18 5.51
CA GLU A 51 -6.01 -7.94 6.68
C GLU A 51 -6.44 -7.00 7.80
N ASP A 52 -5.72 -5.90 7.95
CA ASP A 52 -6.05 -4.93 8.98
C ASP A 52 -7.28 -4.10 8.59
N LEU A 53 -7.33 -3.67 7.33
CA LEU A 53 -8.40 -2.80 6.84
C LEU A 53 -9.74 -3.53 6.75
N GLU A 54 -9.71 -4.82 6.41
CA GLU A 54 -10.95 -5.61 6.30
C GLU A 54 -11.71 -5.61 7.62
N LYS A 55 -11.02 -5.30 8.70
CA LYS A 55 -11.59 -5.23 10.03
C LYS A 55 -12.67 -4.15 10.11
N ARG A 56 -12.69 -3.24 9.12
CA ARG A 56 -13.62 -2.11 9.12
C ARG A 56 -15.04 -2.55 8.75
N ALA A 57 -15.16 -3.32 7.66
CA ALA A 57 -16.47 -3.71 7.14
C ALA A 57 -16.38 -5.00 6.32
N HIS A 58 -17.54 -5.56 6.00
CA HIS A 58 -17.61 -6.80 5.22
C HIS A 58 -18.04 -6.51 3.79
N PHE A 59 -17.93 -5.25 3.39
CA PHE A 59 -18.35 -4.82 2.05
C PHE A 59 -17.42 -3.73 1.54
N ASP A 60 -16.96 -3.88 0.30
CA ASP A 60 -16.10 -2.89 -0.34
C ASP A 60 -16.05 -3.13 -1.85
N HIS A 61 -15.65 -2.11 -2.59
CA HIS A 61 -15.40 -2.23 -4.02
C HIS A 61 -14.01 -1.68 -4.33
N ILE A 62 -13.20 -1.53 -3.28
CA ILE A 62 -11.91 -0.87 -3.39
C ILE A 62 -10.75 -1.83 -3.09
N ASP A 63 -11.05 -3.14 -3.09
CA ASP A 63 -10.06 -4.19 -2.78
C ASP A 63 -8.66 -3.87 -3.30
N ILE A 64 -7.67 -4.08 -2.45
CA ILE A 64 -6.29 -3.69 -2.71
C ILE A 64 -5.57 -4.72 -3.58
N GLY A 65 -5.94 -5.99 -3.43
CA GLY A 65 -5.27 -7.06 -4.15
C GLY A 65 -5.50 -7.00 -5.65
N VAL A 66 -6.74 -6.72 -6.06
CA VAL A 66 -7.11 -6.68 -7.48
C VAL A 66 -6.25 -5.70 -8.27
N LEU A 67 -5.89 -4.58 -7.66
CA LEU A 67 -5.10 -3.55 -8.34
C LEU A 67 -3.81 -4.13 -8.90
N ILE A 68 -3.13 -4.94 -8.09
CA ILE A 68 -1.86 -5.54 -8.48
C ILE A 68 -2.04 -6.44 -9.71
N THR A 69 -3.20 -7.08 -9.80
CA THR A 69 -3.50 -7.98 -10.91
C THR A 69 -3.65 -7.18 -12.21
N GLN A 70 -4.12 -5.95 -12.06
CA GLN A 70 -4.30 -5.03 -13.19
C GLN A 70 -2.95 -4.45 -13.60
N MET A 71 -2.21 -3.96 -12.62
CA MET A 71 -0.94 -3.26 -12.83
C MET A 71 0.02 -4.09 -13.68
N THR A 72 0.06 -5.40 -13.43
CA THR A 72 0.98 -6.29 -14.14
C THR A 72 0.67 -6.31 -15.64
N ASP A 73 -0.58 -5.99 -15.98
CA ASP A 73 -1.05 -6.04 -17.35
C ASP A 73 -1.16 -4.64 -17.95
N GLU A 74 -1.48 -3.69 -17.09
CA GLU A 74 -1.72 -2.31 -17.50
C GLU A 74 -1.17 -1.33 -16.48
N MET A 75 -0.20 -0.53 -16.88
CA MET A 75 0.25 0.57 -16.06
C MET A 75 -0.73 1.72 -16.20
N PRO A 76 -1.29 2.20 -15.07
CA PRO A 76 -2.36 3.21 -15.08
C PRO A 76 -1.93 4.47 -15.84
N ARG A 77 -1.25 5.36 -15.15
CA ARG A 77 -0.60 6.51 -15.77
C ARG A 77 0.52 6.97 -14.87
N GLU A 78 1.61 7.40 -15.47
CA GLU A 78 2.75 7.87 -14.69
C GLU A 78 2.39 9.17 -13.99
N GLU A 79 1.62 10.01 -14.69
CA GLU A 79 1.08 11.23 -14.11
C GLU A 79 0.27 10.92 -12.86
N ASP A 80 -0.49 9.83 -12.91
CA ASP A 80 -1.33 9.43 -11.78
C ASP A 80 -0.48 8.84 -10.66
N ILE A 81 0.59 8.12 -11.02
CA ILE A 81 1.50 7.56 -10.02
C ILE A 81 2.13 8.68 -9.19
N GLU A 82 2.67 9.69 -9.88
CA GLU A 82 3.26 10.84 -9.19
C GLU A 82 2.17 11.65 -8.47
N ARG A 83 1.01 11.75 -9.10
CA ARG A 83 -0.14 12.47 -8.54
C ARG A 83 -0.60 11.83 -7.23
N VAL A 84 -0.68 10.52 -7.20
CA VAL A 84 -1.15 9.83 -6.00
C VAL A 84 -0.08 9.86 -4.92
N ARG A 85 1.17 9.59 -5.29
CA ARG A 85 2.27 9.57 -4.31
C ARG A 85 2.44 10.94 -3.65
N ARG A 86 2.30 12.02 -4.44
CA ARG A 86 2.44 13.38 -3.90
C ARG A 86 1.23 13.71 -3.02
N HIS A 87 0.05 13.29 -3.47
CA HIS A 87 -1.20 13.48 -2.74
C HIS A 87 -1.11 12.78 -1.38
N LEU A 88 -0.51 11.60 -1.40
CA LEU A 88 -0.32 10.80 -0.20
C LEU A 88 0.79 11.38 0.68
N ALA A 89 1.81 11.94 0.04
CA ALA A 89 2.96 12.54 0.74
C ALA A 89 2.52 13.70 1.61
N LEU A 90 1.33 14.24 1.32
CA LEU A 90 0.75 15.30 2.14
C LEU A 90 0.45 14.77 3.55
N GLN A 91 -0.15 13.58 3.61
CA GLN A 91 -0.43 12.94 4.90
C GLN A 91 0.87 12.42 5.51
N GLY A 92 1.75 11.88 4.65
CA GLY A 92 3.02 11.37 5.12
C GLY A 92 3.64 10.39 4.14
N TRP A 93 4.72 9.74 4.55
CA TRP A 93 5.39 8.76 3.71
C TRP A 93 6.17 7.75 4.58
N PRO A 94 5.48 6.76 5.14
CA PRO A 94 6.12 5.71 5.93
C PRO A 94 6.80 4.66 5.05
N LEU A 95 6.45 4.62 3.76
CA LEU A 95 6.91 3.58 2.84
C LEU A 95 8.43 3.64 2.62
N ASP A 96 9.07 4.67 3.17
CA ASP A 96 10.49 4.88 2.95
C ASP A 96 11.35 3.87 3.72
N ASP A 97 10.97 3.60 4.97
CA ASP A 97 11.81 2.81 5.86
C ASP A 97 10.97 1.97 6.84
N PRO A 98 11.26 0.66 6.96
CA PRO A 98 10.56 -0.25 7.89
C PRO A 98 10.70 0.21 9.35
N ARG A 99 9.72 -0.19 10.18
CA ARG A 99 9.72 0.19 11.59
C ARG A 99 10.12 -0.99 12.46
N ASP A 100 9.87 -2.17 11.95
CA ASP A 100 10.46 -3.39 12.49
C ASP A 100 11.76 -3.65 11.75
N GLY A 101 12.66 -4.41 12.35
CA GLY A 101 14.03 -4.46 11.85
C GLY A 101 14.52 -5.87 11.59
N GLU A 102 14.28 -6.36 10.39
CA GLU A 102 14.78 -7.67 9.97
C GLU A 102 15.24 -7.62 8.51
N GLU A 103 16.45 -8.13 8.25
CA GLU A 103 17.03 -8.10 6.91
C GLU A 103 16.24 -8.99 5.95
N PRO A 104 15.51 -8.40 4.98
CA PRO A 104 14.61 -9.13 4.10
C PRO A 104 15.27 -9.69 2.83
N ASP A 105 15.71 -8.81 1.93
CA ASP A 105 16.20 -9.24 0.61
C ASP A 105 17.62 -8.74 0.35
N GLY A 106 18.34 -9.48 -0.47
CA GLY A 106 19.65 -9.07 -0.93
C GLY A 106 19.96 -9.63 -2.29
N GLU A 107 18.89 -9.99 -3.02
CA GLU A 107 19.02 -10.65 -4.32
C GLU A 107 18.88 -9.65 -5.45
N SER A 108 17.89 -8.77 -5.33
CA SER A 108 17.60 -7.80 -6.37
C SER A 108 18.58 -6.62 -6.33
N GLY A 109 18.94 -6.09 -7.49
CA GLY A 109 19.88 -4.98 -7.56
C GLY A 109 19.21 -3.69 -8.01
N GLY A 110 18.26 -3.81 -8.93
CA GLY A 110 17.60 -2.64 -9.48
C GLY A 110 16.90 -2.94 -10.79
N PRO A 111 17.64 -3.44 -11.81
CA PRO A 111 17.07 -3.77 -13.13
C PRO A 111 15.87 -4.71 -13.02
N ARG A 112 14.73 -4.25 -13.51
CA ARG A 112 13.50 -5.02 -13.49
C ARG A 112 12.86 -5.00 -14.88
N GLY A 1 -7.95 2.32 23.46
CA GLY A 1 -8.45 1.05 22.90
C GLY A 1 -7.39 0.32 22.09
N PRO A 2 -7.68 -0.92 21.65
CA PRO A 2 -6.73 -1.72 20.86
C PRO A 2 -6.67 -1.27 19.40
N GLY A 3 -5.77 -1.86 18.64
CA GLY A 3 -5.62 -1.52 17.23
C GLY A 3 -4.29 -2.00 16.68
N SER A 4 -4.14 -1.91 15.36
CA SER A 4 -2.92 -2.32 14.68
C SER A 4 -2.63 -3.81 14.91
N MET A 5 -3.34 -4.66 14.17
CA MET A 5 -3.15 -6.10 14.26
C MET A 5 -1.85 -6.50 13.57
N VAL A 6 -1.50 -5.72 12.57
CA VAL A 6 -0.32 -5.96 11.75
C VAL A 6 0.95 -5.37 12.39
N ASN A 7 2.07 -5.52 11.68
CA ASN A 7 3.35 -4.94 12.08
C ASN A 7 3.27 -3.42 12.06
N ALA A 8 4.12 -2.78 12.86
CA ALA A 8 4.11 -1.32 13.01
C ALA A 8 4.20 -0.63 11.65
N PHE A 9 5.07 -1.14 10.77
CA PHE A 9 5.23 -0.59 9.43
C PHE A 9 3.88 -0.60 8.69
N LEU A 10 3.21 -1.74 8.75
CA LEU A 10 1.96 -1.93 8.03
C LEU A 10 0.86 -1.06 8.64
N ALA A 11 0.87 -0.96 9.97
CA ALA A 11 -0.03 -0.07 10.70
C ALA A 11 0.19 1.38 10.26
N LYS A 12 1.45 1.74 10.06
CA LYS A 12 1.82 3.07 9.56
C LYS A 12 1.19 3.29 8.19
N ILE A 13 1.37 2.31 7.29
CA ILE A 13 0.80 2.37 5.94
C ILE A 13 -0.72 2.53 6.01
N ALA A 14 -1.36 1.72 6.85
CA ALA A 14 -2.81 1.70 6.98
C ALA A 14 -3.34 3.07 7.41
N ALA A 15 -2.71 3.63 8.45
CA ALA A 15 -3.11 4.92 8.98
C ALA A 15 -2.91 6.03 7.93
N TRP A 16 -1.74 6.01 7.29
CA TRP A 16 -1.39 6.96 6.25
C TRP A 16 -2.43 6.94 5.13
N LEU A 17 -2.79 5.76 4.67
CA LEU A 17 -3.78 5.61 3.61
C LEU A 17 -5.17 6.07 4.08
N ASN A 18 -5.60 5.57 5.22
CA ASN A 18 -6.94 5.87 5.72
C ASN A 18 -7.08 7.35 6.09
N ALA A 19 -5.95 8.00 6.34
CA ALA A 19 -5.92 9.44 6.59
C ALA A 19 -6.32 10.21 5.33
N GLY A 20 -5.80 9.76 4.19
CA GLY A 20 -6.12 10.39 2.92
C GLY A 20 -7.47 9.95 2.42
N TYR A 21 -7.80 8.68 2.66
CA TYR A 21 -9.06 8.10 2.22
C TYR A 21 -9.85 7.59 3.44
N PRO A 22 -10.65 8.46 4.07
CA PRO A 22 -11.49 8.07 5.21
C PRO A 22 -12.67 7.19 4.79
N GLU A 23 -13.08 7.32 3.52
CA GLU A 23 -14.21 6.57 3.00
C GLU A 23 -13.73 5.43 2.11
N GLY A 24 -12.61 5.65 1.43
CA GLY A 24 -12.05 4.64 0.56
C GLY A 24 -11.45 5.24 -0.69
N VAL A 25 -10.67 4.45 -1.42
CA VAL A 25 -9.97 4.93 -2.60
C VAL A 25 -10.76 4.55 -3.87
N PRO A 26 -11.03 5.50 -4.77
CA PRO A 26 -11.66 5.20 -6.05
C PRO A 26 -10.68 4.51 -7.00
N GLY A 27 -11.21 3.75 -7.96
CA GLY A 27 -10.39 2.97 -8.88
C GLY A 27 -9.24 3.76 -9.51
N PRO A 28 -9.54 4.91 -10.18
CA PRO A 28 -8.53 5.73 -10.85
C PRO A 28 -7.40 6.17 -9.91
N ASP A 29 -7.67 6.12 -8.61
CA ASP A 29 -6.68 6.47 -7.60
C ASP A 29 -6.05 5.19 -7.06
N ARG A 30 -6.83 4.10 -7.03
CA ARG A 30 -6.38 2.83 -6.51
C ARG A 30 -5.24 2.25 -7.34
N VAL A 31 -5.40 2.26 -8.67
CA VAL A 31 -4.38 1.66 -9.55
C VAL A 31 -2.99 2.30 -9.32
N PRO A 32 -2.88 3.65 -9.40
CA PRO A 32 -1.59 4.32 -9.17
C PRO A 32 -1.16 4.24 -7.71
N LEU A 33 -2.14 4.23 -6.79
CA LEU A 33 -1.86 4.10 -5.36
C LEU A 33 -1.06 2.83 -5.11
N LEU A 34 -1.54 1.73 -5.68
CA LEU A 34 -0.87 0.44 -5.55
C LEU A 34 0.43 0.44 -6.33
N ALA A 35 0.41 1.00 -7.53
CA ALA A 35 1.61 1.06 -8.35
C ALA A 35 2.79 1.63 -7.57
N LEU A 36 2.53 2.72 -6.86
CA LEU A 36 3.51 3.37 -6.00
C LEU A 36 3.80 2.52 -4.75
N LEU A 37 2.74 2.07 -4.10
CA LEU A 37 2.84 1.44 -2.78
C LEU A 37 3.56 0.08 -2.86
N THR A 38 3.29 -0.70 -3.91
CA THR A 38 3.81 -2.06 -4.01
C THR A 38 5.31 -2.10 -4.26
N ARG A 39 5.91 -0.94 -4.55
CA ARG A 39 7.33 -0.89 -4.86
C ARG A 39 8.21 -1.48 -3.76
N ARG A 40 8.00 -1.03 -2.51
CA ARG A 40 8.85 -1.47 -1.41
C ARG A 40 8.14 -2.49 -0.51
N LEU A 41 6.82 -2.64 -0.67
CA LEU A 41 6.05 -3.59 0.14
C LEU A 41 5.83 -4.91 -0.63
N THR A 42 5.93 -6.01 0.09
CA THR A 42 5.76 -7.35 -0.49
C THR A 42 4.28 -7.69 -0.67
N ASN A 43 4.00 -8.86 -1.25
CA ASN A 43 2.63 -9.36 -1.40
C ASN A 43 2.02 -9.57 -0.02
N ASP A 44 2.82 -10.12 0.89
CA ASP A 44 2.39 -10.35 2.26
C ASP A 44 2.01 -9.05 2.94
N GLU A 45 2.83 -8.02 2.76
CA GLU A 45 2.59 -6.72 3.36
C GLU A 45 1.34 -6.04 2.78
N ILE A 46 1.26 -5.96 1.46
CA ILE A 46 0.10 -5.33 0.80
C ILE A 46 -1.19 -6.05 1.24
N LYS A 47 -1.11 -7.38 1.37
CA LYS A 47 -2.25 -8.14 1.90
C LYS A 47 -2.50 -7.80 3.36
N ALA A 48 -1.42 -7.71 4.14
CA ALA A 48 -1.53 -7.39 5.55
C ALA A 48 -2.33 -6.11 5.76
N ILE A 49 -2.14 -5.15 4.85
CA ILE A 49 -2.91 -3.91 4.85
C ILE A 49 -4.41 -4.22 4.82
N ALA A 50 -4.81 -5.14 3.95
CA ALA A 50 -6.22 -5.50 3.80
C ALA A 50 -6.70 -6.21 5.05
N GLU A 51 -5.90 -7.16 5.51
CA GLU A 51 -6.22 -7.99 6.66
C GLU A 51 -6.52 -7.13 7.89
N ASP A 52 -5.76 -6.04 8.02
CA ASP A 52 -5.92 -5.12 9.16
C ASP A 52 -7.18 -4.26 9.00
N LEU A 53 -7.39 -3.75 7.79
CA LEU A 53 -8.48 -2.81 7.53
C LEU A 53 -9.85 -3.49 7.53
N GLU A 54 -9.89 -4.79 7.21
CA GLU A 54 -11.15 -5.54 7.14
C GLU A 54 -11.92 -5.49 8.46
N LYS A 55 -11.21 -5.28 9.56
CA LYS A 55 -11.83 -5.20 10.88
C LYS A 55 -12.71 -3.96 10.99
N ARG A 56 -12.41 -2.94 10.18
CA ARG A 56 -13.27 -1.76 10.09
C ARG A 56 -14.36 -1.98 9.05
N ALA A 57 -13.95 -2.34 7.84
CA ALA A 57 -14.87 -2.54 6.73
C ALA A 57 -14.22 -3.35 5.61
N HIS A 58 -15.03 -4.06 4.85
CA HIS A 58 -14.56 -4.85 3.72
C HIS A 58 -15.31 -4.45 2.46
N PHE A 59 -14.76 -3.47 1.74
CA PHE A 59 -15.36 -3.03 0.48
C PHE A 59 -14.79 -3.83 -0.68
N ASP A 60 -15.56 -4.80 -1.15
CA ASP A 60 -15.09 -5.76 -2.18
C ASP A 60 -14.66 -5.05 -3.46
N HIS A 61 -15.43 -4.06 -3.87
CA HIS A 61 -15.23 -3.41 -5.17
C HIS A 61 -14.16 -2.32 -5.07
N ILE A 62 -13.65 -2.12 -3.86
CA ILE A 62 -12.56 -1.17 -3.62
C ILE A 62 -11.31 -1.93 -3.15
N ASP A 63 -11.33 -3.25 -3.35
CA ASP A 63 -10.26 -4.14 -2.87
C ASP A 63 -8.88 -3.68 -3.37
N ILE A 64 -7.86 -3.99 -2.57
CA ILE A 64 -6.49 -3.53 -2.79
C ILE A 64 -5.68 -4.51 -3.62
N GLY A 65 -5.95 -5.80 -3.45
CA GLY A 65 -5.21 -6.82 -4.18
C GLY A 65 -5.55 -6.85 -5.65
N VAL A 66 -6.78 -6.48 -5.98
CA VAL A 66 -7.24 -6.44 -7.37
C VAL A 66 -6.36 -5.51 -8.21
N LEU A 67 -5.93 -4.41 -7.60
CA LEU A 67 -5.14 -3.40 -8.32
C LEU A 67 -3.84 -3.99 -8.86
N ILE A 68 -3.21 -4.85 -8.08
CA ILE A 68 -1.95 -5.46 -8.48
C ILE A 68 -2.15 -6.30 -9.75
N THR A 69 -3.34 -6.90 -9.87
CA THR A 69 -3.68 -7.71 -11.03
C THR A 69 -3.84 -6.83 -12.26
N GLN A 70 -4.28 -5.59 -12.04
CA GLN A 70 -4.46 -4.64 -13.12
C GLN A 70 -3.10 -4.09 -13.57
N MET A 71 -2.32 -3.66 -12.59
CA MET A 71 -1.00 -3.07 -12.84
C MET A 71 -0.10 -4.02 -13.64
N THR A 72 -0.04 -5.27 -13.20
CA THR A 72 0.83 -6.25 -13.84
C THR A 72 0.50 -6.39 -15.32
N ASP A 73 -0.77 -6.18 -15.65
CA ASP A 73 -1.27 -6.33 -17.01
C ASP A 73 -1.05 -5.04 -17.80
N GLU A 74 -1.49 -3.94 -17.21
CA GLU A 74 -1.32 -2.62 -17.80
C GLU A 74 -1.17 -1.56 -16.70
N MET A 75 -0.09 -0.80 -16.76
CA MET A 75 0.16 0.25 -15.78
C MET A 75 -0.74 1.45 -16.07
N PRO A 76 -1.20 2.16 -15.02
CA PRO A 76 -2.15 3.27 -15.17
C PRO A 76 -1.55 4.42 -15.98
N ARG A 77 -0.86 5.33 -15.31
CA ARG A 77 -0.15 6.42 -15.97
C ARG A 77 0.93 6.92 -15.04
N GLU A 78 2.08 7.27 -15.59
CA GLU A 78 3.18 7.78 -14.78
C GLU A 78 2.75 9.07 -14.07
N GLU A 79 1.99 9.90 -14.80
CA GLU A 79 1.46 11.14 -14.24
C GLU A 79 0.56 10.84 -13.05
N ASP A 80 -0.21 9.75 -13.15
CA ASP A 80 -1.11 9.34 -12.06
C ASP A 80 -0.32 8.78 -10.88
N ILE A 81 0.77 8.07 -11.17
CA ILE A 81 1.62 7.52 -10.13
C ILE A 81 2.21 8.64 -9.27
N GLU A 82 2.82 9.63 -9.93
CA GLU A 82 3.37 10.78 -9.20
C GLU A 82 2.23 11.61 -8.60
N ARG A 83 1.12 11.67 -9.32
CA ARG A 83 -0.09 12.37 -8.89
C ARG A 83 -0.56 11.82 -7.54
N VAL A 84 -0.62 10.50 -7.44
CA VAL A 84 -1.12 9.86 -6.23
C VAL A 84 -0.09 9.98 -5.10
N ARG A 85 1.18 9.69 -5.38
CA ARG A 85 2.21 9.75 -4.35
C ARG A 85 2.27 11.14 -3.71
N ARG A 86 2.21 12.19 -4.52
CA ARG A 86 2.24 13.57 -4.00
C ARG A 86 0.97 13.88 -3.22
N HIS A 87 -0.15 13.34 -3.69
CA HIS A 87 -1.45 13.48 -3.02
C HIS A 87 -1.39 12.79 -1.65
N LEU A 88 -0.75 11.63 -1.63
CA LEU A 88 -0.57 10.83 -0.43
C LEU A 88 0.48 11.45 0.50
N ALA A 89 1.44 12.16 -0.10
CA ALA A 89 2.51 12.81 0.65
C ALA A 89 1.96 13.85 1.63
N LEU A 90 0.75 14.35 1.32
CA LEU A 90 0.06 15.27 2.21
C LEU A 90 -0.13 14.64 3.58
N GLN A 91 -0.49 13.36 3.57
CA GLN A 91 -0.65 12.59 4.80
C GLN A 91 0.71 12.16 5.32
N GLY A 92 1.61 11.84 4.39
CA GLY A 92 2.97 11.50 4.77
C GLY A 92 3.63 10.55 3.79
N TRP A 93 4.85 10.16 4.08
CA TRP A 93 5.60 9.23 3.25
C TRP A 93 6.17 8.10 4.13
N PRO A 94 5.37 7.05 4.39
CA PRO A 94 5.73 5.98 5.34
C PRO A 94 6.83 5.05 4.80
N LEU A 95 6.99 5.02 3.48
CA LEU A 95 7.97 4.16 2.84
C LEU A 95 9.41 4.61 3.14
N ASP A 96 9.55 5.71 3.89
CA ASP A 96 10.86 6.21 4.29
C ASP A 96 11.41 5.40 5.45
N ASP A 97 10.50 4.88 6.28
CA ASP A 97 10.86 4.16 7.49
C ASP A 97 10.36 2.71 7.45
N PRO A 98 11.27 1.78 7.12
CA PRO A 98 10.97 0.36 7.00
C PRO A 98 11.23 -0.41 8.29
N ARG A 99 10.34 -1.36 8.62
CA ARG A 99 10.51 -2.20 9.81
C ARG A 99 11.23 -3.50 9.45
N ASP A 100 11.05 -3.96 8.23
CA ASP A 100 11.64 -5.22 7.79
C ASP A 100 12.14 -5.10 6.35
N GLY A 101 13.23 -5.82 6.05
CA GLY A 101 13.75 -5.86 4.71
C GLY A 101 14.22 -4.52 4.20
N GLU A 102 15.04 -3.86 5.01
CA GLU A 102 15.64 -2.57 4.62
C GLU A 102 16.34 -2.69 3.26
N GLU A 103 15.73 -2.10 2.24
CA GLU A 103 16.24 -2.12 0.87
C GLU A 103 16.67 -0.69 0.45
N PRO A 104 17.24 -0.43 -0.76
CA PRO A 104 18.06 0.77 -0.99
C PRO A 104 17.27 2.09 -0.89
N ASP A 105 17.77 2.97 -0.02
CA ASP A 105 17.25 4.32 0.14
C ASP A 105 17.85 5.23 -0.93
N GLY A 106 16.99 5.94 -1.66
CA GLY A 106 17.46 6.82 -2.72
C GLY A 106 17.60 8.23 -2.23
N GLU A 107 16.51 8.74 -1.67
CA GLU A 107 16.47 10.11 -1.16
C GLU A 107 15.20 10.34 -0.34
N SER A 108 15.07 11.53 0.23
CA SER A 108 13.94 11.87 1.07
C SER A 108 13.01 12.87 0.37
N GLY A 109 12.22 12.36 -0.57
CA GLY A 109 11.24 13.17 -1.27
C GLY A 109 9.85 13.01 -0.65
N GLY A 110 9.81 13.12 0.67
CA GLY A 110 8.58 12.93 1.41
C GLY A 110 8.76 13.25 2.88
N PRO A 111 9.70 12.57 3.56
CA PRO A 111 10.09 12.92 4.93
C PRO A 111 10.95 14.17 4.97
N ARG A 112 10.90 14.90 6.09
CA ARG A 112 11.64 16.14 6.24
C ARG A 112 12.83 15.92 7.18
N GLY A 1 -1.17 5.97 21.92
CA GLY A 1 -2.52 6.46 21.53
C GLY A 1 -3.37 5.36 20.92
N PRO A 2 -3.47 5.29 19.58
CA PRO A 2 -4.30 4.28 18.89
C PRO A 2 -3.63 2.90 18.88
N GLY A 3 -4.34 1.93 18.31
CA GLY A 3 -3.84 0.56 18.24
C GLY A 3 -4.28 -0.15 16.97
N SER A 4 -3.50 -1.13 16.54
CA SER A 4 -3.75 -1.84 15.29
C SER A 4 -3.79 -3.36 15.53
N MET A 5 -4.03 -4.11 14.45
CA MET A 5 -3.97 -5.56 14.49
C MET A 5 -2.67 -6.02 13.84
N VAL A 6 -2.31 -5.35 12.75
CA VAL A 6 -1.09 -5.65 12.01
C VAL A 6 0.16 -5.08 12.69
N ASN A 7 1.30 -5.47 12.13
CA ASN A 7 2.62 -5.01 12.56
C ASN A 7 2.71 -3.48 12.59
N ALA A 8 3.73 -2.97 13.29
CA ALA A 8 3.90 -1.53 13.48
C ALA A 8 4.05 -0.80 12.14
N PHE A 9 4.87 -1.35 11.24
CA PHE A 9 5.07 -0.75 9.92
C PHE A 9 3.76 -0.72 9.14
N LEU A 10 3.12 -1.89 9.08
CA LEU A 10 1.86 -2.05 8.35
C LEU A 10 0.80 -1.11 8.91
N ALA A 11 0.76 -1.02 10.23
CA ALA A 11 -0.13 -0.10 10.93
C ALA A 11 0.06 1.33 10.43
N LYS A 12 1.31 1.77 10.29
CA LYS A 12 1.60 3.12 9.82
C LYS A 12 1.14 3.28 8.37
N ILE A 13 1.35 2.23 7.57
CA ILE A 13 0.88 2.25 6.18
C ILE A 13 -0.64 2.42 6.13
N ALA A 14 -1.35 1.62 6.92
CA ALA A 14 -2.82 1.64 6.95
C ALA A 14 -3.35 2.97 7.45
N ALA A 15 -2.72 3.51 8.50
CA ALA A 15 -3.14 4.78 9.09
C ALA A 15 -2.94 5.93 8.11
N TRP A 16 -1.76 5.95 7.51
CA TRP A 16 -1.39 6.95 6.51
C TRP A 16 -2.37 6.91 5.33
N LEU A 17 -2.66 5.71 4.84
CA LEU A 17 -3.62 5.52 3.75
C LEU A 17 -5.02 5.93 4.18
N ASN A 18 -5.38 5.57 5.41
CA ASN A 18 -6.69 5.91 5.97
C ASN A 18 -6.85 7.43 5.99
N ALA A 19 -5.77 8.12 6.32
CA ALA A 19 -5.77 9.58 6.35
C ALA A 19 -5.86 10.15 4.93
N GLY A 20 -5.40 9.37 3.96
CA GLY A 20 -5.43 9.80 2.57
C GLY A 20 -6.79 9.61 1.95
N TYR A 21 -7.45 8.51 2.30
CA TYR A 21 -8.77 8.18 1.75
C TYR A 21 -9.69 7.63 2.86
N PRO A 22 -10.15 8.48 3.79
CA PRO A 22 -11.03 8.05 4.88
C PRO A 22 -12.45 7.73 4.39
N GLU A 23 -12.77 8.18 3.17
CA GLU A 23 -14.11 7.99 2.60
C GLU A 23 -14.06 7.06 1.38
N GLY A 24 -13.01 6.23 1.31
CA GLY A 24 -12.87 5.30 0.21
C GLY A 24 -12.04 5.89 -0.92
N VAL A 25 -11.59 5.02 -1.83
CA VAL A 25 -10.72 5.45 -2.93
C VAL A 25 -11.20 4.84 -4.25
N PRO A 26 -11.40 5.68 -5.29
CA PRO A 26 -11.86 5.22 -6.60
C PRO A 26 -10.77 4.48 -7.39
N GLY A 27 -11.20 3.71 -8.40
CA GLY A 27 -10.27 2.92 -9.21
C GLY A 27 -9.13 3.75 -9.78
N PRO A 28 -9.43 4.87 -10.48
CA PRO A 28 -8.41 5.75 -11.07
C PRO A 28 -7.31 6.16 -10.08
N ASP A 29 -7.62 6.10 -8.78
CA ASP A 29 -6.64 6.44 -7.74
C ASP A 29 -6.01 5.17 -7.19
N ARG A 30 -6.80 4.10 -7.15
CA ARG A 30 -6.35 2.83 -6.59
C ARG A 30 -5.22 2.20 -7.41
N VAL A 31 -5.37 2.20 -8.74
CA VAL A 31 -4.39 1.58 -9.62
C VAL A 31 -2.99 2.20 -9.41
N PRO A 32 -2.84 3.54 -9.49
CA PRO A 32 -1.57 4.20 -9.24
C PRO A 32 -1.16 4.12 -7.78
N LEU A 33 -2.16 4.08 -6.87
CA LEU A 33 -1.89 3.92 -5.44
C LEU A 33 -1.08 2.63 -5.22
N LEU A 34 -1.56 1.54 -5.79
CA LEU A 34 -0.89 0.26 -5.66
C LEU A 34 0.43 0.28 -6.41
N ALA A 35 0.41 0.85 -7.61
CA ALA A 35 1.63 0.95 -8.42
C ALA A 35 2.76 1.60 -7.60
N LEU A 36 2.39 2.62 -6.84
CA LEU A 36 3.34 3.35 -6.00
C LEU A 36 3.79 2.48 -4.82
N LEU A 37 2.81 1.97 -4.07
CA LEU A 37 3.09 1.20 -2.84
C LEU A 37 3.93 -0.06 -3.14
N THR A 38 3.58 -0.76 -4.21
CA THR A 38 4.18 -2.07 -4.49
C THR A 38 5.67 -1.96 -4.82
N ARG A 39 6.15 -0.73 -4.98
CA ARG A 39 7.56 -0.49 -5.22
C ARG A 39 8.40 -0.95 -4.02
N ARG A 40 7.98 -0.51 -2.82
CA ARG A 40 8.62 -0.94 -1.59
C ARG A 40 7.58 -1.55 -0.66
N LEU A 41 7.18 -2.77 -0.97
CA LEU A 41 6.15 -3.47 -0.21
C LEU A 41 6.05 -4.92 -0.68
N THR A 42 6.01 -5.86 0.25
CA THR A 42 5.92 -7.28 -0.11
C THR A 42 4.46 -7.70 -0.28
N ASN A 43 4.25 -8.91 -0.82
CA ASN A 43 2.90 -9.45 -1.00
C ASN A 43 2.25 -9.66 0.36
N ASP A 44 3.05 -10.13 1.30
CA ASP A 44 2.60 -10.36 2.66
C ASP A 44 2.12 -9.06 3.28
N GLU A 45 2.89 -8.00 3.04
CA GLU A 45 2.57 -6.67 3.55
C GLU A 45 1.28 -6.12 2.94
N ILE A 46 1.18 -6.11 1.61
CA ILE A 46 -0.01 -5.60 0.94
C ILE A 46 -1.26 -6.34 1.42
N LYS A 47 -1.13 -7.67 1.59
CA LYS A 47 -2.24 -8.45 2.13
C LYS A 47 -2.57 -8.00 3.56
N ALA A 48 -1.53 -7.84 4.38
CA ALA A 48 -1.70 -7.43 5.77
C ALA A 48 -2.50 -6.13 5.87
N ILE A 49 -2.22 -5.21 4.94
CA ILE A 49 -2.96 -3.94 4.87
C ILE A 49 -4.46 -4.21 4.70
N ALA A 50 -4.78 -5.15 3.84
CA ALA A 50 -6.17 -5.52 3.61
C ALA A 50 -6.74 -6.15 4.87
N GLU A 51 -5.99 -7.09 5.42
CA GLU A 51 -6.43 -7.88 6.56
C GLU A 51 -6.84 -7.00 7.75
N ASP A 52 -6.08 -5.95 8.00
CA ASP A 52 -6.38 -5.04 9.11
C ASP A 52 -7.65 -4.24 8.81
N LEU A 53 -7.71 -3.70 7.60
CA LEU A 53 -8.81 -2.84 7.18
C LEU A 53 -10.12 -3.62 7.04
N GLU A 54 -10.02 -4.89 6.61
CA GLU A 54 -11.21 -5.72 6.41
C GLU A 54 -11.93 -5.96 7.74
N LYS A 55 -11.15 -6.19 8.80
CA LYS A 55 -11.72 -6.36 10.14
C LYS A 55 -12.51 -5.11 10.53
N ARG A 56 -12.01 -3.96 10.09
CA ARG A 56 -12.64 -2.69 10.38
C ARG A 56 -13.94 -2.54 9.58
N ALA A 57 -13.85 -2.82 8.29
CA ALA A 57 -15.00 -2.76 7.40
C ALA A 57 -14.70 -3.45 6.07
N HIS A 58 -15.44 -4.50 5.77
CA HIS A 58 -15.22 -5.26 4.54
C HIS A 58 -15.79 -4.52 3.33
N PHE A 59 -15.05 -3.54 2.84
CA PHE A 59 -15.41 -2.88 1.60
C PHE A 59 -14.87 -3.66 0.40
N ASP A 60 -15.57 -4.74 0.07
CA ASP A 60 -15.19 -5.63 -1.02
C ASP A 60 -15.50 -5.01 -2.39
N HIS A 61 -15.21 -3.72 -2.51
CA HIS A 61 -15.36 -3.00 -3.77
C HIS A 61 -14.05 -2.26 -4.10
N ILE A 62 -13.22 -2.06 -3.08
CA ILE A 62 -11.96 -1.33 -3.23
C ILE A 62 -10.76 -2.27 -3.05
N ASP A 63 -11.02 -3.57 -3.11
CA ASP A 63 -10.01 -4.62 -2.87
C ASP A 63 -8.63 -4.22 -3.38
N ILE A 64 -7.73 -3.96 -2.43
CA ILE A 64 -6.35 -3.58 -2.71
C ILE A 64 -5.63 -4.63 -3.57
N GLY A 65 -6.08 -5.87 -3.48
CA GLY A 65 -5.46 -6.95 -4.22
C GLY A 65 -5.66 -6.85 -5.72
N VAL A 66 -6.89 -6.55 -6.15
CA VAL A 66 -7.24 -6.56 -7.57
C VAL A 66 -6.39 -5.57 -8.37
N LEU A 67 -6.08 -4.43 -7.75
CA LEU A 67 -5.30 -3.39 -8.43
C LEU A 67 -3.98 -3.95 -8.95
N ILE A 68 -3.34 -4.81 -8.15
CA ILE A 68 -2.06 -5.41 -8.51
C ILE A 68 -2.19 -6.22 -9.80
N THR A 69 -3.35 -6.83 -10.01
CA THR A 69 -3.59 -7.67 -11.17
C THR A 69 -3.69 -6.81 -12.43
N GLN A 70 -4.15 -5.58 -12.25
CA GLN A 70 -4.27 -4.66 -13.37
C GLN A 70 -2.90 -4.11 -13.76
N MET A 71 -2.18 -3.62 -12.76
CA MET A 71 -0.86 -3.00 -12.96
C MET A 71 0.09 -3.94 -13.70
N THR A 72 0.06 -5.22 -13.35
CA THR A 72 0.97 -6.20 -13.92
C THR A 72 0.75 -6.34 -15.43
N ASP A 73 -0.48 -6.11 -15.85
CA ASP A 73 -0.86 -6.26 -17.25
C ASP A 73 -0.69 -4.93 -17.99
N GLU A 74 -1.19 -3.87 -17.36
CA GLU A 74 -1.10 -2.53 -17.89
C GLU A 74 -1.01 -1.53 -16.74
N MET A 75 0.09 -0.79 -16.69
CA MET A 75 0.23 0.27 -15.69
C MET A 75 -0.60 1.47 -16.11
N PRO A 76 -1.17 2.22 -15.14
CA PRO A 76 -2.09 3.31 -15.43
C PRO A 76 -1.40 4.48 -16.16
N ARG A 77 -0.89 5.43 -15.40
CA ARG A 77 -0.09 6.53 -15.93
C ARG A 77 0.95 6.92 -14.91
N GLU A 78 2.12 7.31 -15.37
CA GLU A 78 3.16 7.83 -14.50
C GLU A 78 2.70 9.15 -13.93
N GLU A 79 1.92 9.87 -14.74
CA GLU A 79 1.27 11.10 -14.34
C GLU A 79 0.33 10.84 -13.17
N ASP A 80 -0.51 9.82 -13.31
CA ASP A 80 -1.44 9.43 -12.26
C ASP A 80 -0.69 8.96 -11.02
N ILE A 81 0.43 8.28 -11.24
CA ILE A 81 1.26 7.80 -10.14
C ILE A 81 1.86 8.96 -9.35
N GLU A 82 2.32 10.00 -10.05
CA GLU A 82 2.88 11.17 -9.37
C GLU A 82 1.76 11.90 -8.65
N ARG A 83 0.59 11.94 -9.28
CA ARG A 83 -0.60 12.57 -8.71
C ARG A 83 -0.95 11.95 -7.37
N VAL A 84 -1.03 10.62 -7.33
CA VAL A 84 -1.44 9.93 -6.12
C VAL A 84 -0.34 10.02 -5.04
N ARG A 85 0.90 9.69 -5.41
CA ARG A 85 2.01 9.70 -4.45
C ARG A 85 2.17 11.06 -3.79
N ARG A 86 2.05 12.13 -4.57
CA ARG A 86 2.15 13.49 -4.01
C ARG A 86 0.96 13.78 -3.10
N HIS A 87 -0.22 13.30 -3.52
CA HIS A 87 -1.46 13.46 -2.74
C HIS A 87 -1.32 12.76 -1.40
N LEU A 88 -0.70 11.57 -1.44
CA LEU A 88 -0.47 10.76 -0.25
C LEU A 88 0.66 11.34 0.61
N ALA A 89 1.67 11.90 -0.08
CA ALA A 89 2.83 12.48 0.59
C ALA A 89 2.42 13.62 1.51
N LEU A 90 1.26 14.22 1.22
CA LEU A 90 0.69 15.26 2.07
C LEU A 90 0.47 14.72 3.48
N GLN A 91 -0.12 13.53 3.57
CA GLN A 91 -0.33 12.86 4.86
C GLN A 91 1.00 12.34 5.40
N GLY A 92 1.83 11.83 4.50
CA GLY A 92 3.15 11.35 4.90
C GLY A 92 3.76 10.43 3.87
N TRP A 93 4.94 9.91 4.18
CA TRP A 93 5.67 9.02 3.28
C TRP A 93 6.28 7.87 4.09
N PRO A 94 5.48 6.81 4.35
CA PRO A 94 5.88 5.71 5.25
C PRO A 94 6.88 4.75 4.61
N LEU A 95 7.06 4.85 3.30
CA LEU A 95 8.01 4.00 2.58
C LEU A 95 9.45 4.42 2.88
N ASP A 96 9.61 5.50 3.62
CA ASP A 96 10.94 5.96 4.04
C ASP A 96 11.19 5.60 5.50
N ASP A 97 10.16 5.07 6.17
CA ASP A 97 10.26 4.67 7.58
C ASP A 97 9.87 3.20 7.74
N PRO A 98 10.84 2.28 7.61
CA PRO A 98 10.59 0.86 7.76
C PRO A 98 10.68 0.39 9.21
N ARG A 99 9.80 -0.54 9.57
CA ARG A 99 9.82 -1.15 10.89
C ARG A 99 9.78 -2.67 10.78
N ASP A 100 9.11 -3.16 9.73
CA ASP A 100 8.92 -4.60 9.54
C ASP A 100 9.26 -4.97 8.11
N GLY A 101 10.17 -4.19 7.53
CA GLY A 101 10.58 -4.40 6.15
C GLY A 101 11.79 -5.29 6.05
N GLU A 102 11.60 -6.56 6.34
CA GLU A 102 12.69 -7.53 6.37
C GLU A 102 13.25 -7.79 4.97
N GLU A 103 14.43 -7.22 4.70
CA GLU A 103 15.13 -7.50 3.45
C GLU A 103 15.76 -8.90 3.51
N PRO A 104 15.61 -9.71 2.45
CA PRO A 104 16.18 -11.06 2.40
C PRO A 104 17.70 -11.05 2.54
N ASP A 105 18.24 -12.07 3.22
CA ASP A 105 19.67 -12.22 3.40
C ASP A 105 20.40 -12.24 2.06
N GLY A 106 21.35 -11.35 1.89
CA GLY A 106 22.11 -11.27 0.65
C GLY A 106 23.45 -10.57 0.84
N GLU A 107 24.14 -10.31 -0.27
CA GLU A 107 25.42 -9.64 -0.25
C GLU A 107 25.50 -8.60 -1.36
N SER A 108 25.45 -7.33 -0.99
CA SER A 108 25.48 -6.24 -1.96
C SER A 108 26.90 -6.06 -2.52
N GLY A 109 27.19 -6.76 -3.60
CA GLY A 109 28.50 -6.69 -4.23
C GLY A 109 28.61 -5.50 -5.16
N GLY A 110 28.74 -4.30 -4.60
CA GLY A 110 28.89 -3.10 -5.40
C GLY A 110 28.97 -1.86 -4.55
N PRO A 111 29.47 -0.73 -5.11
CA PRO A 111 29.61 0.53 -4.38
C PRO A 111 28.27 1.26 -4.22
N ARG A 112 27.25 0.72 -4.85
CA ARG A 112 25.89 1.28 -4.79
C ARG A 112 24.89 0.15 -4.61
N GLY A 1 -12.12 1.50 20.29
CA GLY A 1 -12.02 0.78 19.00
C GLY A 1 -10.58 0.39 18.67
N PRO A 2 -10.13 -0.78 19.13
CA PRO A 2 -8.77 -1.27 18.87
C PRO A 2 -8.60 -1.73 17.42
N GLY A 3 -7.34 -1.83 17.00
CA GLY A 3 -7.04 -2.23 15.64
C GLY A 3 -5.56 -2.14 15.37
N SER A 4 -5.16 -2.15 14.10
CA SER A 4 -3.77 -2.03 13.71
C SER A 4 -2.99 -3.22 14.26
N MET A 5 -3.63 -4.38 14.20
CA MET A 5 -3.08 -5.64 14.70
C MET A 5 -1.75 -5.96 14.02
N VAL A 6 -1.63 -5.49 12.78
CA VAL A 6 -0.44 -5.75 11.95
C VAL A 6 0.83 -5.11 12.50
N ASN A 7 1.89 -5.21 11.71
CA ASN A 7 3.21 -4.68 12.02
C ASN A 7 3.17 -3.18 12.29
N ALA A 8 4.28 -2.66 12.80
CA ALA A 8 4.44 -1.21 12.98
C ALA A 8 4.37 -0.49 11.64
N PHE A 9 5.23 -0.91 10.69
CA PHE A 9 5.24 -0.34 9.34
C PHE A 9 3.87 -0.47 8.70
N LEU A 10 3.29 -1.64 8.84
CA LEU A 10 2.00 -1.97 8.23
C LEU A 10 0.88 -1.09 8.82
N ALA A 11 0.84 -0.99 10.14
CA ALA A 11 -0.11 -0.10 10.82
C ALA A 11 0.08 1.34 10.36
N LYS A 12 1.34 1.72 10.15
CA LYS A 12 1.68 3.04 9.64
C LYS A 12 1.06 3.26 8.25
N ILE A 13 1.23 2.26 7.38
CA ILE A 13 0.63 2.31 6.04
C ILE A 13 -0.88 2.46 6.12
N ALA A 14 -1.50 1.64 6.97
CA ALA A 14 -2.94 1.62 7.12
C ALA A 14 -3.47 3.00 7.55
N ALA A 15 -2.81 3.61 8.54
CA ALA A 15 -3.21 4.92 9.05
C ALA A 15 -2.97 6.00 7.99
N TRP A 16 -1.78 5.98 7.41
CA TRP A 16 -1.38 6.91 6.36
C TRP A 16 -2.38 6.90 5.21
N LEU A 17 -2.74 5.70 4.75
CA LEU A 17 -3.72 5.54 3.68
C LEU A 17 -5.11 5.98 4.12
N ASN A 18 -5.51 5.55 5.31
CA ASN A 18 -6.84 5.85 5.83
C ASN A 18 -7.01 7.35 6.07
N ALA A 19 -5.89 8.03 6.32
CA ALA A 19 -5.90 9.48 6.51
C ALA A 19 -6.07 10.19 5.18
N GLY A 20 -5.58 9.58 4.11
CA GLY A 20 -5.72 10.15 2.78
C GLY A 20 -7.03 9.76 2.13
N TYR A 21 -7.56 8.60 2.52
CA TYR A 21 -8.83 8.11 1.99
C TYR A 21 -9.70 7.55 3.12
N PRO A 22 -10.51 8.41 3.76
CA PRO A 22 -11.42 7.96 4.82
C PRO A 22 -12.65 7.23 4.25
N GLU A 23 -12.92 7.47 2.97
CA GLU A 23 -14.09 6.92 2.30
C GLU A 23 -13.71 5.82 1.31
N GLY A 24 -12.41 5.56 1.18
CA GLY A 24 -11.92 4.62 0.20
C GLY A 24 -11.27 5.32 -0.98
N VAL A 25 -10.55 4.57 -1.81
CA VAL A 25 -9.83 5.15 -2.93
C VAL A 25 -10.59 4.88 -4.24
N PRO A 26 -10.77 5.90 -5.10
CA PRO A 26 -11.38 5.70 -6.44
C PRO A 26 -10.43 4.92 -7.36
N GLY A 27 -11.00 4.25 -8.36
CA GLY A 27 -10.20 3.42 -9.27
C GLY A 27 -8.94 4.09 -9.83
N PRO A 28 -9.07 5.29 -10.44
CA PRO A 28 -7.94 5.95 -11.11
C PRO A 28 -6.87 6.41 -10.12
N ASP A 29 -7.17 6.25 -8.84
CA ASP A 29 -6.20 6.52 -7.77
C ASP A 29 -5.77 5.21 -7.13
N ARG A 30 -6.64 4.21 -7.17
CA ARG A 30 -6.34 2.88 -6.63
C ARG A 30 -5.21 2.23 -7.40
N VAL A 31 -5.34 2.17 -8.72
CA VAL A 31 -4.35 1.49 -9.55
C VAL A 31 -2.94 2.07 -9.31
N PRO A 32 -2.76 3.41 -9.41
CA PRO A 32 -1.48 4.06 -9.14
C PRO A 32 -1.09 3.98 -7.66
N LEU A 33 -2.08 3.95 -6.77
CA LEU A 33 -1.82 3.81 -5.33
C LEU A 33 -1.03 2.54 -5.09
N LEU A 34 -1.51 1.45 -5.65
CA LEU A 34 -0.84 0.17 -5.54
C LEU A 34 0.46 0.18 -6.31
N ALA A 35 0.45 0.77 -7.50
CA ALA A 35 1.64 0.84 -8.33
C ALA A 35 2.80 1.46 -7.55
N LEU A 36 2.52 2.56 -6.87
CA LEU A 36 3.51 3.24 -6.04
C LEU A 36 3.81 2.45 -4.77
N LEU A 37 2.75 2.00 -4.11
CA LEU A 37 2.84 1.40 -2.78
C LEU A 37 3.58 0.06 -2.80
N THR A 38 3.26 -0.79 -3.75
CA THR A 38 3.79 -2.17 -3.76
C THR A 38 5.27 -2.21 -4.11
N ARG A 39 5.83 -1.09 -4.53
CA ARG A 39 7.22 -1.03 -4.92
C ARG A 39 8.16 -1.46 -3.79
N ARG A 40 7.92 -0.97 -2.57
CA ARG A 40 8.76 -1.29 -1.43
C ARG A 40 8.08 -2.21 -0.42
N LEU A 41 6.80 -2.54 -0.63
CA LEU A 41 6.09 -3.47 0.25
C LEU A 41 6.00 -4.84 -0.40
N THR A 42 6.26 -5.87 0.39
CA THR A 42 6.14 -7.25 -0.06
C THR A 42 4.66 -7.61 -0.27
N ASN A 43 4.41 -8.69 -1.00
CA ASN A 43 3.04 -9.13 -1.27
C ASN A 43 2.34 -9.50 0.05
N ASP A 44 3.12 -10.02 0.99
CA ASP A 44 2.60 -10.34 2.32
C ASP A 44 2.20 -9.08 3.06
N GLU A 45 3.02 -8.04 2.96
CA GLU A 45 2.71 -6.76 3.59
C GLU A 45 1.42 -6.15 3.03
N ILE A 46 1.32 -6.06 1.71
CA ILE A 46 0.11 -5.51 1.08
C ILE A 46 -1.12 -6.34 1.51
N LYS A 47 -0.95 -7.67 1.58
CA LYS A 47 -2.02 -8.52 2.14
C LYS A 47 -2.38 -8.07 3.55
N ALA A 48 -1.36 -7.92 4.39
CA ALA A 48 -1.55 -7.56 5.80
C ALA A 48 -2.37 -6.29 5.92
N ILE A 49 -2.13 -5.35 5.01
CA ILE A 49 -2.92 -4.11 4.96
C ILE A 49 -4.40 -4.44 4.77
N ALA A 50 -4.69 -5.38 3.87
CA ALA A 50 -6.05 -5.77 3.57
C ALA A 50 -6.69 -6.41 4.80
N GLU A 51 -5.93 -7.32 5.41
CA GLU A 51 -6.39 -8.09 6.55
C GLU A 51 -6.85 -7.18 7.70
N ASP A 52 -6.12 -6.09 7.91
CA ASP A 52 -6.46 -5.15 8.97
C ASP A 52 -7.66 -4.28 8.56
N LEU A 53 -7.63 -3.77 7.33
CA LEU A 53 -8.65 -2.86 6.83
C LEU A 53 -10.01 -3.54 6.67
N GLU A 54 -10.01 -4.84 6.36
CA GLU A 54 -11.25 -5.58 6.18
C GLU A 54 -12.08 -5.56 7.47
N LYS A 55 -11.38 -5.49 8.60
CA LYS A 55 -12.04 -5.46 9.90
C LYS A 55 -12.62 -4.08 10.17
N ARG A 56 -11.96 -3.04 9.68
CA ARG A 56 -12.44 -1.67 9.84
C ARG A 56 -13.76 -1.49 9.08
N ALA A 57 -13.70 -1.82 7.79
CA ALA A 57 -14.84 -1.73 6.90
C ALA A 57 -14.48 -2.35 5.54
N HIS A 58 -14.76 -3.64 5.41
CA HIS A 58 -14.40 -4.37 4.20
C HIS A 58 -15.32 -4.01 3.03
N PHE A 59 -14.79 -3.22 2.11
CA PHE A 59 -15.46 -2.90 0.85
C PHE A 59 -14.78 -3.65 -0.29
N ASP A 60 -15.45 -4.67 -0.80
CA ASP A 60 -14.89 -5.57 -1.82
C ASP A 60 -14.56 -4.82 -3.11
N HIS A 61 -15.30 -3.76 -3.39
CA HIS A 61 -15.17 -3.05 -4.67
C HIS A 61 -13.91 -2.16 -4.71
N ILE A 62 -13.23 -2.04 -3.57
CA ILE A 62 -11.97 -1.29 -3.51
C ILE A 62 -10.81 -2.22 -3.17
N ASP A 63 -11.05 -3.53 -3.30
CA ASP A 63 -10.07 -4.56 -2.91
C ASP A 63 -8.65 -4.22 -3.39
N ILE A 64 -7.74 -4.12 -2.43
CA ILE A 64 -6.36 -3.72 -2.65
C ILE A 64 -5.59 -4.72 -3.52
N GLY A 65 -5.95 -6.00 -3.41
CA GLY A 65 -5.25 -7.04 -4.15
C GLY A 65 -5.54 -6.99 -5.64
N VAL A 66 -6.77 -6.65 -5.99
CA VAL A 66 -7.19 -6.58 -7.39
C VAL A 66 -6.30 -5.62 -8.19
N LEU A 67 -6.03 -4.45 -7.62
CA LEU A 67 -5.25 -3.42 -8.31
C LEU A 67 -3.92 -3.96 -8.81
N ILE A 68 -3.26 -4.76 -7.98
CA ILE A 68 -1.96 -5.34 -8.32
C ILE A 68 -2.06 -6.17 -9.59
N THR A 69 -3.18 -6.87 -9.74
CA THR A 69 -3.39 -7.75 -10.89
C THR A 69 -3.67 -6.92 -12.15
N GLN A 70 -4.19 -5.72 -11.95
CA GLN A 70 -4.46 -4.80 -13.06
C GLN A 70 -3.14 -4.19 -13.51
N MET A 71 -2.35 -3.76 -12.52
CA MET A 71 -1.05 -3.11 -12.75
C MET A 71 -0.13 -3.99 -13.61
N THR A 72 0.02 -5.24 -13.19
CA THR A 72 0.92 -6.18 -13.85
C THR A 72 0.58 -6.32 -15.33
N ASP A 73 -0.70 -6.17 -15.64
CA ASP A 73 -1.20 -6.37 -16.99
C ASP A 73 -1.12 -5.07 -17.77
N GLU A 74 -1.53 -3.99 -17.14
CA GLU A 74 -1.51 -2.66 -17.73
C GLU A 74 -1.28 -1.62 -16.64
N MET A 75 -0.16 -0.92 -16.72
CA MET A 75 0.10 0.18 -15.79
C MET A 75 -0.77 1.37 -16.17
N PRO A 76 -1.32 2.07 -15.17
CA PRO A 76 -2.35 3.11 -15.36
C PRO A 76 -1.81 4.34 -16.09
N ARG A 77 -1.28 5.29 -15.33
CA ARG A 77 -0.74 6.55 -15.85
C ARG A 77 0.36 7.04 -14.93
N GLU A 78 1.47 7.51 -15.49
CA GLU A 78 2.51 8.16 -14.70
C GLU A 78 1.92 9.39 -14.01
N GLU A 79 0.99 10.03 -14.72
CA GLU A 79 0.25 11.17 -14.19
C GLU A 79 -0.53 10.77 -12.94
N ASP A 80 -1.25 9.67 -13.03
CA ASP A 80 -2.05 9.19 -11.91
C ASP A 80 -1.16 8.76 -10.75
N ILE A 81 -0.03 8.15 -11.08
CA ILE A 81 0.94 7.72 -10.07
C ILE A 81 1.50 8.94 -9.32
N GLU A 82 1.87 9.98 -10.08
CA GLU A 82 2.42 11.18 -9.45
C GLU A 82 1.34 11.83 -8.58
N ARG A 83 0.11 11.85 -9.07
CA ARG A 83 -1.01 12.42 -8.32
C ARG A 83 -1.12 11.75 -6.96
N VAL A 84 -1.28 10.44 -6.98
CA VAL A 84 -1.51 9.69 -5.75
C VAL A 84 -0.34 9.82 -4.78
N ARG A 85 0.88 9.60 -5.27
CA ARG A 85 2.06 9.65 -4.38
C ARG A 85 2.21 11.03 -3.75
N ARG A 86 2.06 12.08 -4.55
CA ARG A 86 2.25 13.45 -4.07
C ARG A 86 1.11 13.86 -3.15
N HIS A 87 -0.09 13.34 -3.41
CA HIS A 87 -1.26 13.63 -2.58
C HIS A 87 -1.17 12.88 -1.25
N LEU A 88 -0.61 11.67 -1.31
CA LEU A 88 -0.43 10.82 -0.14
C LEU A 88 0.72 11.33 0.74
N ALA A 89 1.70 11.95 0.08
CA ALA A 89 2.86 12.53 0.78
C ALA A 89 2.40 13.60 1.78
N LEU A 90 1.22 14.17 1.51
CA LEU A 90 0.62 15.17 2.40
C LEU A 90 0.34 14.56 3.77
N GLN A 91 -0.05 13.29 3.78
CA GLN A 91 -0.29 12.55 5.02
C GLN A 91 1.02 12.01 5.56
N GLY A 92 1.91 11.62 4.64
CA GLY A 92 3.22 11.12 5.03
C GLY A 92 3.82 10.22 3.97
N TRP A 93 4.97 9.64 4.29
CA TRP A 93 5.67 8.75 3.36
C TRP A 93 6.32 7.59 4.12
N PRO A 94 5.52 6.58 4.51
CA PRO A 94 6.01 5.43 5.29
C PRO A 94 7.11 4.65 4.57
N LEU A 95 7.07 4.67 3.25
CA LEU A 95 8.06 3.96 2.42
C LEU A 95 9.46 4.54 2.61
N ASP A 96 9.54 5.63 3.36
CA ASP A 96 10.83 6.22 3.75
C ASP A 96 11.60 5.28 4.66
N ASP A 97 10.90 4.60 5.55
CA ASP A 97 11.53 3.66 6.49
C ASP A 97 10.77 2.33 6.52
N PRO A 98 11.34 1.31 5.87
CA PRO A 98 10.73 -0.01 5.74
C PRO A 98 11.09 -0.95 6.89
N ARG A 99 10.13 -1.75 7.34
CA ARG A 99 10.39 -2.78 8.33
C ARG A 99 11.07 -3.98 7.66
N ASP A 100 10.58 -4.33 6.48
CA ASP A 100 11.22 -5.37 5.66
C ASP A 100 12.34 -4.72 4.82
N GLY A 101 13.05 -5.51 4.04
CA GLY A 101 14.10 -4.97 3.20
C GLY A 101 15.20 -5.97 2.93
N GLU A 102 15.01 -6.78 1.89
CA GLU A 102 16.01 -7.76 1.48
C GLU A 102 17.32 -7.06 1.10
N GLU A 103 18.42 -7.53 1.66
CA GLU A 103 19.73 -6.95 1.39
C GLU A 103 20.30 -7.51 0.08
N PRO A 104 20.92 -6.66 -0.76
CA PRO A 104 21.51 -7.07 -2.03
C PRO A 104 22.83 -7.81 -1.82
N ASP A 105 23.64 -7.89 -2.87
CA ASP A 105 24.96 -8.51 -2.78
C ASP A 105 25.92 -7.62 -1.98
N GLY A 106 26.82 -8.25 -1.24
CA GLY A 106 27.78 -7.53 -0.43
C GLY A 106 29.13 -8.20 -0.45
N GLU A 107 29.88 -7.99 -1.54
CA GLU A 107 31.23 -8.54 -1.70
C GLU A 107 31.21 -10.06 -1.80
N SER A 108 30.04 -10.62 -2.08
CA SER A 108 29.86 -12.07 -2.17
C SER A 108 29.98 -12.53 -3.63
N GLY A 109 29.34 -11.78 -4.53
CA GLY A 109 29.37 -12.11 -5.94
C GLY A 109 30.74 -11.91 -6.55
N GLY A 110 31.60 -12.91 -6.41
CA GLY A 110 32.91 -12.88 -7.03
C GLY A 110 32.95 -13.71 -8.29
N PRO A 111 32.95 -13.08 -9.49
CA PRO A 111 32.99 -13.80 -10.76
C PRO A 111 34.22 -14.70 -10.86
N ARG A 112 33.99 -16.01 -10.87
CA ARG A 112 35.07 -16.99 -10.92
C ARG A 112 34.78 -18.02 -12.01
N GLY A 1 -7.72 3.13 15.80
CA GLY A 1 -6.69 2.37 15.03
C GLY A 1 -6.98 2.38 13.53
N PRO A 2 -6.09 1.79 12.71
CA PRO A 2 -6.32 1.69 11.27
C PRO A 2 -7.49 0.74 10.95
N GLY A 3 -7.23 -0.56 11.04
CA GLY A 3 -8.29 -1.55 10.96
C GLY A 3 -8.47 -2.27 12.27
N SER A 4 -7.36 -2.82 12.78
CA SER A 4 -7.31 -3.41 14.11
C SER A 4 -5.92 -3.26 14.70
N MET A 5 -5.02 -4.22 14.40
CA MET A 5 -3.68 -4.20 14.89
C MET A 5 -2.75 -4.97 13.96
N VAL A 6 -1.64 -4.36 13.55
CA VAL A 6 -0.65 -4.98 12.68
C VAL A 6 0.75 -4.43 12.98
N ASN A 7 1.70 -4.81 12.14
CA ASN A 7 3.08 -4.38 12.23
C ASN A 7 3.20 -2.85 12.37
N ALA A 8 4.35 -2.38 12.82
CA ALA A 8 4.60 -0.94 12.92
C ALA A 8 4.49 -0.29 11.54
N PHE A 9 5.20 -0.87 10.56
CA PHE A 9 5.18 -0.37 9.19
C PHE A 9 3.77 -0.45 8.63
N LEU A 10 3.12 -1.59 8.86
CA LEU A 10 1.80 -1.87 8.32
C LEU A 10 0.74 -0.93 8.89
N ALA A 11 0.70 -0.80 10.21
CA ALA A 11 -0.25 0.09 10.88
C ALA A 11 -0.05 1.53 10.41
N LYS A 12 1.22 1.91 10.20
CA LYS A 12 1.56 3.23 9.72
C LYS A 12 0.99 3.43 8.32
N ILE A 13 1.21 2.46 7.44
CA ILE A 13 0.71 2.52 6.07
C ILE A 13 -0.81 2.61 6.05
N ALA A 14 -1.46 1.76 6.83
CA ALA A 14 -2.91 1.70 6.89
C ALA A 14 -3.48 3.03 7.36
N ALA A 15 -2.91 3.61 8.42
CA ALA A 15 -3.38 4.87 8.97
C ALA A 15 -3.04 6.04 8.04
N TRP A 16 -1.84 6.00 7.46
CA TRP A 16 -1.38 7.00 6.51
C TRP A 16 -2.29 7.04 5.29
N LEU A 17 -2.66 5.87 4.79
CA LEU A 17 -3.60 5.75 3.67
C LEU A 17 -5.00 6.14 4.10
N ASN A 18 -5.37 5.73 5.31
CA ASN A 18 -6.68 6.07 5.88
C ASN A 18 -6.84 7.58 5.92
N ALA A 19 -5.77 8.29 6.28
CA ALA A 19 -5.79 9.75 6.34
C ALA A 19 -5.90 10.35 4.95
N GLY A 20 -5.34 9.64 3.96
CA GLY A 20 -5.39 10.10 2.59
C GLY A 20 -6.71 9.82 1.92
N TYR A 21 -7.40 8.77 2.40
CA TYR A 21 -8.70 8.37 1.85
C TYR A 21 -9.62 7.84 2.96
N PRO A 22 -10.16 8.73 3.82
CA PRO A 22 -11.05 8.32 4.92
C PRO A 22 -12.41 7.80 4.41
N GLU A 23 -12.65 7.96 3.11
CA GLU A 23 -13.91 7.55 2.48
C GLU A 23 -13.71 6.34 1.57
N GLY A 24 -12.45 5.92 1.39
CA GLY A 24 -12.15 4.86 0.46
C GLY A 24 -11.55 5.39 -0.82
N VAL A 25 -10.53 4.71 -1.34
CA VAL A 25 -9.84 5.16 -2.54
C VAL A 25 -10.63 4.75 -3.79
N PRO A 26 -10.87 5.68 -4.72
CA PRO A 26 -11.52 5.35 -6.00
C PRO A 26 -10.58 4.56 -6.92
N GLY A 27 -11.15 3.81 -7.86
CA GLY A 27 -10.36 2.98 -8.75
C GLY A 27 -9.19 3.72 -9.41
N PRO A 28 -9.47 4.85 -10.12
CA PRO A 28 -8.44 5.65 -10.80
C PRO A 28 -7.31 6.11 -9.88
N ASP A 29 -7.54 6.03 -8.57
CA ASP A 29 -6.52 6.40 -7.58
C ASP A 29 -5.90 5.15 -6.97
N ARG A 30 -6.70 4.08 -6.89
CA ARG A 30 -6.25 2.82 -6.33
C ARG A 30 -5.17 2.18 -7.20
N VAL A 31 -5.39 2.14 -8.51
CA VAL A 31 -4.44 1.50 -9.42
C VAL A 31 -3.03 2.13 -9.30
N PRO A 32 -2.91 3.47 -9.42
CA PRO A 32 -1.63 4.16 -9.25
C PRO A 32 -1.12 4.09 -7.79
N LEU A 33 -2.05 4.10 -6.84
CA LEU A 33 -1.69 3.97 -5.42
C LEU A 33 -0.87 2.69 -5.22
N LEU A 34 -1.37 1.59 -5.77
CA LEU A 34 -0.68 0.31 -5.67
C LEU A 34 0.59 0.32 -6.49
N ALA A 35 0.52 0.85 -7.70
CA ALA A 35 1.69 0.92 -8.59
C ALA A 35 2.88 1.55 -7.86
N LEU A 36 2.61 2.62 -7.12
CA LEU A 36 3.63 3.31 -6.33
C LEU A 36 4.05 2.44 -5.13
N LEU A 37 3.07 2.05 -4.33
CA LEU A 37 3.30 1.31 -3.07
C LEU A 37 4.09 0.00 -3.30
N THR A 38 3.72 -0.75 -4.32
CA THR A 38 4.26 -2.10 -4.52
C THR A 38 5.73 -2.11 -4.87
N ARG A 39 6.28 -0.94 -5.15
CA ARG A 39 7.69 -0.83 -5.46
C ARG A 39 8.54 -1.08 -4.22
N ARG A 40 7.94 -0.85 -3.05
CA ARG A 40 8.61 -1.10 -1.77
C ARG A 40 7.88 -2.17 -0.95
N LEU A 41 6.56 -2.08 -0.87
CA LEU A 41 5.78 -3.01 -0.05
C LEU A 41 5.77 -4.41 -0.66
N THR A 42 6.01 -5.40 0.18
CA THR A 42 6.00 -6.81 -0.23
C THR A 42 4.56 -7.31 -0.34
N ASN A 43 4.39 -8.51 -0.91
CA ASN A 43 3.08 -9.16 -0.98
C ASN A 43 2.51 -9.33 0.43
N ASP A 44 3.39 -9.69 1.37
CA ASP A 44 3.00 -9.85 2.77
C ASP A 44 2.40 -8.56 3.32
N GLU A 45 3.10 -7.45 3.07
CA GLU A 45 2.70 -6.16 3.60
C GLU A 45 1.40 -5.66 2.95
N ILE A 46 1.37 -5.67 1.60
CA ILE A 46 0.17 -5.22 0.89
C ILE A 46 -1.04 -6.05 1.35
N LYS A 47 -0.83 -7.35 1.53
CA LYS A 47 -1.91 -8.22 2.00
C LYS A 47 -2.33 -7.85 3.42
N ALA A 48 -1.37 -7.68 4.31
CA ALA A 48 -1.65 -7.37 5.71
C ALA A 48 -2.47 -6.09 5.82
N ILE A 49 -2.20 -5.13 4.93
CA ILE A 49 -2.99 -3.90 4.85
C ILE A 49 -4.47 -4.24 4.63
N ALA A 50 -4.71 -5.17 3.71
CA ALA A 50 -6.06 -5.60 3.40
C ALA A 50 -6.69 -6.27 4.62
N GLU A 51 -6.02 -7.29 5.14
CA GLU A 51 -6.56 -8.09 6.23
C GLU A 51 -6.92 -7.22 7.44
N ASP A 52 -6.14 -6.16 7.62
CA ASP A 52 -6.37 -5.23 8.73
C ASP A 52 -7.58 -4.32 8.45
N LEU A 53 -7.58 -3.70 7.26
CA LEU A 53 -8.63 -2.75 6.91
C LEU A 53 -9.99 -3.43 6.69
N GLU A 54 -9.98 -4.70 6.32
CA GLU A 54 -11.23 -5.45 6.11
C GLU A 54 -12.03 -5.54 7.41
N LYS A 55 -11.33 -5.44 8.54
CA LYS A 55 -11.96 -5.47 9.85
C LYS A 55 -12.95 -4.30 10.01
N ARG A 56 -12.68 -3.23 9.26
CA ARG A 56 -13.53 -2.04 9.30
C ARG A 56 -14.85 -2.30 8.58
N ALA A 57 -14.77 -2.74 7.33
CA ALA A 57 -15.94 -2.96 6.51
C ALA A 57 -15.57 -3.71 5.23
N HIS A 58 -15.92 -4.99 5.19
CA HIS A 58 -15.62 -5.84 4.04
C HIS A 58 -16.62 -5.58 2.91
N PHE A 59 -16.42 -4.49 2.17
CA PHE A 59 -17.26 -4.20 1.00
C PHE A 59 -16.61 -4.71 -0.28
N ASP A 60 -15.32 -5.08 -0.19
CA ASP A 60 -14.61 -5.77 -1.28
C ASP A 60 -14.26 -4.86 -2.46
N HIS A 61 -15.16 -3.95 -2.83
CA HIS A 61 -14.99 -3.16 -4.06
C HIS A 61 -13.72 -2.29 -4.03
N ILE A 62 -13.16 -2.09 -2.84
CA ILE A 62 -11.94 -1.29 -2.66
C ILE A 62 -10.72 -2.22 -2.50
N ASP A 63 -10.89 -3.50 -2.84
CA ASP A 63 -9.85 -4.53 -2.62
C ASP A 63 -8.51 -4.09 -3.20
N ILE A 64 -7.51 -4.04 -2.32
CA ILE A 64 -6.18 -3.55 -2.64
C ILE A 64 -5.40 -4.53 -3.51
N GLY A 65 -5.69 -5.82 -3.38
CA GLY A 65 -4.96 -6.83 -4.12
C GLY A 65 -5.33 -6.84 -5.59
N VAL A 66 -6.60 -6.54 -5.88
CA VAL A 66 -7.09 -6.51 -7.26
C VAL A 66 -6.26 -5.55 -8.11
N LEU A 67 -5.90 -4.41 -7.53
CA LEU A 67 -5.14 -3.39 -8.24
C LEU A 67 -3.83 -3.97 -8.81
N ILE A 68 -3.18 -4.82 -8.03
CA ILE A 68 -1.92 -5.43 -8.46
C ILE A 68 -2.14 -6.32 -9.68
N THR A 69 -3.31 -6.96 -9.73
CA THR A 69 -3.65 -7.85 -10.82
C THR A 69 -3.90 -7.05 -12.10
N GLN A 70 -4.34 -5.81 -11.91
CA GLN A 70 -4.56 -4.90 -13.03
C GLN A 70 -3.22 -4.35 -13.52
N MET A 71 -2.42 -3.89 -12.58
CA MET A 71 -1.12 -3.26 -12.89
C MET A 71 -0.22 -4.18 -13.71
N THR A 72 -0.21 -5.47 -13.38
CA THR A 72 0.65 -6.44 -14.08
C THR A 72 0.31 -6.48 -15.56
N ASP A 73 -0.95 -6.23 -15.87
CA ASP A 73 -1.46 -6.31 -17.23
C ASP A 73 -1.35 -4.95 -17.92
N GLU A 74 -1.84 -3.92 -17.24
CA GLU A 74 -1.87 -2.58 -17.76
C GLU A 74 -1.52 -1.59 -16.65
N MET A 75 -0.48 -0.80 -16.85
CA MET A 75 -0.12 0.25 -15.90
C MET A 75 -0.98 1.49 -16.16
N PRO A 76 -1.48 2.14 -15.09
CA PRO A 76 -2.41 3.27 -15.20
C PRO A 76 -1.77 4.48 -15.90
N ARG A 77 -1.12 5.34 -15.12
CA ARG A 77 -0.34 6.46 -15.64
C ARG A 77 0.77 6.78 -14.66
N GLU A 78 1.92 7.18 -15.16
CA GLU A 78 2.99 7.65 -14.30
C GLU A 78 2.56 8.96 -13.66
N GLU A 79 1.76 9.72 -14.42
CA GLU A 79 1.16 10.95 -13.96
C GLU A 79 0.25 10.69 -12.76
N ASP A 80 -0.58 9.66 -12.88
CA ASP A 80 -1.48 9.27 -11.78
C ASP A 80 -0.69 8.73 -10.60
N ILE A 81 0.40 8.02 -10.89
CA ILE A 81 1.25 7.48 -9.84
C ILE A 81 1.88 8.61 -9.03
N GLU A 82 2.39 9.63 -9.71
CA GLU A 82 2.96 10.78 -9.01
C GLU A 82 1.84 11.62 -8.39
N ARG A 83 0.69 11.65 -9.06
CA ARG A 83 -0.49 12.36 -8.55
C ARG A 83 -0.89 11.82 -7.20
N VAL A 84 -0.99 10.50 -7.10
CA VAL A 84 -1.41 9.86 -5.87
C VAL A 84 -0.29 9.96 -4.82
N ARG A 85 0.93 9.61 -5.20
CA ARG A 85 2.07 9.61 -4.28
C ARG A 85 2.24 10.98 -3.61
N ARG A 86 2.11 12.06 -4.38
CA ARG A 86 2.25 13.42 -3.83
C ARG A 86 1.07 13.74 -2.92
N HIS A 87 -0.10 13.24 -3.30
CA HIS A 87 -1.32 13.42 -2.50
C HIS A 87 -1.11 12.74 -1.14
N LEU A 88 -0.50 11.57 -1.18
CA LEU A 88 -0.25 10.76 0.01
C LEU A 88 0.92 11.35 0.83
N ALA A 89 1.90 11.92 0.13
CA ALA A 89 3.08 12.51 0.77
C ALA A 89 2.68 13.63 1.72
N LEU A 90 1.50 14.20 1.48
CA LEU A 90 0.95 15.25 2.32
C LEU A 90 0.64 14.71 3.73
N GLN A 91 0.19 13.47 3.79
CA GLN A 91 -0.07 12.81 5.07
C GLN A 91 1.23 12.23 5.61
N GLY A 92 2.11 11.81 4.71
CA GLY A 92 3.40 11.28 5.09
C GLY A 92 3.99 10.36 4.04
N TRP A 93 5.12 9.73 4.37
CA TRP A 93 5.80 8.84 3.43
C TRP A 93 6.56 7.74 4.19
N PRO A 94 5.84 6.72 4.68
CA PRO A 94 6.44 5.62 5.46
C PRO A 94 7.37 4.73 4.61
N LEU A 95 7.18 4.76 3.29
CA LEU A 95 7.96 3.90 2.38
C LEU A 95 9.45 4.24 2.42
N ASP A 96 9.80 5.37 3.04
CA ASP A 96 11.20 5.79 3.13
C ASP A 96 11.94 4.94 4.17
N ASP A 97 11.20 4.40 5.14
CA ASP A 97 11.78 3.55 6.18
C ASP A 97 10.95 2.27 6.34
N PRO A 98 11.48 1.13 5.86
CA PRO A 98 10.78 -0.14 5.87
C PRO A 98 10.95 -0.92 7.19
N ARG A 99 9.93 -1.72 7.54
CA ARG A 99 9.99 -2.62 8.69
C ARG A 99 11.08 -3.64 8.49
N ASP A 100 11.09 -4.20 7.29
CA ASP A 100 12.05 -5.22 6.91
C ASP A 100 13.22 -4.57 6.18
N GLY A 101 14.42 -5.08 6.41
CA GLY A 101 15.61 -4.44 5.87
C GLY A 101 16.48 -5.39 5.07
N GLU A 102 15.90 -6.44 4.52
CA GLU A 102 16.66 -7.37 3.70
C GLU A 102 16.82 -6.81 2.29
N GLU A 103 18.03 -6.95 1.75
CA GLU A 103 18.37 -6.37 0.45
C GLU A 103 17.77 -7.19 -0.69
N PRO A 104 17.20 -6.52 -1.71
CA PRO A 104 16.44 -7.18 -2.79
C PRO A 104 17.25 -8.22 -3.57
N ASP A 105 18.56 -8.06 -3.58
CA ASP A 105 19.44 -8.98 -4.30
C ASP A 105 19.70 -10.23 -3.46
N GLY A 106 18.91 -11.28 -3.71
CA GLY A 106 19.02 -12.50 -2.94
C GLY A 106 18.37 -13.69 -3.63
N GLU A 107 18.80 -13.95 -4.87
CA GLU A 107 18.40 -15.15 -5.62
C GLU A 107 16.98 -15.06 -6.18
N SER A 108 15.99 -14.98 -5.28
CA SER A 108 14.57 -15.04 -5.67
C SER A 108 14.24 -14.07 -6.82
N GLY A 109 14.58 -12.80 -6.62
CA GLY A 109 14.30 -11.78 -7.61
C GLY A 109 12.84 -11.34 -7.58
N GLY A 110 11.96 -12.26 -7.97
CA GLY A 110 10.53 -12.00 -7.97
C GLY A 110 9.75 -13.16 -8.55
N PRO A 111 8.42 -13.19 -8.37
CA PRO A 111 7.58 -14.26 -8.91
C PRO A 111 7.56 -14.23 -10.45
N ARG A 112 7.04 -13.14 -11.01
CA ARG A 112 6.97 -12.95 -12.45
C ARG A 112 6.41 -11.57 -12.75
#